data_1JD4
# 
_entry.id   1JD4 
# 
_audit_conform.dict_name       mmcif_pdbx.dic 
_audit_conform.dict_version    5.376 
_audit_conform.dict_location   http://mmcif.pdb.org/dictionaries/ascii/mmcif_pdbx.dic 
# 
loop_
_database_2.database_id 
_database_2.database_code 
_database_2.pdbx_database_accession 
_database_2.pdbx_DOI 
PDB   1JD4         pdb_00001jd4 10.2210/pdb1jd4/pdb 
RCSB  RCSB013642   ?            ?                   
WWPDB D_1000013642 ?            ?                   
# 
loop_
_pdbx_database_related.db_name 
_pdbx_database_related.db_id 
_pdbx_database_related.details 
_pdbx_database_related.content_type 
PDB 1JD5 'Crystal Structure of DIAP1-BIR2/GRIM'        unspecified 
PDB 1JD6 'Crystal structure of DIAP1-BIR2/Hid complex' unspecified 
# 
_pdbx_database_status.status_code                     REL 
_pdbx_database_status.entry_id                        1JD4 
_pdbx_database_status.recvd_initial_deposition_date   2001-06-12 
_pdbx_database_status.deposit_site                    RCSB 
_pdbx_database_status.process_site                    RCSB 
_pdbx_database_status.SG_entry                        . 
_pdbx_database_status.pdb_format_compatible           Y 
_pdbx_database_status.status_code_mr                  ? 
_pdbx_database_status.status_code_sf                  ? 
_pdbx_database_status.status_code_cs                  ? 
_pdbx_database_status.status_code_nmr_data            ? 
_pdbx_database_status.methods_development_category    ? 
# 
loop_
_audit_author.name 
_audit_author.pdbx_ordinal 
'Wu, J.W.'     1 
'Cocina, A.E.' 2 
'Chai, J.'     3 
'Hay, B.A.'    4 
'Shi, Y.'      5 
# 
_citation.id                        primary 
_citation.title                     'Structural analysis of a functional DIAP1 fragment bound to grim and hid peptides.' 
_citation.journal_abbrev            Mol.Cell 
_citation.journal_volume            8 
_citation.page_first                95 
_citation.page_last                 104 
_citation.year                      2001 
_citation.journal_id_ASTM           MOCEFL 
_citation.country                   US 
_citation.journal_id_ISSN           1097-2765 
_citation.journal_id_CSD            2168 
_citation.book_publisher            ? 
_citation.pdbx_database_id_PubMed   11511363 
_citation.pdbx_database_id_DOI      '10.1016/S1097-2765(01)00282-9' 
# 
loop_
_citation_author.citation_id 
_citation_author.name 
_citation_author.ordinal 
_citation_author.identifier_ORCID 
primary 'Wu, J.W.'     1 ? 
primary 'Cocina, A.E.' 2 ? 
primary 'Chai, J.'     3 ? 
primary 'Hay, B.A.'    4 ? 
primary 'Shi, Y.'      5 ? 
# 
_cell.entry_id           1JD4 
_cell.length_a           96.1 
_cell.length_b           96.1 
_cell.length_c           59.3 
_cell.angle_alpha        90 
_cell.angle_beta         90 
_cell.angle_gamma        90 
_cell.Z_PDB              16 
_cell.pdbx_unique_axis   ? 
# 
_symmetry.entry_id                         1JD4 
_symmetry.space_group_name_H-M             'I 4' 
_symmetry.pdbx_full_space_group_name_H-M   ? 
_symmetry.cell_setting                     ? 
_symmetry.Int_Tables_number                79 
# 
loop_
_entity.id 
_entity.type 
_entity.src_method 
_entity.pdbx_description 
_entity.formula_weight 
_entity.pdbx_number_of_molecules 
_entity.pdbx_ec 
_entity.pdbx_mutation 
_entity.pdbx_fragment 
_entity.details 
1 polymer     man 'APOPTOSIS 1 INHIBITOR' 14078.695 2 ? ? ? ? 
2 non-polymer syn 'ZINC ION'              65.409    2 ? ? ? ? 
# 
_entity_name_com.entity_id   1 
_entity_name_com.name        DIAP1 
# 
_entity_poly.entity_id                      1 
_entity_poly.type                           'polypeptide(L)' 
_entity_poly.nstd_linkage                   no 
_entity_poly.nstd_monomer                   no 
_entity_poly.pdbx_seq_one_letter_code       
;DVQPETCRPSAASGNYFPQYPEYAIETARLRTFEAWPRNLKQKPHQLAEAGFFYTGVGDRVRCFSCGGGLMDWNDNDEPW
EQHALWLSQCRFVKLMKGQLYIDTVAAKPVLAEEKEESTSIGGD
;
_entity_poly.pdbx_seq_one_letter_code_can   
;DVQPETCRPSAASGNYFPQYPEYAIETARLRTFEAWPRNLKQKPHQLAEAGFFYTGVGDRVRCFSCGGGLMDWNDNDEPW
EQHALWLSQCRFVKLMKGQLYIDTVAAKPVLAEEKEESTSIGGD
;
_entity_poly.pdbx_strand_id                 A,B 
_entity_poly.pdbx_target_identifier         ? 
# 
loop_
_entity_poly_seq.entity_id 
_entity_poly_seq.num 
_entity_poly_seq.mon_id 
_entity_poly_seq.hetero 
1 1   ASP n 
1 2   VAL n 
1 3   GLN n 
1 4   PRO n 
1 5   GLU n 
1 6   THR n 
1 7   CYS n 
1 8   ARG n 
1 9   PRO n 
1 10  SER n 
1 11  ALA n 
1 12  ALA n 
1 13  SER n 
1 14  GLY n 
1 15  ASN n 
1 16  TYR n 
1 17  PHE n 
1 18  PRO n 
1 19  GLN n 
1 20  TYR n 
1 21  PRO n 
1 22  GLU n 
1 23  TYR n 
1 24  ALA n 
1 25  ILE n 
1 26  GLU n 
1 27  THR n 
1 28  ALA n 
1 29  ARG n 
1 30  LEU n 
1 31  ARG n 
1 32  THR n 
1 33  PHE n 
1 34  GLU n 
1 35  ALA n 
1 36  TRP n 
1 37  PRO n 
1 38  ARG n 
1 39  ASN n 
1 40  LEU n 
1 41  LYS n 
1 42  GLN n 
1 43  LYS n 
1 44  PRO n 
1 45  HIS n 
1 46  GLN n 
1 47  LEU n 
1 48  ALA n 
1 49  GLU n 
1 50  ALA n 
1 51  GLY n 
1 52  PHE n 
1 53  PHE n 
1 54  TYR n 
1 55  THR n 
1 56  GLY n 
1 57  VAL n 
1 58  GLY n 
1 59  ASP n 
1 60  ARG n 
1 61  VAL n 
1 62  ARG n 
1 63  CYS n 
1 64  PHE n 
1 65  SER n 
1 66  CYS n 
1 67  GLY n 
1 68  GLY n 
1 69  GLY n 
1 70  LEU n 
1 71  MET n 
1 72  ASP n 
1 73  TRP n 
1 74  ASN n 
1 75  ASP n 
1 76  ASN n 
1 77  ASP n 
1 78  GLU n 
1 79  PRO n 
1 80  TRP n 
1 81  GLU n 
1 82  GLN n 
1 83  HIS n 
1 84  ALA n 
1 85  LEU n 
1 86  TRP n 
1 87  LEU n 
1 88  SER n 
1 89  GLN n 
1 90  CYS n 
1 91  ARG n 
1 92  PHE n 
1 93  VAL n 
1 94  LYS n 
1 95  LEU n 
1 96  MET n 
1 97  LYS n 
1 98  GLY n 
1 99  GLN n 
1 100 LEU n 
1 101 TYR n 
1 102 ILE n 
1 103 ASP n 
1 104 THR n 
1 105 VAL n 
1 106 ALA n 
1 107 ALA n 
1 108 LYS n 
1 109 PRO n 
1 110 VAL n 
1 111 LEU n 
1 112 ALA n 
1 113 GLU n 
1 114 GLU n 
1 115 LYS n 
1 116 GLU n 
1 117 GLU n 
1 118 SER n 
1 119 THR n 
1 120 SER n 
1 121 ILE n 
1 122 GLY n 
1 123 GLY n 
1 124 ASP n 
# 
_entity_src_gen.entity_id                          1 
_entity_src_gen.pdbx_src_id                        1 
_entity_src_gen.pdbx_alt_source_flag               sample 
_entity_src_gen.pdbx_seq_type                      ? 
_entity_src_gen.pdbx_beg_seq_num                   ? 
_entity_src_gen.pdbx_end_seq_num                   ? 
_entity_src_gen.gene_src_common_name               'fruit fly' 
_entity_src_gen.gene_src_genus                     Drosophila 
_entity_src_gen.pdbx_gene_src_gene                 DIAP1 
_entity_src_gen.gene_src_species                   ? 
_entity_src_gen.gene_src_strain                    ? 
_entity_src_gen.gene_src_tissue                    ? 
_entity_src_gen.gene_src_tissue_fraction           ? 
_entity_src_gen.gene_src_details                   ? 
_entity_src_gen.pdbx_gene_src_fragment             ? 
_entity_src_gen.pdbx_gene_src_scientific_name      'Drosophila melanogaster' 
_entity_src_gen.pdbx_gene_src_ncbi_taxonomy_id     7227 
_entity_src_gen.pdbx_gene_src_variant              ? 
_entity_src_gen.pdbx_gene_src_cell_line            ? 
_entity_src_gen.pdbx_gene_src_atcc                 ? 
_entity_src_gen.pdbx_gene_src_organ                ? 
_entity_src_gen.pdbx_gene_src_organelle            ? 
_entity_src_gen.pdbx_gene_src_cell                 ? 
_entity_src_gen.pdbx_gene_src_cellular_location    ? 
_entity_src_gen.host_org_common_name               ? 
_entity_src_gen.pdbx_host_org_scientific_name      'Escherichia coli BL21(DE3)' 
_entity_src_gen.pdbx_host_org_ncbi_taxonomy_id     469008 
_entity_src_gen.host_org_genus                     Escherichia 
_entity_src_gen.pdbx_host_org_gene                 ? 
_entity_src_gen.pdbx_host_org_organ                ? 
_entity_src_gen.host_org_species                   'Escherichia coli' 
_entity_src_gen.pdbx_host_org_tissue               ? 
_entity_src_gen.pdbx_host_org_tissue_fraction      ? 
_entity_src_gen.pdbx_host_org_strain               'BL21 (DE3)' 
_entity_src_gen.pdbx_host_org_variant              ? 
_entity_src_gen.pdbx_host_org_cell_line            ? 
_entity_src_gen.pdbx_host_org_atcc                 ? 
_entity_src_gen.pdbx_host_org_culture_collection   ? 
_entity_src_gen.pdbx_host_org_cell                 ? 
_entity_src_gen.pdbx_host_org_organelle            ? 
_entity_src_gen.pdbx_host_org_cellular_location    ? 
_entity_src_gen.pdbx_host_org_vector_type          plasmid 
_entity_src_gen.pdbx_host_org_vector               ? 
_entity_src_gen.host_org_details                   ? 
_entity_src_gen.expression_system_id               ? 
_entity_src_gen.plasmid_name                       pGEX2T 
_entity_src_gen.plasmid_details                    ? 
_entity_src_gen.pdbx_description                   ? 
# 
_struct_ref.id                         1 
_struct_ref.db_name                    UNP 
_struct_ref.db_code                    IAP1_DROME 
_struct_ref.entity_id                  1 
_struct_ref.pdbx_db_accession          Q24306 
_struct_ref.pdbx_align_begin           201 
_struct_ref.pdbx_seq_one_letter_code   
;DVQPETCRPSAASGNYFPQYPEYAIETARLRTFEAWPRNLKQKPHQLAEAGFFYTGVGDRVRCFSCGGGLMDWNDNDEPW
EQHALWLSQCRFVKLMKGQLYIDTVAAKPVLAEEKEESTSIGGD
;
_struct_ref.pdbx_db_isoform            ? 
# 
loop_
_struct_ref_seq.align_id 
_struct_ref_seq.ref_id 
_struct_ref_seq.pdbx_PDB_id_code 
_struct_ref_seq.pdbx_strand_id 
_struct_ref_seq.seq_align_beg 
_struct_ref_seq.pdbx_seq_align_beg_ins_code 
_struct_ref_seq.seq_align_end 
_struct_ref_seq.pdbx_seq_align_end_ins_code 
_struct_ref_seq.pdbx_db_accession 
_struct_ref_seq.db_align_beg 
_struct_ref_seq.pdbx_db_align_beg_ins_code 
_struct_ref_seq.db_align_end 
_struct_ref_seq.pdbx_db_align_end_ins_code 
_struct_ref_seq.pdbx_auth_seq_align_beg 
_struct_ref_seq.pdbx_auth_seq_align_end 
1 1 1JD4 A 1 ? 124 ? Q24306 201 ? 324 ? 201 324 
2 1 1JD4 B 1 ? 124 ? Q24306 201 ? 324 ? 201 324 
# 
loop_
_chem_comp.id 
_chem_comp.type 
_chem_comp.mon_nstd_flag 
_chem_comp.name 
_chem_comp.pdbx_synonyms 
_chem_comp.formula 
_chem_comp.formula_weight 
ALA 'L-peptide linking' y ALANINE         ? 'C3 H7 N O2'     89.093  
ARG 'L-peptide linking' y ARGININE        ? 'C6 H15 N4 O2 1' 175.209 
ASN 'L-peptide linking' y ASPARAGINE      ? 'C4 H8 N2 O3'    132.118 
ASP 'L-peptide linking' y 'ASPARTIC ACID' ? 'C4 H7 N O4'     133.103 
CYS 'L-peptide linking' y CYSTEINE        ? 'C3 H7 N O2 S'   121.158 
GLN 'L-peptide linking' y GLUTAMINE       ? 'C5 H10 N2 O3'   146.144 
GLU 'L-peptide linking' y 'GLUTAMIC ACID' ? 'C5 H9 N O4'     147.129 
GLY 'peptide linking'   y GLYCINE         ? 'C2 H5 N O2'     75.067  
HIS 'L-peptide linking' y HISTIDINE       ? 'C6 H10 N3 O2 1' 156.162 
ILE 'L-peptide linking' y ISOLEUCINE      ? 'C6 H13 N O2'    131.173 
LEU 'L-peptide linking' y LEUCINE         ? 'C6 H13 N O2'    131.173 
LYS 'L-peptide linking' y LYSINE          ? 'C6 H15 N2 O2 1' 147.195 
MET 'L-peptide linking' y METHIONINE      ? 'C5 H11 N O2 S'  149.211 
PHE 'L-peptide linking' y PHENYLALANINE   ? 'C9 H11 N O2'    165.189 
PRO 'L-peptide linking' y PROLINE         ? 'C5 H9 N O2'     115.130 
SER 'L-peptide linking' y SERINE          ? 'C3 H7 N O3'     105.093 
THR 'L-peptide linking' y THREONINE       ? 'C4 H9 N O3'     119.119 
TRP 'L-peptide linking' y TRYPTOPHAN      ? 'C11 H12 N2 O2'  204.225 
TYR 'L-peptide linking' y TYROSINE        ? 'C9 H11 N O3'    181.189 
VAL 'L-peptide linking' y VALINE          ? 'C5 H11 N O2'    117.146 
ZN  non-polymer         . 'ZINC ION'      ? 'Zn 2'           65.409  
# 
_exptl.entry_id          1JD4 
_exptl.method            'X-RAY DIFFRACTION' 
_exptl.crystals_number   1 
# 
_exptl_crystal.id                    1 
_exptl_crystal.density_meas          ? 
_exptl_crystal.density_Matthews      2.43 
_exptl_crystal.density_percent_sol   49.38 
_exptl_crystal.description           ? 
# 
_exptl_crystal_grow.crystal_id      1 
_exptl_crystal_grow.method          'VAPOR DIFFUSION, HANGING DROP' 
_exptl_crystal_grow.temp            296.0 
_exptl_crystal_grow.temp_details    ? 
_exptl_crystal_grow.pH              8.0 
_exptl_crystal_grow.pdbx_details    'Tris, 2,4-methyl-pentanediol, pH 8.0, VAPOR DIFFUSION, HANGING DROP, temperature 296.0K' 
_exptl_crystal_grow.pdbx_pH_range   . 
# 
_diffrn.id                     1 
_diffrn.ambient_temp           100.0 
_diffrn.ambient_temp_details   ? 
_diffrn.crystal_id             1 
# 
_diffrn_detector.diffrn_id              1 
_diffrn_detector.detector               'IMAGE PLATE' 
_diffrn_detector.type                   'RIGAKU RAXIS IIC' 
_diffrn_detector.pdbx_collection_date   2000-12-30 
_diffrn_detector.details                mirrors 
# 
_diffrn_radiation.diffrn_id                        1 
_diffrn_radiation.wavelength_id                    1 
_diffrn_radiation.pdbx_monochromatic_or_laue_m_l   M 
_diffrn_radiation.monochromator                    graphite 
_diffrn_radiation.pdbx_diffrn_protocol             'SINGLE WAVELENGTH' 
_diffrn_radiation.pdbx_scattering_type             x-ray 
# 
_diffrn_radiation_wavelength.id           1 
_diffrn_radiation_wavelength.wavelength   1.5418 
_diffrn_radiation_wavelength.wt           1.0 
# 
_diffrn_source.diffrn_id                   1 
_diffrn_source.source                      'ROTATING ANODE' 
_diffrn_source.type                        'RIGAKU RU200' 
_diffrn_source.pdbx_synchrotron_site       ? 
_diffrn_source.pdbx_synchrotron_beamline   ? 
_diffrn_source.pdbx_wavelength             1.5418 
_diffrn_source.pdbx_wavelength_list        ? 
# 
_reflns.entry_id                     1JD4 
_reflns.observed_criterion_sigma_I   2.0 
_reflns.observed_criterion_sigma_F   1.4 
_reflns.d_resolution_low             99.0 
_reflns.d_resolution_high            2.7 
_reflns.number_obs                   7220 
_reflns.number_all                   7592 
_reflns.percent_possible_obs         95.1 
_reflns.pdbx_Rmerge_I_obs            0.1130000 
_reflns.pdbx_Rsym_value              0.1130000 
_reflns.pdbx_netI_over_sigmaI        15 
_reflns.B_iso_Wilson_estimate        46 
_reflns.pdbx_redundancy              5 
_reflns.R_free_details               ? 
_reflns.limit_h_max                  ? 
_reflns.limit_h_min                  ? 
_reflns.limit_k_max                  ? 
_reflns.limit_k_min                  ? 
_reflns.limit_l_max                  ? 
_reflns.limit_l_min                  ? 
_reflns.observed_criterion_F_max     ? 
_reflns.observed_criterion_F_min     ? 
_reflns.pdbx_diffrn_id               1 
_reflns.pdbx_ordinal                 1 
# 
_reflns_shell.d_res_high             2.7 
_reflns_shell.d_res_low              2.8 
_reflns_shell.percent_possible_all   95.5 
_reflns_shell.Rmerge_I_obs           0.4370000 
_reflns_shell.pdbx_Rsym_value        ? 
_reflns_shell.meanI_over_sigI_obs    ? 
_reflns_shell.pdbx_redundancy        4 
_reflns_shell.percent_possible_obs   ? 
_reflns_shell.number_unique_all      718 
_reflns_shell.pdbx_diffrn_id         ? 
_reflns_shell.pdbx_ordinal           1 
# 
_refine.entry_id                                 1JD4 
_refine.ls_number_reflns_obs                     7592 
_refine.ls_number_reflns_all                     7592 
_refine.pdbx_ls_sigma_I                          0.0 
_refine.pdbx_ls_sigma_F                          0.0 
_refine.pdbx_data_cutoff_high_absF               ? 
_refine.pdbx_data_cutoff_low_absF                ? 
_refine.ls_d_res_low                             20 
_refine.ls_d_res_high                            2.7 
_refine.ls_percent_reflns_obs                    95.5 
_refine.ls_R_factor_obs                          0.2460000 
_refine.ls_R_factor_all                          0.2460000 
_refine.ls_R_factor_R_work                       0.2360000 
_refine.ls_R_factor_R_free                       0.2890000 
_refine.ls_R_factor_R_free_error                 ? 
_refine.ls_R_factor_R_free_error_details         ? 
_refine.ls_percent_reflns_R_free                 ? 
_refine.ls_number_reflns_R_free                  351 
_refine.ls_number_parameters                     ? 
_refine.ls_number_restraints                     ? 
_refine.occupancy_min                            ? 
_refine.occupancy_max                            ? 
_refine.B_iso_mean                               ? 
_refine.aniso_B[1][1]                            ? 
_refine.aniso_B[2][2]                            ? 
_refine.aniso_B[3][3]                            ? 
_refine.aniso_B[1][2]                            ? 
_refine.aniso_B[1][3]                            ? 
_refine.aniso_B[2][3]                            ? 
_refine.solvent_model_details                    ? 
_refine.solvent_model_param_ksol                 ? 
_refine.solvent_model_param_bsol                 ? 
_refine.pdbx_ls_cross_valid_method               THROUGHOUT 
_refine.details                                  ? 
_refine.pdbx_starting_model                      'PDB ENTRY 1G73' 
_refine.pdbx_method_to_determine_struct          'MOLECULAR REPLACEMENT' 
_refine.pdbx_isotropic_thermal_model             ? 
_refine.pdbx_stereochemistry_target_values       'Engh & Huber' 
_refine.pdbx_stereochem_target_val_spec_case     ? 
_refine.pdbx_R_Free_selection_details            random 
_refine.pdbx_overall_ESU_R_Free                  ? 
_refine.overall_SU_B                             ? 
_refine.ls_redundancy_reflns_obs                 ? 
_refine.B_iso_min                                ? 
_refine.B_iso_max                                ? 
_refine.correlation_coeff_Fo_to_Fc               ? 
_refine.correlation_coeff_Fo_to_Fc_free          ? 
_refine.overall_SU_R_Cruickshank_DPI             ? 
_refine.overall_SU_R_free                        ? 
_refine.overall_SU_ML                            ? 
_refine.pdbx_overall_ESU_R                       ? 
_refine.pdbx_data_cutoff_high_rms_absF           ? 
_refine.pdbx_refine_id                           'X-RAY DIFFRACTION' 
_refine.pdbx_diffrn_id                           1 
_refine.pdbx_TLS_residual_ADP_flag               ? 
_refine.pdbx_solvent_vdw_probe_radii             ? 
_refine.pdbx_solvent_ion_probe_radii             ? 
_refine.pdbx_solvent_shrinkage_radii             ? 
_refine.pdbx_overall_phase_error                 ? 
_refine.pdbx_overall_SU_R_free_Cruickshank_DPI   ? 
_refine.pdbx_overall_SU_R_Blow_DPI               ? 
_refine.pdbx_overall_SU_R_free_Blow_DPI          ? 
# 
_refine_hist.pdbx_refine_id                   'X-RAY DIFFRACTION' 
_refine_hist.cycle_id                         LAST 
_refine_hist.pdbx_number_atoms_protein        1586 
_refine_hist.pdbx_number_atoms_nucleic_acid   0 
_refine_hist.pdbx_number_atoms_ligand         2 
_refine_hist.number_atoms_solvent             0 
_refine_hist.number_atoms_total               1588 
_refine_hist.d_res_high                       2.7 
_refine_hist.d_res_low                        20 
# 
loop_
_refine_ls_restr.type 
_refine_ls_restr.dev_ideal 
_refine_ls_restr.dev_ideal_target 
_refine_ls_restr.weight 
_refine_ls_restr.number 
_refine_ls_restr.pdbx_refine_id 
_refine_ls_restr.pdbx_restraint_function 
x_bond_d    0.008 ? ? ? 'X-RAY DIFFRACTION' ? 
x_angle_deg 1.334 ? ? ? 'X-RAY DIFFRACTION' ? 
# 
_refine_ls_shell.pdbx_total_number_of_bins_used   ? 
_refine_ls_shell.d_res_high                       2.70 
_refine_ls_shell.d_res_low                        2.82 
_refine_ls_shell.number_reflns_R_work             873 
_refine_ls_shell.R_factor_R_work                  ? 
_refine_ls_shell.percent_reflns_obs               95.5 
_refine_ls_shell.R_factor_R_free                  0.3690000 
_refine_ls_shell.R_factor_R_free_error            0.012 
_refine_ls_shell.percent_reflns_R_free            ? 
_refine_ls_shell.number_reflns_R_free             34 
_refine_ls_shell.number_reflns_obs                907 
_refine_ls_shell.redundancy_reflns_obs            ? 
_refine_ls_shell.number_reflns_all                ? 
_refine_ls_shell.pdbx_refine_id                   'X-RAY DIFFRACTION' 
_refine_ls_shell.R_factor_all                     ? 
# 
_struct.entry_id                  1JD4 
_struct.title                     'Crystal Structure of DIAP1-BIR2' 
_struct.pdbx_model_details        ? 
_struct.pdbx_CASP_flag            ? 
_struct.pdbx_model_type_details   ? 
# 
_struct_keywords.entry_id        1JD4 
_struct_keywords.pdbx_keywords   APOPTOSIS 
_struct_keywords.text            'IAP, apoptosis, Drosophila, zinc-binding, caspase inhibition' 
# 
loop_
_struct_asym.id 
_struct_asym.pdbx_blank_PDB_chainid_flag 
_struct_asym.pdbx_modified 
_struct_asym.entity_id 
_struct_asym.details 
A N N 1 ? 
B N N 1 ? 
C N N 2 ? 
D N N 2 ? 
# 
loop_
_struct_biol.id 
_struct_biol.pdbx_parent_biol_id 
_struct_biol.details 
1 ? ? 
2 ? ? 
# 
loop_
_struct_conf.conf_type_id 
_struct_conf.id 
_struct_conf.pdbx_PDB_helix_id 
_struct_conf.beg_label_comp_id 
_struct_conf.beg_label_asym_id 
_struct_conf.beg_label_seq_id 
_struct_conf.pdbx_beg_PDB_ins_code 
_struct_conf.end_label_comp_id 
_struct_conf.end_label_asym_id 
_struct_conf.end_label_seq_id 
_struct_conf.pdbx_end_PDB_ins_code 
_struct_conf.beg_auth_comp_id 
_struct_conf.beg_auth_asym_id 
_struct_conf.beg_auth_seq_id 
_struct_conf.end_auth_comp_id 
_struct_conf.end_auth_asym_id 
_struct_conf.end_auth_seq_id 
_struct_conf.pdbx_PDB_helix_class 
_struct_conf.details 
_struct_conf.pdbx_PDB_helix_length 
HELX_P HELX_P1  1  TYR A 20 ? ALA A 24  ? TYR A 220 ALA A 224 5 ? 5  
HELX_P HELX_P2  2  ILE A 25 ? ARG A 31  ? ILE A 225 ARG A 231 1 ? 7  
HELX_P HELX_P3  3  THR A 32 ? TRP A 36  ? THR A 232 TRP A 236 5 ? 5  
HELX_P HELX_P4  4  LYS A 43 ? ALA A 50  ? LYS A 243 ALA A 250 1 ? 8  
HELX_P HELX_P5  5  GLU A 78 ? LEU A 87  ? GLU A 278 LEU A 287 1 ? 10 
HELX_P HELX_P6  6  CYS A 90 ? LYS A 97  ? CYS A 290 LYS A 297 1 ? 8  
HELX_P HELX_P7  7  GLY A 98 ? LYS A 108 ? GLY A 298 LYS A 308 1 ? 11 
HELX_P HELX_P8  8  TYR B 20 ? ALA B 24  ? TYR B 220 ALA B 224 5 ? 5  
HELX_P HELX_P9  9  ILE B 25 ? ARG B 31  ? ILE B 225 ARG B 231 1 ? 7  
HELX_P HELX_P10 10 THR B 32 ? GLU B 34  ? THR B 232 GLU B 234 5 ? 3  
HELX_P HELX_P11 11 LYS B 43 ? ALA B 50  ? LYS B 243 ALA B 250 1 ? 8  
HELX_P HELX_P12 12 GLU B 78 ? LEU B 87  ? GLU B 278 LEU B 287 1 ? 10 
HELX_P HELX_P13 13 CYS B 90 ? LYS B 97  ? CYS B 290 LYS B 297 1 ? 8  
HELX_P HELX_P14 14 GLY B 98 ? LYS B 108 ? GLY B 298 LYS B 308 1 ? 11 
# 
_struct_conf_type.id          HELX_P 
_struct_conf_type.criteria    ? 
_struct_conf_type.reference   ? 
# 
loop_
_struct_conn.id 
_struct_conn.conn_type_id 
_struct_conn.pdbx_leaving_atom_flag 
_struct_conn.pdbx_PDB_id 
_struct_conn.ptnr1_label_asym_id 
_struct_conn.ptnr1_label_comp_id 
_struct_conn.ptnr1_label_seq_id 
_struct_conn.ptnr1_label_atom_id 
_struct_conn.pdbx_ptnr1_label_alt_id 
_struct_conn.pdbx_ptnr1_PDB_ins_code 
_struct_conn.pdbx_ptnr1_standard_comp_id 
_struct_conn.ptnr1_symmetry 
_struct_conn.ptnr2_label_asym_id 
_struct_conn.ptnr2_label_comp_id 
_struct_conn.ptnr2_label_seq_id 
_struct_conn.ptnr2_label_atom_id 
_struct_conn.pdbx_ptnr2_label_alt_id 
_struct_conn.pdbx_ptnr2_PDB_ins_code 
_struct_conn.ptnr1_auth_asym_id 
_struct_conn.ptnr1_auth_comp_id 
_struct_conn.ptnr1_auth_seq_id 
_struct_conn.ptnr2_auth_asym_id 
_struct_conn.ptnr2_auth_comp_id 
_struct_conn.ptnr2_auth_seq_id 
_struct_conn.ptnr2_symmetry 
_struct_conn.pdbx_ptnr3_label_atom_id 
_struct_conn.pdbx_ptnr3_label_seq_id 
_struct_conn.pdbx_ptnr3_label_comp_id 
_struct_conn.pdbx_ptnr3_label_asym_id 
_struct_conn.pdbx_ptnr3_label_alt_id 
_struct_conn.pdbx_ptnr3_PDB_ins_code 
_struct_conn.details 
_struct_conn.pdbx_dist_value 
_struct_conn.pdbx_value_order 
_struct_conn.pdbx_role 
metalc1 metalc ? ? A CYS 63 SG  ? ? ? 1_555 C ZN . ZN ? ? A CYS 263 A ZN 501 1_555 ? ? ? ? ? ? ? 2.435 ? ? 
metalc2 metalc ? ? A CYS 66 SG  ? ? ? 1_555 C ZN . ZN ? ? A CYS 266 A ZN 501 1_555 ? ? ? ? ? ? ? 2.261 ? ? 
metalc3 metalc ? ? A HIS 83 NE2 ? ? ? 1_555 C ZN . ZN ? ? A HIS 283 A ZN 501 1_555 ? ? ? ? ? ? ? 2.547 ? ? 
metalc4 metalc ? ? A CYS 90 SG  ? ? ? 1_555 C ZN . ZN ? ? A CYS 290 A ZN 501 1_555 ? ? ? ? ? ? ? 2.359 ? ? 
metalc5 metalc ? ? B CYS 63 SG  ? ? ? 1_555 D ZN . ZN ? ? B CYS 263 B ZN 502 1_555 ? ? ? ? ? ? ? 2.496 ? ? 
metalc6 metalc ? ? B CYS 66 SG  ? ? ? 1_555 D ZN . ZN ? ? B CYS 266 B ZN 502 1_555 ? ? ? ? ? ? ? 2.127 ? ? 
metalc7 metalc ? ? B HIS 83 NE2 ? ? ? 1_555 D ZN . ZN ? ? B HIS 283 B ZN 502 1_555 ? ? ? ? ? ? ? 2.330 ? ? 
metalc8 metalc ? ? B CYS 90 SG  ? ? ? 1_555 D ZN . ZN ? ? B CYS 290 B ZN 502 1_555 ? ? ? ? ? ? ? 2.281 ? ? 
# 
_struct_conn_type.id          metalc 
_struct_conn_type.criteria    ? 
_struct_conn_type.reference   ? 
# 
loop_
_struct_sheet.id 
_struct_sheet.type 
_struct_sheet.number_strands 
_struct_sheet.details 
A ? 3 ? 
B ? 3 ? 
# 
loop_
_struct_sheet_order.sheet_id 
_struct_sheet_order.range_id_1 
_struct_sheet_order.range_id_2 
_struct_sheet_order.offset 
_struct_sheet_order.sense 
A 1 2 ? anti-parallel 
A 2 3 ? anti-parallel 
B 1 2 ? anti-parallel 
B 2 3 ? anti-parallel 
# 
loop_
_struct_sheet_range.sheet_id 
_struct_sheet_range.id 
_struct_sheet_range.beg_label_comp_id 
_struct_sheet_range.beg_label_asym_id 
_struct_sheet_range.beg_label_seq_id 
_struct_sheet_range.pdbx_beg_PDB_ins_code 
_struct_sheet_range.end_label_comp_id 
_struct_sheet_range.end_label_asym_id 
_struct_sheet_range.end_label_seq_id 
_struct_sheet_range.pdbx_end_PDB_ins_code 
_struct_sheet_range.beg_auth_comp_id 
_struct_sheet_range.beg_auth_asym_id 
_struct_sheet_range.beg_auth_seq_id 
_struct_sheet_range.end_auth_comp_id 
_struct_sheet_range.end_auth_asym_id 
_struct_sheet_range.end_auth_seq_id 
A 1 PHE A 52 ? TYR A 54 ? PHE A 252 TYR A 254 
A 2 VAL A 61 ? CYS A 63 ? VAL A 261 CYS A 263 
A 3 GLY A 69 ? LEU A 70 ? GLY A 269 LEU A 270 
B 1 PHE B 52 ? TYR B 54 ? PHE B 252 TYR B 254 
B 2 VAL B 61 ? CYS B 63 ? VAL B 261 CYS B 263 
B 3 GLY B 69 ? LEU B 70 ? GLY B 269 LEU B 270 
# 
loop_
_pdbx_struct_sheet_hbond.sheet_id 
_pdbx_struct_sheet_hbond.range_id_1 
_pdbx_struct_sheet_hbond.range_id_2 
_pdbx_struct_sheet_hbond.range_1_label_atom_id 
_pdbx_struct_sheet_hbond.range_1_label_comp_id 
_pdbx_struct_sheet_hbond.range_1_label_asym_id 
_pdbx_struct_sheet_hbond.range_1_label_seq_id 
_pdbx_struct_sheet_hbond.range_1_PDB_ins_code 
_pdbx_struct_sheet_hbond.range_1_auth_atom_id 
_pdbx_struct_sheet_hbond.range_1_auth_comp_id 
_pdbx_struct_sheet_hbond.range_1_auth_asym_id 
_pdbx_struct_sheet_hbond.range_1_auth_seq_id 
_pdbx_struct_sheet_hbond.range_2_label_atom_id 
_pdbx_struct_sheet_hbond.range_2_label_comp_id 
_pdbx_struct_sheet_hbond.range_2_label_asym_id 
_pdbx_struct_sheet_hbond.range_2_label_seq_id 
_pdbx_struct_sheet_hbond.range_2_PDB_ins_code 
_pdbx_struct_sheet_hbond.range_2_auth_atom_id 
_pdbx_struct_sheet_hbond.range_2_auth_comp_id 
_pdbx_struct_sheet_hbond.range_2_auth_asym_id 
_pdbx_struct_sheet_hbond.range_2_auth_seq_id 
A 1 2 N PHE A 53 ? N PHE A 253 O ARG A 62 ? O ARG A 262 
A 2 3 N VAL A 61 ? N VAL A 261 O LEU A 70 ? O LEU A 270 
B 1 2 N PHE B 53 ? N PHE B 253 O ARG B 62 ? O ARG B 262 
B 2 3 N VAL B 61 ? N VAL B 261 O LEU B 70 ? O LEU B 270 
# 
loop_
_struct_site.id 
_struct_site.pdbx_evidence_code 
_struct_site.pdbx_auth_asym_id 
_struct_site.pdbx_auth_comp_id 
_struct_site.pdbx_auth_seq_id 
_struct_site.pdbx_auth_ins_code 
_struct_site.pdbx_num_residues 
_struct_site.details 
AC1 Software A ZN 501 ? 4 'BINDING SITE FOR RESIDUE ZN A 501' 
AC2 Software B ZN 502 ? 4 'BINDING SITE FOR RESIDUE ZN B 502' 
# 
loop_
_struct_site_gen.id 
_struct_site_gen.site_id 
_struct_site_gen.pdbx_num_res 
_struct_site_gen.label_comp_id 
_struct_site_gen.label_asym_id 
_struct_site_gen.label_seq_id 
_struct_site_gen.pdbx_auth_ins_code 
_struct_site_gen.auth_comp_id 
_struct_site_gen.auth_asym_id 
_struct_site_gen.auth_seq_id 
_struct_site_gen.label_atom_id 
_struct_site_gen.label_alt_id 
_struct_site_gen.symmetry 
_struct_site_gen.details 
1 AC1 4 CYS A 63 ? CYS A 263 . ? 1_555 ? 
2 AC1 4 CYS A 66 ? CYS A 266 . ? 1_555 ? 
3 AC1 4 HIS A 83 ? HIS A 283 . ? 1_555 ? 
4 AC1 4 CYS A 90 ? CYS A 290 . ? 1_555 ? 
5 AC2 4 CYS B 63 ? CYS B 263 . ? 1_555 ? 
6 AC2 4 CYS B 66 ? CYS B 266 . ? 1_555 ? 
7 AC2 4 HIS B 83 ? HIS B 283 . ? 1_555 ? 
8 AC2 4 CYS B 90 ? CYS B 290 . ? 1_555 ? 
# 
_atom_sites.entry_id                    1JD4 
_atom_sites.fract_transf_matrix[1][1]   -0.00209097 
_atom_sites.fract_transf_matrix[1][2]   -0.00134154 
_atom_sites.fract_transf_matrix[1][3]   0.01010509 
_atom_sites.fract_transf_matrix[2][1]   0.00666653 
_atom_sites.fract_transf_matrix[2][2]   0.00762382 
_atom_sites.fract_transf_matrix[2][3]   0.00239158 
_atom_sites.fract_transf_matrix[3][1]   -0.01249684 
_atom_sites.fract_transf_matrix[3][2]   0.01126952 
_atom_sites.fract_transf_matrix[3][3]   -0.00108975 
_atom_sites.fract_transf_vector[1]      0.349341 
_atom_sites.fract_transf_vector[2]      0.849093 
_atom_sites.fract_transf_vector[3]      0.581314 
# 
loop_
_atom_type.symbol 
C  
N  
O  
S  
ZN 
# 
loop_
_atom_site.group_PDB 
_atom_site.id 
_atom_site.type_symbol 
_atom_site.label_atom_id 
_atom_site.label_alt_id 
_atom_site.label_comp_id 
_atom_site.label_asym_id 
_atom_site.label_entity_id 
_atom_site.label_seq_id 
_atom_site.pdbx_PDB_ins_code 
_atom_site.Cartn_x 
_atom_site.Cartn_y 
_atom_site.Cartn_z 
_atom_site.occupancy 
_atom_site.B_iso_or_equiv 
_atom_site.pdbx_formal_charge 
_atom_site.auth_seq_id 
_atom_site.auth_comp_id 
_atom_site.auth_asym_id 
_atom_site.auth_atom_id 
_atom_site.pdbx_PDB_model_num 
ATOM   1    N  N   . ASN A 1 15  ? -20.331 -24.723 4.355   1.00 77.59  ? 215 ASN A N   1 
ATOM   2    C  CA  . ASN A 1 15  ? -19.540 -25.946 4.681   1.00 81.76  ? 215 ASN A CA  1 
ATOM   3    C  C   . ASN A 1 15  ? -18.107 -25.455 4.862   1.00 80.06  ? 215 ASN A C   1 
ATOM   4    O  O   . ASN A 1 15  ? -17.786 -24.344 4.433   1.00 75.14  ? 215 ASN A O   1 
ATOM   5    C  CB  . ASN A 1 15  ? -19.615 -26.946 3.515   1.00 86.32  ? 215 ASN A CB  1 
ATOM   6    C  CG  . ASN A 1 15  ? -19.429 -28.398 3.957   1.00 88.99  ? 215 ASN A CG  1 
ATOM   7    O  OD1 . ASN A 1 15  ? -20.397 -29.159 4.022   1.00 86.65  ? 215 ASN A OD1 1 
ATOM   8    N  ND2 . ASN A 1 15  ? -18.185 -28.800 4.204   1.00 89.97  ? 215 ASN A ND2 1 
ATOM   9    N  N   . TYR A 1 16  ? -17.263 -26.233 5.534   1.00 80.43  ? 216 TYR A N   1 
ATOM   10   C  CA  . TYR A 1 16  ? -15.883 -25.802 5.725   1.00 78.49  ? 216 TYR A CA  1 
ATOM   11   C  C   . TYR A 1 16  ? -14.822 -26.459 4.860   1.00 75.82  ? 216 TYR A C   1 
ATOM   12   O  O   . TYR A 1 16  ? -14.658 -27.684 4.823   1.00 75.42  ? 216 TYR A O   1 
ATOM   13   C  CB  . TYR A 1 16  ? -15.430 -25.875 7.187   1.00 81.26  ? 216 TYR A CB  1 
ATOM   14   C  CG  . TYR A 1 16  ? -13.965 -25.503 7.330   1.00 83.08  ? 216 TYR A CG  1 
ATOM   15   C  CD1 . TYR A 1 16  ? -13.513 -24.228 6.966   1.00 86.44  ? 216 TYR A CD1 1 
ATOM   16   C  CD2 . TYR A 1 16  ? -13.014 -26.445 7.739   1.00 83.84  ? 216 TYR A CD2 1 
ATOM   17   C  CE1 . TYR A 1 16  ? -12.148 -23.898 6.998   1.00 85.98  ? 216 TYR A CE1 1 
ATOM   18   C  CE2 . TYR A 1 16  ? -11.643 -26.126 7.778   1.00 83.87  ? 216 TYR A CE2 1 
ATOM   19   C  CZ  . TYR A 1 16  ? -11.219 -24.851 7.403   1.00 84.81  ? 216 TYR A CZ  1 
ATOM   20   O  OH  . TYR A 1 16  ? -9.878  -24.518 7.423   1.00 73.48  ? 216 TYR A OH  1 
ATOM   21   N  N   . PHE A 1 17  ? -14.067 -25.577 4.229   1.00 72.16  ? 217 PHE A N   1 
ATOM   22   C  CA  . PHE A 1 17  ? -12.937 -25.877 3.365   1.00 67.22  ? 217 PHE A CA  1 
ATOM   23   C  C   . PHE A 1 17  ? -12.532 -24.461 2.976   1.00 54.39  ? 217 PHE A C   1 
ATOM   24   O  O   . PHE A 1 17  ? -13.382 -23.566 2.928   1.00 52.10  ? 217 PHE A O   1 
ATOM   25   C  CB  . PHE A 1 17  ? -13.333 -26.705 2.133   1.00 77.84  ? 217 PHE A CB  1 
ATOM   26   C  CG  . PHE A 1 17  ? -12.181 -27.488 1.538   1.00 85.46  ? 217 PHE A CG  1 
ATOM   27   C  CD1 . PHE A 1 17  ? -11.541 -27.048 0.377   1.00 86.60  ? 217 PHE A CD1 1 
ATOM   28   C  CD2 . PHE A 1 17  ? -11.703 -28.640 2.172   1.00 85.64  ? 217 PHE A CD2 1 
ATOM   29   C  CE1 . PHE A 1 17  ? -10.438 -27.742 -0.141  1.00 87.06  ? 217 PHE A CE1 1 
ATOM   30   C  CE2 . PHE A 1 17  ? -10.603 -29.340 1.662   1.00 83.79  ? 217 PHE A CE2 1 
ATOM   31   C  CZ  . PHE A 1 17  ? -9.970  -28.889 0.505   1.00 85.08  ? 217 PHE A CZ  1 
ATOM   32   N  N   . PRO A 1 18  ? -11.234 -24.219 2.757   1.00 40.20  ? 218 PRO A N   1 
ATOM   33   C  CA  . PRO A 1 18  ? -10.783 -22.876 2.391   1.00 33.60  ? 218 PRO A CA  1 
ATOM   34   C  C   . PRO A 1 18  ? -11.581 -22.208 1.271   1.00 31.46  ? 218 PRO A C   1 
ATOM   35   O  O   . PRO A 1 18  ? -11.938 -22.850 0.283   1.00 37.57  ? 218 PRO A O   1 
ATOM   36   C  CB  . PRO A 1 18  ? -9.339  -23.116 1.964   1.00 35.54  ? 218 PRO A CB  1 
ATOM   37   C  CG  . PRO A 1 18  ? -8.918  -24.259 2.811   1.00 40.89  ? 218 PRO A CG  1 
ATOM   38   C  CD  . PRO A 1 18  ? -10.110 -25.171 2.752   1.00 38.48  ? 218 PRO A CD  1 
ATOM   39   N  N   . GLN A 1 19  ? -11.877 -20.923 1.448   1.00 23.12  ? 219 GLN A N   1 
ATOM   40   C  CA  . GLN A 1 19  ? -12.575 -20.130 0.446   1.00 23.93  ? 219 GLN A CA  1 
ATOM   41   C  C   . GLN A 1 19  ? -11.614 -19.932 -0.749  1.00 30.08  ? 219 GLN A C   1 
ATOM   42   O  O   . GLN A 1 19  ? -12.043 -19.644 -1.866  1.00 30.90  ? 219 GLN A O   1 
ATOM   43   C  CB  . GLN A 1 19  ? -12.964 -18.777 1.044   1.00 27.60  ? 219 GLN A CB  1 
ATOM   44   C  CG  . GLN A 1 19  ? -13.362 -17.704 0.039   1.00 40.47  ? 219 GLN A CG  1 
ATOM   45   C  CD  . GLN A 1 19  ? -14.711 -17.929 -0.621  1.00 40.94  ? 219 GLN A CD  1 
ATOM   46   O  OE1 . GLN A 1 19  ? -15.191 -17.069 -1.363  1.00 48.70  ? 219 GLN A OE1 1 
ATOM   47   N  NE2 . GLN A 1 19  ? -15.340 -19.062 -0.342  1.00 41.18  ? 219 GLN A NE2 1 
ATOM   48   N  N   . TYR A 1 20  ? -10.313 -20.045 -0.473  1.00 29.17  ? 220 TYR A N   1 
ATOM   49   C  CA  . TYR A 1 20  ? -9.238  -19.935 -1.458  1.00 23.75  ? 220 TYR A CA  1 
ATOM   50   C  C   . TYR A 1 20  ? -8.292  -21.088 -1.146  1.00 24.57  ? 220 TYR A C   1 
ATOM   51   O  O   . TYR A 1 20  ? -7.228  -20.907 -0.547  1.00 23.72  ? 220 TYR A O   1 
ATOM   52   C  CB  . TYR A 1 20  ? -8.505  -18.591 -1.345  1.00 17.64  ? 220 TYR A CB  1 
ATOM   53   C  CG  . TYR A 1 20  ? -9.335  -17.420 -1.824  1.00 18.49  ? 220 TYR A CG  1 
ATOM   54   C  CD1 . TYR A 1 20  ? -10.244 -16.788 -0.976  1.00 19.39  ? 220 TYR A CD1 1 
ATOM   55   C  CD2 . TYR A 1 20  ? -9.257  -16.982 -3.143  1.00 23.11  ? 220 TYR A CD2 1 
ATOM   56   C  CE1 . TYR A 1 20  ? -11.062 -15.756 -1.439  1.00 23.61  ? 220 TYR A CE1 1 
ATOM   57   C  CE2 . TYR A 1 20  ? -10.070 -15.953 -3.614  1.00 19.15  ? 220 TYR A CE2 1 
ATOM   58   C  CZ  . TYR A 1 20  ? -10.971 -15.353 -2.760  1.00 21.68  ? 220 TYR A CZ  1 
ATOM   59   O  OH  . TYR A 1 20  ? -11.810 -14.389 -3.249  1.00 26.20  ? 220 TYR A OH  1 
ATOM   60   N  N   . PRO A 1 21  ? -8.675  -22.304 -1.575  1.00 25.64  ? 221 PRO A N   1 
ATOM   61   C  CA  . PRO A 1 21  ? -7.904  -23.534 -1.363  1.00 20.01  ? 221 PRO A CA  1 
ATOM   62   C  C   . PRO A 1 21  ? -6.453  -23.389 -1.793  1.00 26.10  ? 221 PRO A C   1 
ATOM   63   O  O   . PRO A 1 21  ? -5.563  -23.979 -1.189  1.00 27.88  ? 221 PRO A O   1 
ATOM   64   C  CB  . PRO A 1 21  ? -8.630  -24.547 -2.247  1.00 23.01  ? 221 PRO A CB  1 
ATOM   65   C  CG  . PRO A 1 21  ? -10.041 -24.034 -2.289  1.00 25.78  ? 221 PRO A CG  1 
ATOM   66   C  CD  . PRO A 1 21  ? -9.847  -22.556 -2.440  1.00 18.47  ? 221 PRO A CD  1 
ATOM   67   N  N   . GLU A 1 22  ? -6.227  -22.603 -2.843  1.00 28.47  ? 222 GLU A N   1 
ATOM   68   C  CA  . GLU A 1 22  ? -4.881  -22.396 -3.378  1.00 31.31  ? 222 GLU A CA  1 
ATOM   69   C  C   . GLU A 1 22  ? -3.932  -21.728 -2.384  1.00 32.79  ? 222 GLU A C   1 
ATOM   70   O  O   . GLU A 1 22  ? -2.720  -21.959 -2.414  1.00 28.48  ? 222 GLU A O   1 
ATOM   71   C  CB  . GLU A 1 22  ? -4.922  -21.610 -4.697  1.00 25.58  ? 222 GLU A CB  1 
ATOM   72   C  CG  . GLU A 1 22  ? -5.667  -20.292 -4.651  1.00 21.78  ? 222 GLU A CG  1 
ATOM   73   C  CD  . GLU A 1 22  ? -7.085  -20.401 -5.160  1.00 24.23  ? 222 GLU A CD  1 
ATOM   74   O  OE1 . GLU A 1 22  ? -7.912  -21.067 -4.526  1.00 26.99  ? 222 GLU A OE1 1 
ATOM   75   O  OE2 . GLU A 1 22  ? -7.386  -19.805 -6.200  1.00 33.76  ? 222 GLU A OE2 1 
ATOM   76   N  N   . TYR A 1 23  ? -4.494  -20.947 -1.470  1.00 32.94  ? 223 TYR A N   1 
ATOM   77   C  CA  . TYR A 1 23  ? -3.689  -20.262 -0.474  1.00 37.89  ? 223 TYR A CA  1 
ATOM   78   C  C   . TYR A 1 23  ? -3.750  -20.889 0.914   1.00 36.28  ? 223 TYR A C   1 
ATOM   79   O  O   . TYR A 1 23  ? -3.503  -20.219 1.909   1.00 35.01  ? 223 TYR A O   1 
ATOM   80   C  CB  . TYR A 1 23  ? -4.073  -18.782 -0.429  1.00 34.84  ? 223 TYR A CB  1 
ATOM   81   C  CG  . TYR A 1 23  ? -3.621  -18.032 -1.661  1.00 30.06  ? 223 TYR A CG  1 
ATOM   82   C  CD1 . TYR A 1 23  ? -4.490  -17.185 -2.340  1.00 26.20  ? 223 TYR A CD1 1 
ATOM   83   C  CD2 . TYR A 1 23  ? -2.316  -18.180 -2.150  1.00 29.24  ? 223 TYR A CD2 1 
ATOM   84   C  CE1 . TYR A 1 23  ? -4.074  -16.500 -3.477  1.00 28.47  ? 223 TYR A CE1 1 
ATOM   85   C  CE2 . TYR A 1 23  ? -1.889  -17.502 -3.289  1.00 24.39  ? 223 TYR A CE2 1 
ATOM   86   C  CZ  . TYR A 1 23  ? -2.775  -16.662 -3.945  1.00 27.10  ? 223 TYR A CZ  1 
ATOM   87   O  OH  . TYR A 1 23  ? -2.370  -15.977 -5.065  1.00 30.76  ? 223 TYR A OH  1 
ATOM   88   N  N   . ALA A 1 24  ? -4.054  -22.182 0.973   1.00 37.18  ? 224 ALA A N   1 
ATOM   89   C  CA  . ALA A 1 24  ? -4.147  -22.889 2.248   1.00 34.58  ? 224 ALA A CA  1 
ATOM   90   C  C   . ALA A 1 24  ? -2.806  -22.960 2.974   1.00 30.05  ? 224 ALA A C   1 
ATOM   91   O  O   . ALA A 1 24  ? -2.766  -22.884 4.197   1.00 26.52  ? 224 ALA A O   1 
ATOM   92   C  CB  . ALA A 1 24  ? -4.728  -24.289 2.045   1.00 28.31  ? 224 ALA A CB  1 
ATOM   93   N  N   . ILE A 1 25  ? -1.717  -23.130 2.229   1.00 27.13  ? 225 ILE A N   1 
ATOM   94   C  CA  . ILE A 1 25  ? -0.393  -23.205 2.842   1.00 26.50  ? 225 ILE A CA  1 
ATOM   95   C  C   . ILE A 1 25  ? 0.152   -21.808 3.066   1.00 26.76  ? 225 ILE A C   1 
ATOM   96   O  O   . ILE A 1 25  ? 0.011   -20.938 2.208   1.00 30.14  ? 225 ILE A O   1 
ATOM   97   C  CB  . ILE A 1 25  ? 0.601   -24.024 2.002   1.00 24.75  ? 225 ILE A CB  1 
ATOM   98   C  CG1 . ILE A 1 25  ? 0.239   -25.510 2.070   1.00 32.77  ? 225 ILE A CG1 1 
ATOM   99   C  CG2 . ILE A 1 25  ? 2.018   -23.855 2.536   1.00 22.17  ? 225 ILE A CG2 1 
ATOM   100  C  CD1 . ILE A 1 25  ? -1.069  -25.877 1.396   1.00 38.73  ? 225 ILE A CD1 1 
ATOM   101  N  N   . GLU A 1 26  ? 0.767   -21.596 4.226   1.00 31.40  ? 226 GLU A N   1 
ATOM   102  C  CA  . GLU A 1 26  ? 1.319   -20.288 4.581   1.00 33.81  ? 226 GLU A CA  1 
ATOM   103  C  C   . GLU A 1 26  ? 2.313   -19.787 3.532   1.00 30.26  ? 226 GLU A C   1 
ATOM   104  O  O   . GLU A 1 26  ? 2.171   -18.674 3.030   1.00 27.69  ? 226 GLU A O   1 
ATOM   105  C  CB  . GLU A 1 26  ? 1.993   -20.325 5.959   1.00 35.24  ? 226 GLU A CB  1 
ATOM   106  C  CG  . GLU A 1 26  ? 2.244   -18.937 6.557   1.00 43.14  ? 226 GLU A CG  1 
ATOM   107  C  CD  . GLU A 1 26  ? 3.392   -18.901 7.560   1.00 49.01  ? 226 GLU A CD  1 
ATOM   108  O  OE1 . GLU A 1 26  ? 3.970   -17.811 7.755   1.00 58.21  ? 226 GLU A OE1 1 
ATOM   109  O  OE2 . GLU A 1 26  ? 3.723   -19.949 8.155   1.00 50.42  ? 226 GLU A OE2 1 
ATOM   110  N  N   . THR A 1 27  ? 3.297   -20.617 3.191   1.00 19.68  ? 227 THR A N   1 
ATOM   111  C  CA  . THR A 1 27  ? 4.308   -20.265 2.201   1.00 21.28  ? 227 THR A CA  1 
ATOM   112  C  C   . THR A 1 27  ? 3.691   -19.644 0.943   1.00 29.59  ? 227 THR A C   1 
ATOM   113  O  O   . THR A 1 27  ? 4.146   -18.598 0.463   1.00 31.01  ? 227 THR A O   1 
ATOM   114  C  CB  . THR A 1 27  ? 5.102   -21.495 1.793   1.00 21.17  ? 227 THR A CB  1 
ATOM   115  O  OG1 . THR A 1 27  ? 5.534   -22.190 2.968   1.00 21.60  ? 227 THR A OG1 1 
ATOM   116  C  CG2 . THR A 1 27  ? 6.306   -21.091 0.987   1.00 23.76  ? 227 THR A CG2 1 
ATOM   117  N  N   . ALA A 1 28  ? 2.635   -20.273 0.439   1.00 30.07  ? 228 ALA A N   1 
ATOM   118  C  CA  . ALA A 1 28  ? 1.951   -19.785 -0.745  1.00 30.10  ? 228 ALA A CA  1 
ATOM   119  C  C   . ALA A 1 28  ? 1.362   -18.409 -0.482  1.00 37.20  ? 228 ALA A C   1 
ATOM   120  O  O   . ALA A 1 28  ? 1.355   -17.553 -1.368  1.00 47.51  ? 228 ALA A O   1 
ATOM   121  C  CB  . ALA A 1 28  ? 0.867   -20.745 -1.150  1.00 26.18  ? 228 ALA A CB  1 
ATOM   122  N  N   . ARG A 1 29  ? 0.860   -18.198 0.732   1.00 42.06  ? 229 ARG A N   1 
ATOM   123  C  CA  . ARG A 1 29  ? 0.277   -16.912 1.111   1.00 41.24  ? 229 ARG A CA  1 
ATOM   124  C  C   . ARG A 1 29  ? 1.338   -15.811 1.227   1.00 41.32  ? 229 ARG A C   1 
ATOM   125  O  O   . ARG A 1 29  ? 1.134   -14.685 0.760   1.00 37.98  ? 229 ARG A O   1 
ATOM   126  C  CB  . ARG A 1 29  ? -0.491  -17.045 2.428   1.00 39.97  ? 229 ARG A CB  1 
ATOM   127  C  CG  . ARG A 1 29  ? -1.969  -17.337 2.260   1.00 47.82  ? 229 ARG A CG  1 
ATOM   128  C  CD  . ARG A 1 29  ? -2.633  -17.628 3.599   1.00 55.24  ? 229 ARG A CD  1 
ATOM   129  N  NE  . ARG A 1 29  ? -2.381  -18.999 4.045   1.00 60.04  ? 229 ARG A NE  1 
ATOM   130  C  CZ  . ARG A 1 29  ? -2.055  -19.342 5.286   1.00 54.72  ? 229 ARG A CZ  1 
ATOM   131  N  NH1 . ARG A 1 29  ? -1.928  -18.417 6.224   1.00 51.26  ? 229 ARG A NH1 1 
ATOM   132  N  NH2 . ARG A 1 29  ? -1.875  -20.618 5.592   1.00 57.85  ? 229 ARG A NH2 1 
ATOM   133  N  N   . LEU A 1 30  ? 2.484   -16.156 1.806   1.00 39.35  ? 230 LEU A N   1 
ATOM   134  C  CA  . LEU A 1 30  ? 3.584   -15.218 2.000   1.00 39.48  ? 230 LEU A CA  1 
ATOM   135  C  C   . LEU A 1 30  ? 4.029   -14.577 0.692   1.00 41.96  ? 230 LEU A C   1 
ATOM   136  O  O   . LEU A 1 30  ? 4.066   -13.346 0.579   1.00 40.82  ? 230 LEU A O   1 
ATOM   137  C  CB  . LEU A 1 30  ? 4.780   -15.936 2.625   1.00 38.60  ? 230 LEU A CB  1 
ATOM   138  C  CG  . LEU A 1 30  ? 5.653   -15.185 3.637   1.00 37.51  ? 230 LEU A CG  1 
ATOM   139  C  CD1 . LEU A 1 30  ? 6.906   -16.001 3.881   1.00 33.99  ? 230 LEU A CD1 1 
ATOM   140  C  CD2 . LEU A 1 30  ? 6.013   -13.791 3.155   1.00 36.81  ? 230 LEU A CD2 1 
ATOM   141  N  N   . ARG A 1 31  ? 4.350   -15.424 -0.288  1.00 40.70  ? 231 ARG A N   1 
ATOM   142  C  CA  . ARG A 1 31  ? 4.818   -14.995 -1.611  1.00 43.01  ? 231 ARG A CA  1 
ATOM   143  C  C   . ARG A 1 31  ? 4.014   -13.900 -2.320  1.00 39.54  ? 231 ARG A C   1 
ATOM   144  O  O   . ARG A 1 31  ? 4.541   -13.211 -3.193  1.00 43.29  ? 231 ARG A O   1 
ATOM   145  C  CB  . ARG A 1 31  ? 4.965   -16.200 -2.544  1.00 44.11  ? 231 ARG A CB  1 
ATOM   146  C  CG  . ARG A 1 31  ? 5.960   -17.245 -2.059  1.00 55.64  ? 231 ARG A CG  1 
ATOM   147  C  CD  . ARG A 1 31  ? 6.291   -18.243 -3.162  1.00 66.55  ? 231 ARG A CD  1 
ATOM   148  N  NE  . ARG A 1 31  ? 5.092   -18.868 -3.716  1.00 78.27  ? 231 ARG A NE  1 
ATOM   149  C  CZ  . ARG A 1 31  ? 4.737   -20.136 -3.509  1.00 85.41  ? 231 ARG A CZ  1 
ATOM   150  N  NH1 . ARG A 1 31  ? 5.493   -20.932 -2.759  1.00 84.48  ? 231 ARG A NH1 1 
ATOM   151  N  NH2 . ARG A 1 31  ? 3.615   -20.607 -4.043  1.00 83.95  ? 231 ARG A NH2 1 
ATOM   152  N  N   . THR A 1 32  ? 2.753   -13.728 -1.944  1.00 35.61  ? 232 THR A N   1 
ATOM   153  C  CA  . THR A 1 32  ? 1.910   -12.714 -2.566  1.00 35.43  ? 232 THR A CA  1 
ATOM   154  C  C   . THR A 1 32  ? 2.209   -11.312 -2.045  1.00 39.03  ? 232 THR A C   1 
ATOM   155  O  O   . THR A 1 32  ? 1.746   -10.313 -2.604  1.00 45.40  ? 232 THR A O   1 
ATOM   156  C  CB  . THR A 1 32  ? 0.399   -13.010 -2.347  1.00 36.33  ? 232 THR A CB  1 
ATOM   157  O  OG1 . THR A 1 32  ? 0.048   -12.792 -0.973  1.00 31.61  ? 232 THR A OG1 1 
ATOM   158  C  CG2 . THR A 1 32  ? 0.079   -14.448 -2.720  1.00 27.55  ? 232 THR A CG2 1 
ATOM   159  N  N   . PHE A 1 33  ? 2.983   -11.231 -0.973  1.00 38.95  ? 233 PHE A N   1 
ATOM   160  C  CA  . PHE A 1 33  ? 3.295   -9.938  -0.382  1.00 39.45  ? 233 PHE A CA  1 
ATOM   161  C  C   . PHE A 1 33  ? 4.535   -9.258  -0.931  1.00 40.72  ? 233 PHE A C   1 
ATOM   162  O  O   . PHE A 1 33  ? 5.016   -8.294  -0.332  1.00 36.57  ? 233 PHE A O   1 
ATOM   163  C  CB  . PHE A 1 33  ? 3.418   -10.063 1.136   1.00 34.45  ? 233 PHE A CB  1 
ATOM   164  C  CG  . PHE A 1 33  ? 2.122   -10.313 1.827   1.00 25.49  ? 233 PHE A CG  1 
ATOM   165  C  CD1 . PHE A 1 33  ? 1.752   -11.601 2.188   1.00 25.77  ? 233 PHE A CD1 1 
ATOM   166  C  CD2 . PHE A 1 33  ? 1.265   -9.258  2.120   1.00 20.28  ? 233 PHE A CD2 1 
ATOM   167  C  CE1 . PHE A 1 33  ? 0.539   -11.837 2.834   1.00 25.53  ? 233 PHE A CE1 1 
ATOM   168  C  CE2 . PHE A 1 33  ? 0.057   -9.477  2.759   1.00 26.80  ? 233 PHE A CE2 1 
ATOM   169  C  CZ  . PHE A 1 33  ? -0.313  -10.770 3.122   1.00 22.44  ? 233 PHE A CZ  1 
ATOM   170  N  N   . GLU A 1 34  ? 5.045   -9.730  -2.067  1.00 39.17  ? 234 GLU A N   1 
ATOM   171  C  CA  . GLU A 1 34  ? 6.244   -9.122  -2.632  1.00 43.17  ? 234 GLU A CA  1 
ATOM   172  C  C   . GLU A 1 34  ? 6.039   -7.647  -2.971  1.00 39.77  ? 234 GLU A C   1 
ATOM   173  O  O   . GLU A 1 34  ? 6.973   -6.856  -2.884  1.00 36.02  ? 234 GLU A O   1 
ATOM   174  C  CB  . GLU A 1 34  ? 6.757   -9.900  -3.840  1.00 46.41  ? 234 GLU A CB  1 
ATOM   175  C  CG  . GLU A 1 34  ? 5.833   -9.914  -5.029  1.00 60.59  ? 234 GLU A CG  1 
ATOM   176  C  CD  . GLU A 1 34  ? 6.526   -10.445 -6.266  1.00 66.65  ? 234 GLU A CD  1 
ATOM   177  O  OE1 . GLU A 1 34  ? 6.020   -11.417 -6.869  1.00 71.19  ? 234 GLU A OE1 1 
ATOM   178  O  OE2 . GLU A 1 34  ? 7.586   -9.891  -6.629  1.00 71.00  ? 234 GLU A OE2 1 
ATOM   179  N  N   . ALA A 1 35  ? 4.810   -7.275  -3.323  1.00 35.00  ? 235 ALA A N   1 
ATOM   180  C  CA  . ALA A 1 35  ? 4.498   -5.883  -3.640  1.00 32.23  ? 235 ALA A CA  1 
ATOM   181  C  C   . ALA A 1 35  ? 3.813   -5.187  -2.455  1.00 35.97  ? 235 ALA A C   1 
ATOM   182  O  O   . ALA A 1 35  ? 3.298   -4.071  -2.591  1.00 42.25  ? 235 ALA A O   1 
ATOM   183  C  CB  . ALA A 1 35  ? 3.614   -5.801  -4.884  1.00 23.88  ? 235 ALA A CB  1 
ATOM   184  N  N   . TRP A 1 36  ? 3.807   -5.843  -1.296  1.00 35.07  ? 236 TRP A N   1 
ATOM   185  C  CA  . TRP A 1 36  ? 3.176   -5.293  -0.095  1.00 31.76  ? 236 TRP A CA  1 
ATOM   186  C  C   . TRP A 1 36  ? 3.902   -4.009  0.327   1.00 32.64  ? 236 TRP A C   1 
ATOM   187  O  O   . TRP A 1 36  ? 5.131   -3.986  0.423   1.00 41.26  ? 236 TRP A O   1 
ATOM   188  C  CB  . TRP A 1 36  ? 3.208   -6.340  1.033   1.00 29.10  ? 236 TRP A CB  1 
ATOM   189  C  CG  . TRP A 1 36  ? 2.611   -5.882  2.341   1.00 26.30  ? 236 TRP A CG  1 
ATOM   190  C  CD1 . TRP A 1 36  ? 3.291   -5.593  3.484   1.00 21.42  ? 236 TRP A CD1 1 
ATOM   191  C  CD2 . TRP A 1 36  ? 1.228   -5.593  2.612   1.00 23.71  ? 236 TRP A CD2 1 
ATOM   192  N  NE1 . TRP A 1 36  ? 2.430   -5.123  4.444   1.00 21.72  ? 236 TRP A NE1 1 
ATOM   193  C  CE2 . TRP A 1 36  ? 1.158   -5.110  3.940   1.00 22.20  ? 236 TRP A CE2 1 
ATOM   194  C  CE3 . TRP A 1 36  ? 0.048   -5.684  1.863   1.00 24.84  ? 236 TRP A CE3 1 
ATOM   195  C  CZ2 . TRP A 1 36  ? -0.051  -4.714  4.539   1.00 21.70  ? 236 TRP A CZ2 1 
ATOM   196  C  CZ3 . TRP A 1 36  ? -1.162  -5.287  2.461   1.00 28.61  ? 236 TRP A CZ3 1 
ATOM   197  C  CH2 . TRP A 1 36  ? -1.196  -4.806  3.789   1.00 17.89  ? 236 TRP A CH2 1 
ATOM   198  N  N   . PRO A 1 37  ? 3.152   -2.924  0.581   1.00 27.90  ? 237 PRO A N   1 
ATOM   199  C  CA  . PRO A 1 37  ? 3.731   -1.639  0.988   1.00 26.24  ? 237 PRO A CA  1 
ATOM   200  C  C   . PRO A 1 37  ? 4.707   -1.735  2.159   1.00 31.23  ? 237 PRO A C   1 
ATOM   201  O  O   . PRO A 1 37  ? 4.308   -1.689  3.317   1.00 39.99  ? 237 PRO A O   1 
ATOM   202  C  CB  . PRO A 1 37  ? 2.500   -0.820  1.359   1.00 24.17  ? 237 PRO A CB  1 
ATOM   203  C  CG  . PRO A 1 37  ? 1.461   -1.336  0.429   1.00 26.95  ? 237 PRO A CG  1 
ATOM   204  C  CD  . PRO A 1 37  ? 1.684   -2.830  0.502   1.00 27.17  ? 237 PRO A CD  1 
ATOM   205  N  N   . ARG A 1 38  ? 5.993   -1.819  1.838   1.00 36.51  ? 238 ARG A N   1 
ATOM   206  C  CA  . ARG A 1 38  ? 7.089   -1.922  2.807   1.00 42.21  ? 238 ARG A CA  1 
ATOM   207  C  C   . ARG A 1 38  ? 7.003   -1.050  4.072   1.00 43.74  ? 238 ARG A C   1 
ATOM   208  O  O   . ARG A 1 38  ? 7.340   -1.494  5.164   1.00 42.63  ? 238 ARG A O   1 
ATOM   209  C  CB  . ARG A 1 38  ? 8.393   -1.613  2.075   1.00 38.58  ? 238 ARG A CB  1 
ATOM   210  C  CG  . ARG A 1 38  ? 9.650   -1.924  2.839   1.00 42.88  ? 238 ARG A CG  1 
ATOM   211  C  CD  . ARG A 1 38  ? 10.737  -2.300  1.854   1.00 47.00  ? 238 ARG A CD  1 
ATOM   212  N  NE  . ARG A 1 38  ? 10.280  -3.399  1.008   1.00 52.02  ? 238 ARG A NE  1 
ATOM   213  C  CZ  . ARG A 1 38  ? 11.058  -4.360  0.527   1.00 54.18  ? 238 ARG A CZ  1 
ATOM   214  N  NH1 . ARG A 1 38  ? 12.360  -4.374  0.788   1.00 56.21  ? 238 ARG A NH1 1 
ATOM   215  N  NH2 . ARG A 1 38  ? 10.514  -5.352  -0.162  1.00 57.69  ? 238 ARG A NH2 1 
ATOM   216  N  N   . ASN A 1 39  ? 6.557   0.188   3.912   1.00 51.70  ? 239 ASN A N   1 
ATOM   217  C  CA  . ASN A 1 39  ? 6.467   1.135   5.022   1.00 57.37  ? 239 ASN A CA  1 
ATOM   218  C  C   . ASN A 1 39  ? 5.416   0.797   6.075   1.00 56.68  ? 239 ASN A C   1 
ATOM   219  O  O   . ASN A 1 39  ? 5.368   1.425   7.134   1.00 62.61  ? 239 ASN A O   1 
ATOM   220  C  CB  . ASN A 1 39  ? 6.221   2.550   4.470   1.00 67.25  ? 239 ASN A CB  1 
ATOM   221  C  CG  . ASN A 1 39  ? 6.395   3.646   5.526   1.00 69.16  ? 239 ASN A CG  1 
ATOM   222  O  OD1 . ASN A 1 39  ? 7.308   3.597   6.355   1.00 72.13  ? 239 ASN A OD1 1 
ATOM   223  N  ND2 . ASN A 1 39  ? 5.554   4.674   5.452   1.00 70.19  ? 239 ASN A ND2 1 
ATOM   224  N  N   . LEU A 1 40  ? 4.556   -0.174  5.792   1.00 53.26  ? 240 LEU A N   1 
ATOM   225  C  CA  . LEU A 1 40  ? 3.521   -0.531  6.754   1.00 47.32  ? 240 LEU A CA  1 
ATOM   226  C  C   . LEU A 1 40  ? 4.075   -1.298  7.949   1.00 46.16  ? 240 LEU A C   1 
ATOM   227  O  O   . LEU A 1 40  ? 5.087   -1.997  7.845   1.00 43.50  ? 240 LEU A O   1 
ATOM   228  C  CB  . LEU A 1 40  ? 2.379   -1.301  6.083   1.00 43.20  ? 240 LEU A CB  1 
ATOM   229  C  CG  . LEU A 1 40  ? 1.244   -0.426  5.547   1.00 39.74  ? 240 LEU A CG  1 
ATOM   230  C  CD1 . LEU A 1 40  ? 1.806   0.649   4.682   1.00 44.13  ? 240 LEU A CD1 1 
ATOM   231  C  CD2 . LEU A 1 40  ? 0.252   -1.246  4.764   1.00 47.37  ? 240 LEU A CD2 1 
ATOM   232  N  N   . LYS A 1 41  ? 3.423   -1.112  9.094   1.00 42.57  ? 241 LYS A N   1 
ATOM   233  C  CA  . LYS A 1 41  ? 3.824   -1.771  10.329  1.00 39.62  ? 241 LYS A CA  1 
ATOM   234  C  C   . LYS A 1 41  ? 3.620   -3.275  10.204  1.00 37.00  ? 241 LYS A C   1 
ATOM   235  O  O   . LYS A 1 41  ? 4.462   -4.064  10.622  1.00 33.94  ? 241 LYS A O   1 
ATOM   236  C  CB  . LYS A 1 41  ? 3.014   -1.223  11.509  1.00 46.53  ? 241 LYS A CB  1 
ATOM   237  C  CG  . LYS A 1 41  ? 3.070   0.290   11.674  1.00 53.58  ? 241 LYS A CG  1 
ATOM   238  C  CD  . LYS A 1 41  ? 4.510   0.808   11.697  1.00 61.00  ? 241 LYS A CD  1 
ATOM   239  C  CE  . LYS A 1 41  ? 4.566   2.329   11.836  1.00 63.19  ? 241 LYS A CE  1 
ATOM   240  N  NZ  . LYS A 1 41  ? 5.913   2.898   11.540  1.00 64.13  ? 241 LYS A NZ  1 
ATOM   241  N  N   . GLN A 1 42  ? 2.498   -3.667  9.609   1.00 36.57  ? 242 GLN A N   1 
ATOM   242  C  CA  . GLN A 1 42  ? 2.180   -5.073  9.423   1.00 29.04  ? 242 GLN A CA  1 
ATOM   243  C  C   . GLN A 1 42  ? 3.077   -5.667  8.361   1.00 26.13  ? 242 GLN A C   1 
ATOM   244  O  O   . GLN A 1 42  ? 2.908   -5.377  7.188   1.00 31.90  ? 242 GLN A O   1 
ATOM   245  C  CB  . GLN A 1 42  ? 0.726   -5.232  8.991   1.00 29.71  ? 242 GLN A CB  1 
ATOM   246  C  CG  . GLN A 1 42  ? -0.285  -4.719  9.998   1.00 31.41  ? 242 GLN A CG  1 
ATOM   247  C  CD  . GLN A 1 42  ? -0.411  -3.216  9.990   1.00 31.00  ? 242 GLN A CD  1 
ATOM   248  O  OE1 . GLN A 1 42  ? 0.005   -2.550  9.037   1.00 32.88  ? 242 GLN A OE1 1 
ATOM   249  N  NE2 . GLN A 1 42  ? -0.980  -2.666  11.059  1.00 24.74  ? 242 GLN A NE2 1 
ATOM   250  N  N   . LYS A 1 43  ? 4.062   -6.452  8.773   1.00 27.68  ? 243 LYS A N   1 
ATOM   251  C  CA  . LYS A 1 43  ? 4.967   -7.084  7.824   1.00 33.96  ? 243 LYS A CA  1 
ATOM   252  C  C   . LYS A 1 43  ? 4.268   -8.315  7.213   1.00 38.40  ? 243 LYS A C   1 
ATOM   253  O  O   . LYS A 1 43  ? 3.343   -8.874  7.817   1.00 40.17  ? 243 LYS A O   1 
ATOM   254  C  CB  . LYS A 1 43  ? 6.280   -7.479  8.520   1.00 29.65  ? 243 LYS A CB  1 
ATOM   255  C  CG  . LYS A 1 43  ? 6.384   -8.953  8.914   1.00 41.05  ? 243 LYS A CG  1 
ATOM   256  C  CD  . LYS A 1 43  ? 7.638   -9.243  9.733   1.00 45.66  ? 243 LYS A CD  1 
ATOM   257  C  CE  . LYS A 1 43  ? 7.753   -10.721 10.082  1.00 39.86  ? 243 LYS A CE  1 
ATOM   258  N  NZ  . LYS A 1 43  ? 6.533   -11.243 10.766  1.00 35.42  ? 243 LYS A NZ  1 
ATOM   259  N  N   . PRO A 1 44  ? 4.693   -8.745  6.004   1.00 41.03  ? 244 PRO A N   1 
ATOM   260  C  CA  . PRO A 1 44  ? 4.119   -9.903  5.307   1.00 41.73  ? 244 PRO A CA  1 
ATOM   261  C  C   . PRO A 1 44  ? 4.037   -11.194 6.131   1.00 40.99  ? 244 PRO A C   1 
ATOM   262  O  O   . PRO A 1 44  ? 2.981   -11.816 6.190   1.00 38.82  ? 244 PRO A O   1 
ATOM   263  C  CB  . PRO A 1 44  ? 5.045   -10.056 4.104   1.00 35.34  ? 244 PRO A CB  1 
ATOM   264  C  CG  . PRO A 1 44  ? 5.330   -8.651  3.764   1.00 39.87  ? 244 PRO A CG  1 
ATOM   265  C  CD  . PRO A 1 44  ? 5.662   -8.064  5.126   1.00 42.20  ? 244 PRO A CD  1 
ATOM   266  N  N   . HIS A 1 45  ? 5.130   -11.587 6.780   1.00 43.91  ? 245 HIS A N   1 
ATOM   267  C  CA  . HIS A 1 45  ? 5.118   -12.807 7.584   1.00 49.13  ? 245 HIS A CA  1 
ATOM   268  C  C   . HIS A 1 45  ? 4.005   -12.793 8.631   1.00 46.67  ? 245 HIS A C   1 
ATOM   269  O  O   . HIS A 1 45  ? 3.436   -13.833 8.953   1.00 41.82  ? 245 HIS A O   1 
ATOM   270  C  CB  . HIS A 1 45  ? 6.465   -13.034 8.257   1.00 57.45  ? 245 HIS A CB  1 
ATOM   271  C  CG  . HIS A 1 45  ? 7.322   -14.045 7.564   1.00 73.03  ? 245 HIS A CG  1 
ATOM   272  N  ND1 . HIS A 1 45  ? 8.453   -13.704 6.852   1.00 80.14  ? 245 HIS A ND1 1 
ATOM   273  C  CD2 . HIS A 1 45  ? 7.224   -15.394 7.491   1.00 74.23  ? 245 HIS A CD2 1 
ATOM   274  C  CE1 . HIS A 1 45  ? 9.017   -14.799 6.370   1.00 78.95  ? 245 HIS A CE1 1 
ATOM   275  N  NE2 . HIS A 1 45  ? 8.291   -15.837 6.744   1.00 76.46  ? 245 HIS A NE2 1 
ATOM   276  N  N   . GLN A 1 46  ? 3.707   -11.612 9.160   1.00 37.55  ? 246 GLN A N   1 
ATOM   277  C  CA  . GLN A 1 46  ? 2.650   -11.469 10.142  1.00 33.33  ? 246 GLN A CA  1 
ATOM   278  C  C   . GLN A 1 46  ? 1.310   -11.741 9.469   1.00 32.96  ? 246 GLN A C   1 
ATOM   279  O  O   . GLN A 1 46  ? 0.633   -12.716 9.788   1.00 38.30  ? 246 GLN A O   1 
ATOM   280  C  CB  . GLN A 1 46  ? 2.641   -10.057 10.724  1.00 33.72  ? 246 GLN A CB  1 
ATOM   281  C  CG  . GLN A 1 46  ? 3.746   -9.782  11.718  1.00 35.47  ? 246 GLN A CG  1 
ATOM   282  C  CD  . GLN A 1 46  ? 4.073   -8.303  11.825  1.00 40.18  ? 246 GLN A CD  1 
ATOM   283  O  OE1 . GLN A 1 46  ? 5.234   -7.921  11.734  1.00 48.12  ? 246 GLN A OE1 1 
ATOM   284  N  NE2 . GLN A 1 46  ? 3.053   -7.464  11.989  1.00 35.72  ? 246 GLN A NE2 1 
ATOM   285  N  N   . LEU A 1 47  ? 0.943   -10.886 8.519   1.00 29.32  ? 247 LEU A N   1 
ATOM   286  C  CA  . LEU A 1 47  ? -0.317  -11.016 7.797   1.00 25.92  ? 247 LEU A CA  1 
ATOM   287  C  C   . LEU A 1 47  ? -0.533  -12.437 7.260   1.00 28.06  ? 247 LEU A C   1 
ATOM   288  O  O   . LEU A 1 47  ? -1.651  -12.962 7.287   1.00 24.25  ? 247 LEU A O   1 
ATOM   289  C  CB  . LEU A 1 47  ? -0.353  -10.000 6.660   1.00 18.20  ? 247 LEU A CB  1 
ATOM   290  C  CG  . LEU A 1 47  ? -0.501  -8.552  7.109   1.00 21.38  ? 247 LEU A CG  1 
ATOM   291  C  CD1 . LEU A 1 47  ? 0.289   -7.650  6.207   1.00 23.45  ? 247 LEU A CD1 1 
ATOM   292  C  CD2 . LEU A 1 47  ? -1.955  -8.158  7.125   1.00 16.13  ? 247 LEU A CD2 1 
ATOM   293  N  N   . ALA A 1 48  ? 0.554   -13.058 6.818   1.00 23.50  ? 248 ALA A N   1 
ATOM   294  C  CA  . ALA A 1 48  ? 0.525   -14.408 6.281   1.00 25.83  ? 248 ALA A CA  1 
ATOM   295  C  C   . ALA A 1 48  ? 0.111   -15.415 7.358   1.00 30.35  ? 248 ALA A C   1 
ATOM   296  O  O   . ALA A 1 48  ? -0.799  -16.221 7.144   1.00 33.83  ? 248 ALA A O   1 
ATOM   297  C  CB  . ALA A 1 48  ? 1.898   -14.777 5.700   1.00 15.83  ? 248 ALA A CB  1 
ATOM   298  N  N   . GLU A 1 49  ? 0.777   -15.364 8.510   1.00 28.47  ? 249 GLU A N   1 
ATOM   299  C  CA  . GLU A 1 49  ? 0.477   -16.276 9.607   1.00 22.10  ? 249 GLU A CA  1 
ATOM   300  C  C   . GLU A 1 49  ? -0.957  -16.130 10.079  1.00 18.34  ? 249 GLU A C   1 
ATOM   301  O  O   . GLU A 1 49  ? -1.571  -17.102 10.502  1.00 26.48  ? 249 GLU A O   1 
ATOM   302  C  CB  . GLU A 1 49  ? 1.436   -16.056 10.769  1.00 18.27  ? 249 GLU A CB  1 
ATOM   303  C  CG  . GLU A 1 49  ? 2.856   -16.483 10.467  1.00 36.44  ? 249 GLU A CG  1 
ATOM   304  C  CD  . GLU A 1 49  ? 3.862   -15.894 11.439  1.00 48.68  ? 249 GLU A CD  1 
ATOM   305  O  OE1 . GLU A 1 49  ? 3.489   -15.652 12.612  1.00 50.42  ? 249 GLU A OE1 1 
ATOM   306  O  OE2 . GLU A 1 49  ? 5.022   -15.663 11.024  1.00 50.15  ? 249 GLU A OE2 1 
ATOM   307  N  N   . ALA A 1 50  ? -1.507  -14.928 9.971   1.00 13.21  ? 250 ALA A N   1 
ATOM   308  C  CA  . ALA A 1 50  ? -2.878  -14.676 10.390  1.00 12.27  ? 250 ALA A CA  1 
ATOM   309  C  C   . ALA A 1 50  ? -3.901  -15.118 9.349   1.00 18.70  ? 250 ALA A C   1 
ATOM   310  O  O   . ALA A 1 50  ? -5.065  -14.709 9.412   1.00 16.00  ? 250 ALA A O   1 
ATOM   311  C  CB  . ALA A 1 50  ? -3.076  -13.210 10.722  1.00 10.65  ? 250 ALA A CB  1 
ATOM   312  N  N   . GLY A 1 51  ? -3.455  -15.915 8.379   1.00 22.21  ? 251 GLY A N   1 
ATOM   313  C  CA  . GLY A 1 51  ? -4.330  -16.430 7.335   1.00 32.02  ? 251 GLY A CA  1 
ATOM   314  C  C   . GLY A 1 51  ? -4.657  -15.515 6.161   1.00 35.30  ? 251 GLY A C   1 
ATOM   315  O  O   . GLY A 1 51  ? -5.608  -15.791 5.406   1.00 42.29  ? 251 GLY A O   1 
ATOM   316  N  N   . PHE A 1 52  ? -3.856  -14.469 5.967   1.00 28.44  ? 252 PHE A N   1 
ATOM   317  C  CA  . PHE A 1 52  ? -4.093  -13.501 4.904   1.00 17.73  ? 252 PHE A CA  1 
ATOM   318  C  C   . PHE A 1 52  ? -3.132  -13.612 3.732   1.00 25.13  ? 252 PHE A C   1 
ATOM   319  O  O   . PHE A 1 52  ? -1.975  -14.011 3.895   1.00 26.02  ? 252 PHE A O   1 
ATOM   320  C  CB  . PHE A 1 52  ? -3.956  -12.089 5.457   1.00 19.42  ? 252 PHE A CB  1 
ATOM   321  C  CG  . PHE A 1 52  ? -5.013  -11.706 6.450   1.00 23.48  ? 252 PHE A CG  1 
ATOM   322  C  CD1 . PHE A 1 52  ? -4.682  -11.494 7.786   1.00 22.14  ? 252 PHE A CD1 1 
ATOM   323  C  CD2 . PHE A 1 52  ? -6.320  -11.458 6.035   1.00 20.13  ? 252 PHE A CD2 1 
ATOM   324  C  CE1 . PHE A 1 52  ? -5.637  -11.030 8.693   1.00 22.23  ? 252 PHE A CE1 1 
ATOM   325  C  CE2 . PHE A 1 52  ? -7.277  -10.996 6.935   1.00 22.96  ? 252 PHE A CE2 1 
ATOM   326  C  CZ  . PHE A 1 52  ? -6.933  -10.780 8.264   1.00 22.82  ? 252 PHE A CZ  1 
ATOM   327  N  N   . PHE A 1 53  ? -3.619  -13.243 2.547   1.00 25.38  ? 253 PHE A N   1 
ATOM   328  C  CA  . PHE A 1 53  ? -2.801  -13.223 1.336   1.00 28.02  ? 253 PHE A CA  1 
ATOM   329  C  C   . PHE A 1 53  ? -3.058  -11.861 0.670   1.00 26.69  ? 253 PHE A C   1 
ATOM   330  O  O   . PHE A 1 53  ? -4.112  -11.243 0.895   1.00 25.51  ? 253 PHE A O   1 
ATOM   331  C  CB  . PHE A 1 53  ? -3.108  -14.410 0.399   1.00 29.38  ? 253 PHE A CB  1 
ATOM   332  C  CG  . PHE A 1 53  ? -4.482  -14.372 -0.233  1.00 35.45  ? 253 PHE A CG  1 
ATOM   333  C  CD1 . PHE A 1 53  ? -4.701  -13.677 -1.425  1.00 27.16  ? 253 PHE A CD1 1 
ATOM   334  C  CD2 . PHE A 1 53  ? -5.548  -15.045 0.355   1.00 32.52  ? 253 PHE A CD2 1 
ATOM   335  C  CE1 . PHE A 1 53  ? -5.957  -13.650 -2.017  1.00 32.07  ? 253 PHE A CE1 1 
ATOM   336  C  CE2 . PHE A 1 53  ? -6.814  -15.024 -0.234  1.00 38.69  ? 253 PHE A CE2 1 
ATOM   337  C  CZ  . PHE A 1 53  ? -7.019  -14.326 -1.420  1.00 36.85  ? 253 PHE A CZ  1 
ATOM   338  N  N   . TYR A 1 54  ? -2.082  -11.369 -0.094  1.00 25.15  ? 254 TYR A N   1 
ATOM   339  C  CA  . TYR A 1 54  ? -2.188  -10.062 -0.743  1.00 23.93  ? 254 TYR A CA  1 
ATOM   340  C  C   . TYR A 1 54  ? -3.021  -10.006 -2.016  1.00 24.16  ? 254 TYR A C   1 
ATOM   341  O  O   . TYR A 1 54  ? -2.814  -10.792 -2.943  1.00 25.26  ? 254 TYR A O   1 
ATOM   342  C  CB  . TYR A 1 54  ? -0.793  -9.506  -1.024  1.00 23.51  ? 254 TYR A CB  1 
ATOM   343  C  CG  . TYR A 1 54  ? -0.774  -8.040  -1.405  1.00 26.87  ? 254 TYR A CG  1 
ATOM   344  C  CD1 . TYR A 1 54  ? -1.827  -7.190  -1.050  1.00 22.06  ? 254 TYR A CD1 1 
ATOM   345  C  CD2 . TYR A 1 54  ? 0.295   -7.502  -2.121  1.00 24.07  ? 254 TYR A CD2 1 
ATOM   346  C  CE1 . TYR A 1 54  ? -1.818  -5.851  -1.398  1.00 20.78  ? 254 TYR A CE1 1 
ATOM   347  C  CE2 . TYR A 1 54  ? 0.311   -6.159  -2.475  1.00 21.93  ? 254 TYR A CE2 1 
ATOM   348  C  CZ  . TYR A 1 54  ? -0.751  -5.343  -2.114  1.00 23.44  ? 254 TYR A CZ  1 
ATOM   349  O  OH  . TYR A 1 54  ? -0.779  -4.033  -2.518  1.00 28.20  ? 254 TYR A OH  1 
ATOM   350  N  N   . THR A 1 55  ? -3.923  -9.030  -2.065  1.00 26.36  ? 255 THR A N   1 
ATOM   351  C  CA  . THR A 1 55  ? -4.806  -8.792  -3.210  1.00 24.07  ? 255 THR A CA  1 
ATOM   352  C  C   . THR A 1 55  ? -4.051  -8.086  -4.348  1.00 30.41  ? 255 THR A C   1 
ATOM   353  O  O   . THR A 1 55  ? -4.571  -7.942  -5.454  1.00 34.86  ? 255 THR A O   1 
ATOM   354  C  CB  . THR A 1 55  ? -6.003  -7.923  -2.747  1.00 27.90  ? 255 THR A CB  1 
ATOM   355  O  OG1 . THR A 1 55  ? -6.829  -8.704  -1.874  1.00 31.78  ? 255 THR A OG1 1 
ATOM   356  C  CG2 . THR A 1 55  ? -6.833  -7.382  -3.905  1.00 24.11  ? 255 THR A CG2 1 
ATOM   357  N  N   . GLY A 1 56  ? -2.818  -7.656  -4.077  1.00 31.03  ? 256 GLY A N   1 
ATOM   358  C  CA  . GLY A 1 56  ? -2.025  -6.964  -5.081  1.00 22.92  ? 256 GLY A CA  1 
ATOM   359  C  C   . GLY A 1 56  ? -2.357  -5.484  -5.191  1.00 28.55  ? 256 GLY A C   1 
ATOM   360  O  O   . GLY A 1 56  ? -1.582  -4.709  -5.735  1.00 38.39  ? 256 GLY A O   1 
ATOM   361  N  N   . VAL A 1 57  ? -3.482  -5.082  -4.625  1.00 26.08  ? 257 VAL A N   1 
ATOM   362  C  CA  . VAL A 1 57  ? -3.924  -3.698  -4.666  1.00 28.91  ? 257 VAL A CA  1 
ATOM   363  C  C   . VAL A 1 57  ? -3.816  -3.020  -3.307  1.00 31.90  ? 257 VAL A C   1 
ATOM   364  O  O   . VAL A 1 57  ? -4.306  -3.550  -2.315  1.00 40.87  ? 257 VAL A O   1 
ATOM   365  C  CB  . VAL A 1 57  ? -5.400  -3.646  -5.105  1.00 26.82  ? 257 VAL A CB  1 
ATOM   366  C  CG1 . VAL A 1 57  ? -5.929  -2.227  -5.068  1.00 29.58  ? 257 VAL A CG1 1 
ATOM   367  C  CG2 . VAL A 1 57  ? -5.545  -4.246  -6.489  1.00 30.10  ? 257 VAL A CG2 1 
ATOM   368  N  N   . GLY A 1 58  ? -3.194  -1.845  -3.267  1.00 35.61  ? 258 GLY A N   1 
ATOM   369  C  CA  . GLY A 1 58  ? -3.067  -1.085  -2.025  1.00 30.89  ? 258 GLY A CA  1 
ATOM   370  C  C   . GLY A 1 58  ? -2.605  -1.853  -0.800  1.00 29.25  ? 258 GLY A C   1 
ATOM   371  O  O   . GLY A 1 58  ? -1.489  -2.365  -0.774  1.00 26.84  ? 258 GLY A O   1 
ATOM   372  N  N   . ASP A 1 59  ? -3.444  -1.894  0.234   1.00 28.22  ? 259 ASP A N   1 
ATOM   373  C  CA  . ASP A 1 59  ? -3.119  -2.627  1.467   1.00 33.48  ? 259 ASP A CA  1 
ATOM   374  C  C   . ASP A 1 59  ? -4.211  -3.645  1.803   1.00 32.94  ? 259 ASP A C   1 
ATOM   375  O  O   . ASP A 1 59  ? -4.346  -4.087  2.943   1.00 41.73  ? 259 ASP A O   1 
ATOM   376  C  CB  . ASP A 1 59  ? -2.901  -1.667  2.650   1.00 25.25  ? 259 ASP A CB  1 
ATOM   377  C  CG  . ASP A 1 59  ? -4.193  -1.022  3.158   1.00 26.43  ? 259 ASP A CG  1 
ATOM   378  O  OD1 . ASP A 1 59  ? -5.194  -0.896  2.414   1.00 28.53  ? 259 ASP A OD1 1 
ATOM   379  O  OD2 . ASP A 1 59  ? -4.190  -0.609  4.329   1.00 26.71  ? 259 ASP A OD2 1 
ATOM   380  N  N   . ARG A 1 60  ? -4.976  -4.009  0.782   1.00 29.87  ? 260 ARG A N   1 
ATOM   381  C  CA  . ARG A 1 60  ? -6.082  -4.945  0.891   1.00 23.76  ? 260 ARG A CA  1 
ATOM   382  C  C   . ARG A 1 60  ? -5.634  -6.407  0.861   1.00 26.76  ? 260 ARG A C   1 
ATOM   383  O  O   . ARG A 1 60  ? -4.895  -6.826  -0.039  1.00 31.46  ? 260 ARG A O   1 
ATOM   384  C  CB  . ARG A 1 60  ? -7.054  -4.673  -0.251  1.00 22.03  ? 260 ARG A CB  1 
ATOM   385  C  CG  . ARG A 1 60  ? -7.523  -3.240  -0.263  1.00 22.53  ? 260 ARG A CG  1 
ATOM   386  C  CD  . ARG A 1 60  ? -7.878  -2.753  -1.647  1.00 20.00  ? 260 ARG A CD  1 
ATOM   387  N  NE  . ARG A 1 60  ? -8.341  -1.373  -1.580  1.00 22.32  ? 260 ARG A NE  1 
ATOM   388  C  CZ  . ARG A 1 60  ? -9.501  -0.954  -2.071  1.00 27.90  ? 260 ARG A CZ  1 
ATOM   389  N  NH1 . ARG A 1 60  ? -10.300 -1.813  -2.679  1.00 32.93  ? 260 ARG A NH1 1 
ATOM   390  N  NH2 . ARG A 1 60  ? -9.901  0.298   -1.885  1.00 27.05  ? 260 ARG A NH2 1 
ATOM   391  N  N   . VAL A 1 61  ? -6.058  -7.169  1.865   1.00 22.30  ? 261 VAL A N   1 
ATOM   392  C  CA  . VAL A 1 61  ? -5.724  -8.584  1.952   1.00 21.72  ? 261 VAL A CA  1 
ATOM   393  C  C   . VAL A 1 61  ? -7.000  -9.410  2.144   1.00 23.32  ? 261 VAL A C   1 
ATOM   394  O  O   . VAL A 1 61  ? -8.054  -8.870  2.513   1.00 15.35  ? 261 VAL A O   1 
ATOM   395  C  CB  . VAL A 1 61  ? -4.740  -8.870  3.114   1.00 19.03  ? 261 VAL A CB  1 
ATOM   396  C  CG1 . VAL A 1 61  ? -3.406  -8.211  2.840   1.00 18.48  ? 261 VAL A CG1 1 
ATOM   397  C  CG2 . VAL A 1 61  ? -5.319  -8.392  4.446   1.00 17.79  ? 261 VAL A CG2 1 
ATOM   398  N  N   . ARG A 1 62  ? -6.917  -10.704 1.843   1.00 17.56  ? 262 ARG A N   1 
ATOM   399  C  CA  . ARG A 1 62  ? -8.050  -11.602 2.012   1.00 26.00  ? 262 ARG A CA  1 
ATOM   400  C  C   . ARG A 1 62  ? -7.596  -12.869 2.677   1.00 29.13  ? 262 ARG A C   1 
ATOM   401  O  O   . ARG A 1 62  ? -6.447  -13.285 2.506   1.00 27.91  ? 262 ARG A O   1 
ATOM   402  C  CB  . ARG A 1 62  ? -8.724  -11.934 0.686   1.00 26.12  ? 262 ARG A CB  1 
ATOM   403  C  CG  . ARG A 1 62  ? -9.637  -10.844 0.224   1.00 24.95  ? 262 ARG A CG  1 
ATOM   404  C  CD  . ARG A 1 62  ? -10.524 -11.300 -0.893  1.00 26.51  ? 262 ARG A CD  1 
ATOM   405  N  NE  . ARG A 1 62  ? -11.279 -10.170 -1.426  1.00 27.83  ? 262 ARG A NE  1 
ATOM   406  C  CZ  . ARG A 1 62  ? -12.312 -9.595  -0.816  1.00 30.38  ? 262 ARG A CZ  1 
ATOM   407  N  NH1 . ARG A 1 62  ? -12.738 -10.035 0.365   1.00 31.44  ? 262 ARG A NH1 1 
ATOM   408  N  NH2 . ARG A 1 62  ? -12.937 -8.582  -1.401  1.00 34.60  ? 262 ARG A NH2 1 
ATOM   409  N  N   . CYS A 1 63  ? -8.499  -13.462 3.451   1.00 32.61  ? 263 CYS A N   1 
ATOM   410  C  CA  . CYS A 1 63  ? -8.216  -14.692 4.182   1.00 28.48  ? 263 CYS A CA  1 
ATOM   411  C  C   . CYS A 1 63  ? -8.511  -15.880 3.290   1.00 25.73  ? 263 CYS A C   1 
ATOM   412  O  O   . CYS A 1 63  ? -9.562  -15.920 2.654   1.00 24.70  ? 263 CYS A O   1 
ATOM   413  C  CB  . CYS A 1 63  ? -9.088  -14.761 5.439   1.00 26.43  ? 263 CYS A CB  1 
ATOM   414  S  SG  . CYS A 1 63  ? -8.830  -16.226 6.507   1.00 22.16  ? 263 CYS A SG  1 
ATOM   415  N  N   . PHE A 1 64  ? -7.617  -16.865 3.292   1.00 26.60  ? 264 PHE A N   1 
ATOM   416  C  CA  . PHE A 1 64  ? -7.808  -18.053 2.470   1.00 28.74  ? 264 PHE A CA  1 
ATOM   417  C  C   . PHE A 1 64  ? -9.006  -18.892 2.912   1.00 34.38  ? 264 PHE A C   1 
ATOM   418  O  O   . PHE A 1 64  ? -9.612  -19.577 2.095   1.00 35.60  ? 264 PHE A O   1 
ATOM   419  C  CB  . PHE A 1 64  ? -6.547  -18.911 2.451   1.00 30.21  ? 264 PHE A CB  1 
ATOM   420  C  CG  . PHE A 1 64  ? -6.394  -19.806 3.646   1.00 35.56  ? 264 PHE A CG  1 
ATOM   421  C  CD1 . PHE A 1 64  ? -6.737  -21.148 3.569   1.00 39.27  ? 264 PHE A CD1 1 
ATOM   422  C  CD2 . PHE A 1 64  ? -5.850  -19.329 4.827   1.00 42.01  ? 264 PHE A CD2 1 
ATOM   423  C  CE1 . PHE A 1 64  ? -6.536  -21.999 4.647   1.00 35.43  ? 264 PHE A CE1 1 
ATOM   424  C  CE2 . PHE A 1 64  ? -5.646  -20.182 5.914   1.00 37.69  ? 264 PHE A CE2 1 
ATOM   425  C  CZ  . PHE A 1 64  ? -5.988  -21.515 5.818   1.00 28.17  ? 264 PHE A CZ  1 
ATOM   426  N  N   . SER A 1 65  ? -9.325  -18.870 4.204   1.00 34.38  ? 265 SER A N   1 
ATOM   427  C  CA  . SER A 1 65  ? -10.462 -19.643 4.697   1.00 30.35  ? 265 SER A CA  1 
ATOM   428  C  C   . SER A 1 65  ? -11.795 -18.934 4.588   1.00 23.98  ? 265 SER A C   1 
ATOM   429  O  O   . SER A 1 65  ? -12.693 -19.433 3.935   1.00 30.43  ? 265 SER A O   1 
ATOM   430  C  CB  . SER A 1 65  ? -10.231 -20.125 6.123   1.00 29.49  ? 265 SER A CB  1 
ATOM   431  O  OG  . SER A 1 65  ? -9.747  -19.065 6.920   1.00 47.78  ? 265 SER A OG  1 
ATOM   432  N  N   . CYS A 1 66  ? -11.917 -17.746 5.171   1.00 21.07  ? 266 CYS A N   1 
ATOM   433  C  CA  . CYS A 1 66  ? -13.197 -17.036 5.114   1.00 17.13  ? 266 CYS A CA  1 
ATOM   434  C  C   . CYS A 1 66  ? -13.408 -16.075 3.950   1.00 23.65  ? 266 CYS A C   1 
ATOM   435  O  O   . CYS A 1 66  ? -14.505 -15.534 3.807   1.00 27.84  ? 266 CYS A O   1 
ATOM   436  C  CB  . CYS A 1 66  ? -13.499 -16.303 6.431   1.00 27.46  ? 266 CYS A CB  1 
ATOM   437  S  SG  . CYS A 1 66  ? -12.515 -14.786 6.836   1.00 26.27  ? 266 CYS A SG  1 
ATOM   438  N  N   . GLY A 1 67  ? -12.353 -15.801 3.182   1.00 22.82  ? 267 GLY A N   1 
ATOM   439  C  CA  . GLY A 1 67  ? -12.464 -14.892 2.053   1.00 22.14  ? 267 GLY A CA  1 
ATOM   440  C  C   . GLY A 1 67  ? -12.736 -13.450 2.438   1.00 27.02  ? 267 GLY A C   1 
ATOM   441  O  O   . GLY A 1 67  ? -13.014 -12.604 1.580   1.00 27.48  ? 267 GLY A O   1 
ATOM   442  N  N   . GLY A 1 68  ? -12.681 -13.174 3.737   1.00 29.89  ? 268 GLY A N   1 
ATOM   443  C  CA  . GLY A 1 68  ? -12.906 -11.827 4.227   1.00 20.26  ? 268 GLY A CA  1 
ATOM   444  C  C   . GLY A 1 68  ? -11.704 -10.975 3.901   1.00 19.73  ? 268 GLY A C   1 
ATOM   445  O  O   . GLY A 1 68  ? -10.558 -11.442 3.962   1.00 16.45  ? 268 GLY A O   1 
ATOM   446  N  N   . GLY A 1 69  ? -11.965 -9.735  3.520   1.00 23.17  ? 269 GLY A N   1 
ATOM   447  C  CA  . GLY A 1 69  ? -10.878 -8.840  3.179   1.00 32.88  ? 269 GLY A CA  1 
ATOM   448  C  C   . GLY A 1 69  ? -10.801 -7.638  4.096   1.00 36.19  ? 269 GLY A C   1 
ATOM   449  O  O   . GLY A 1 69  ? -11.823 -7.018  4.410   1.00 39.00  ? 269 GLY A O   1 
ATOM   450  N  N   . LEU A 1 70  ? -9.588  -7.316  4.532   1.00 39.05  ? 270 LEU A N   1 
ATOM   451  C  CA  . LEU A 1 70  ? -9.347  -6.173  5.415   1.00 40.92  ? 270 LEU A CA  1 
ATOM   452  C  C   . LEU A 1 70  ? -8.352  -5.222  4.735   1.00 40.78  ? 270 LEU A C   1 
ATOM   453  O  O   . LEU A 1 70  ? -7.427  -5.659  4.041   1.00 40.76  ? 270 LEU A O   1 
ATOM   454  C  CB  . LEU A 1 70  ? -8.768  -6.638  6.763   1.00 39.83  ? 270 LEU A CB  1 
ATOM   455  C  CG  . LEU A 1 70  ? -9.547  -7.572  7.693   1.00 33.03  ? 270 LEU A CG  1 
ATOM   456  C  CD1 . LEU A 1 70  ? -8.681  -7.905  8.890   1.00 29.42  ? 270 LEU A CD1 1 
ATOM   457  C  CD2 . LEU A 1 70  ? -10.838 -6.926  8.146   1.00 26.53  ? 270 LEU A CD2 1 
ATOM   458  N  N   . MET A 1 71  ? -8.521  -3.930  4.973   1.00 38.20  ? 271 MET A N   1 
ATOM   459  C  CA  . MET A 1 71  ? -7.657  -2.917  4.379   1.00 40.29  ? 271 MET A CA  1 
ATOM   460  C  C   . MET A 1 71  ? -7.508  -1.785  5.385   1.00 40.08  ? 271 MET A C   1 
ATOM   461  O  O   . MET A 1 71  ? -7.828  -1.959  6.556   1.00 41.19  ? 271 MET A O   1 
ATOM   462  C  CB  . MET A 1 71  ? -8.299  -2.387  3.092   1.00 38.68  ? 271 MET A CB  1 
ATOM   463  C  CG  . MET A 1 71  ? -9.667  -1.761  3.314   1.00 28.47  ? 271 MET A CG  1 
ATOM   464  S  SD  . MET A 1 71  ? -10.504 -1.304  1.789   1.00 37.33  ? 271 MET A SD  1 
ATOM   465  C  CE  . MET A 1 71  ? -11.886 -0.336  2.413   1.00 17.45  ? 271 MET A CE  1 
ATOM   466  N  N   . ASP A 1 72  ? -7.039  -0.627  4.923   1.00 40.90  ? 272 ASP A N   1 
ATOM   467  C  CA  . ASP A 1 72  ? -6.851  0.545   5.779   1.00 39.13  ? 272 ASP A CA  1 
ATOM   468  C  C   . ASP A 1 72  ? -6.118  0.240   7.084   1.00 37.11  ? 272 ASP A C   1 
ATOM   469  O  O   . ASP A 1 72  ? -6.424  0.813   8.122   1.00 39.50  ? 272 ASP A O   1 
ATOM   470  C  CB  . ASP A 1 72  ? -8.202  1.215   6.065   1.00 39.01  ? 272 ASP A CB  1 
ATOM   471  C  CG  . ASP A 1 72  ? -8.850  1.792   4.811   1.00 39.31  ? 272 ASP A CG  1 
ATOM   472  O  OD1 . ASP A 1 72  ? -8.141  1.974   3.796   1.00 50.28  ? 272 ASP A OD1 1 
ATOM   473  O  OD2 . ASP A 1 72  ? -10.071 2.076   4.835   1.00 41.70  ? 272 ASP A OD2 1 
ATOM   474  N  N   . TRP A 1 73  ? -5.132  -0.645  7.007   1.00 37.45  ? 273 TRP A N   1 
ATOM   475  C  CA  . TRP A 1 73  ? -4.339  -1.049  8.158   1.00 42.60  ? 273 TRP A CA  1 
ATOM   476  C  C   . TRP A 1 73  ? -3.636  0.084   8.882   1.00 48.73  ? 273 TRP A C   1 
ATOM   477  O  O   . TRP A 1 73  ? -2.643  0.620   8.395   1.00 51.78  ? 273 TRP A O   1 
ATOM   478  C  CB  . TRP A 1 73  ? -3.310  -2.089  7.739   1.00 41.27  ? 273 TRP A CB  1 
ATOM   479  C  CG  . TRP A 1 73  ? -3.928  -3.383  7.359   1.00 50.65  ? 273 TRP A CG  1 
ATOM   480  C  CD1 . TRP A 1 73  ? -4.436  -3.729  6.137   1.00 50.54  ? 273 TRP A CD1 1 
ATOM   481  C  CD2 . TRP A 1 73  ? -4.094  -4.526  8.202   1.00 52.89  ? 273 TRP A CD2 1 
ATOM   482  N  NE1 . TRP A 1 73  ? -4.903  -5.016  6.168   1.00 50.68  ? 273 TRP A NE1 1 
ATOM   483  C  CE2 . TRP A 1 73  ? -4.705  -5.531  7.424   1.00 53.38  ? 273 TRP A CE2 1 
ATOM   484  C  CE3 . TRP A 1 73  ? -3.781  -4.798  9.542   1.00 52.31  ? 273 TRP A CE3 1 
ATOM   485  C  CZ2 . TRP A 1 73  ? -5.010  -6.795  7.943   1.00 54.48  ? 273 TRP A CZ2 1 
ATOM   486  C  CZ3 . TRP A 1 73  ? -4.083  -6.052  10.057  1.00 55.14  ? 273 TRP A CZ3 1 
ATOM   487  C  CH2 . TRP A 1 73  ? -4.691  -7.036  9.257   1.00 56.78  ? 273 TRP A CH2 1 
ATOM   488  N  N   . ASN A 1 74  ? -4.140  0.406   10.070  1.00 55.62  ? 274 ASN A N   1 
ATOM   489  C  CA  . ASN A 1 74  ? -3.581  1.453   10.915  1.00 57.47  ? 274 ASN A CA  1 
ATOM   490  C  C   . ASN A 1 74  ? -2.409  0.922   11.753  1.00 56.41  ? 274 ASN A C   1 
ATOM   491  O  O   . ASN A 1 74  ? -2.236  -0.290  11.884  1.00 56.38  ? 274 ASN A O   1 
ATOM   492  C  CB  . ASN A 1 74  ? -4.664  2.001   11.837  1.00 63.71  ? 274 ASN A CB  1 
ATOM   493  C  CG  . ASN A 1 74  ? -4.187  3.178   12.643  1.00 74.84  ? 274 ASN A CG  1 
ATOM   494  O  OD1 . ASN A 1 74  ? -3.576  3.017   13.700  1.00 82.02  ? 274 ASN A OD1 1 
ATOM   495  N  ND2 . ASN A 1 74  ? -4.411  4.375   12.122  1.00 80.31  ? 274 ASN A ND2 1 
ATOM   496  N  N   . ASP A 1 75  ? -1.622  1.834   12.324  1.00 56.79  ? 275 ASP A N   1 
ATOM   497  C  CA  . ASP A 1 75  ? -0.457  1.497   13.151  1.00 57.87  ? 275 ASP A CA  1 
ATOM   498  C  C   . ASP A 1 75  ? -0.749  0.557   14.317  1.00 57.35  ? 275 ASP A C   1 
ATOM   499  O  O   . ASP A 1 75  ? 0.075   -0.285  14.673  1.00 51.68  ? 275 ASP A O   1 
ATOM   500  C  CB  . ASP A 1 75  ? 0.159   2.770   13.742  1.00 62.05  ? 275 ASP A CB  1 
ATOM   501  C  CG  . ASP A 1 75  ? 0.720   3.700   12.690  1.00 66.78  ? 275 ASP A CG  1 
ATOM   502  O  OD1 . ASP A 1 75  ? 1.530   3.237   11.861  1.00 68.91  ? 275 ASP A OD1 1 
ATOM   503  O  OD2 . ASP A 1 75  ? 0.362   4.899   12.709  1.00 66.41  ? 275 ASP A OD2 1 
ATOM   504  N  N   . ASN A 1 76  ? -1.910  0.745   14.929  1.00 57.60  ? 276 ASN A N   1 
ATOM   505  C  CA  . ASN A 1 76  ? -2.330  -0.037  16.086  1.00 60.20  ? 276 ASN A CA  1 
ATOM   506  C  C   . ASN A 1 76  ? -2.957  -1.395  15.770  1.00 58.64  ? 276 ASN A C   1 
ATOM   507  O  O   . ASN A 1 76  ? -3.491  -2.051  16.666  1.00 64.58  ? 276 ASN A O   1 
ATOM   508  C  CB  . ASN A 1 76  ? -3.326  0.792   16.903  1.00 62.12  ? 276 ASN A CB  1 
ATOM   509  C  CG  . ASN A 1 76  ? -4.557  1.197   16.092  1.00 68.65  ? 276 ASN A CG  1 
ATOM   510  O  OD1 . ASN A 1 76  ? -4.665  0.884   14.899  1.00 68.17  ? 276 ASN A OD1 1 
ATOM   511  N  ND2 . ASN A 1 76  ? -5.482  1.906   16.729  1.00 66.93  ? 276 ASN A ND2 1 
ATOM   512  N  N   . ASP A 1 77  ? -2.891  -1.831  14.516  1.00 55.82  ? 277 ASP A N   1 
ATOM   513  C  CA  . ASP A 1 77  ? -3.509  -3.096  14.128  1.00 47.18  ? 277 ASP A CA  1 
ATOM   514  C  C   . ASP A 1 77  ? -2.615  -4.321  14.157  1.00 47.12  ? 277 ASP A C   1 
ATOM   515  O  O   . ASP A 1 77  ? -1.461  -4.279  13.730  1.00 49.54  ? 277 ASP A O   1 
ATOM   516  C  CB  . ASP A 1 77  ? -4.143  -2.985  12.735  1.00 44.40  ? 277 ASP A CB  1 
ATOM   517  C  CG  . ASP A 1 77  ? -5.272  -1.963  12.671  1.00 45.17  ? 277 ASP A CG  1 
ATOM   518  O  OD1 . ASP A 1 77  ? -5.735  -1.492  13.733  1.00 49.11  ? 277 ASP A OD1 1 
ATOM   519  O  OD2 . ASP A 1 77  ? -5.710  -1.631  11.546  1.00 41.92  ? 277 ASP A OD2 1 
ATOM   520  N  N   . GLU A 1 78  ? -3.167  -5.410  14.681  1.00 46.01  ? 278 GLU A N   1 
ATOM   521  C  CA  . GLU A 1 78  ? -2.490  -6.699  14.735  1.00 40.45  ? 278 GLU A CA  1 
ATOM   522  C  C   . GLU A 1 78  ? -3.383  -7.550  13.841  1.00 39.24  ? 278 GLU A C   1 
ATOM   523  O  O   . GLU A 1 78  ? -4.615  -7.508  13.971  1.00 40.77  ? 278 GLU A O   1 
ATOM   524  C  CB  . GLU A 1 78  ? -2.485  -7.249  16.165  1.00 49.03  ? 278 GLU A CB  1 
ATOM   525  C  CG  . GLU A 1 78  ? -1.687  -6.384  17.142  1.00 64.33  ? 278 GLU A CG  1 
ATOM   526  C  CD  . GLU A 1 78  ? -1.793  -6.840  18.595  1.00 72.14  ? 278 GLU A CD  1 
ATOM   527  O  OE1 . GLU A 1 78  ? -0.877  -7.554  19.070  1.00 73.84  ? 278 GLU A OE1 1 
ATOM   528  O  OE2 . GLU A 1 78  ? -2.780  -6.461  19.268  1.00 73.86  ? 278 GLU A OE2 1 
ATOM   529  N  N   . PRO A 1 79  ? -2.795  -8.278  12.879  1.00 34.36  ? 279 PRO A N   1 
ATOM   530  C  CA  . PRO A 1 79  ? -3.568  -9.127  11.962  1.00 33.22  ? 279 PRO A CA  1 
ATOM   531  C  C   . PRO A 1 79  ? -4.624  -10.037 12.639  1.00 27.23  ? 279 PRO A C   1 
ATOM   532  O  O   . PRO A 1 79  ? -5.826  -9.913  12.384  1.00 23.45  ? 279 PRO A O   1 
ATOM   533  C  CB  . PRO A 1 79  ? -2.476  -9.919  11.245  1.00 31.15  ? 279 PRO A CB  1 
ATOM   534  C  CG  . PRO A 1 79  ? -1.359  -8.939  11.175  1.00 31.27  ? 279 PRO A CG  1 
ATOM   535  C  CD  . PRO A 1 79  ? -1.358  -8.346  12.566  1.00 33.11  ? 279 PRO A CD  1 
ATOM   536  N  N   . TRP A 1 80  ? -4.172  -10.919 13.523  1.00 22.76  ? 280 TRP A N   1 
ATOM   537  C  CA  . TRP A 1 80  ? -5.043  -11.836 14.244  1.00 18.37  ? 280 TRP A CA  1 
ATOM   538  C  C   . TRP A 1 80  ? -6.212  -11.149 14.923  1.00 24.70  ? 280 TRP A C   1 
ATOM   539  O  O   . TRP A 1 80  ? -7.352  -11.593 14.845  1.00 28.93  ? 280 TRP A O   1 
ATOM   540  C  CB  . TRP A 1 80  ? -4.234  -12.560 15.295  1.00 12.82  ? 280 TRP A CB  1 
ATOM   541  C  CG  . TRP A 1 80  ? -3.566  -13.773 14.784  1.00 14.23  ? 280 TRP A CG  1 
ATOM   542  C  CD1 . TRP A 1 80  ? -2.278  -14.156 15.005  1.00 15.80  ? 280 TRP A CD1 1 
ATOM   543  C  CD2 . TRP A 1 80  ? -4.177  -14.825 14.029  1.00 15.51  ? 280 TRP A CD2 1 
ATOM   544  N  NE1 . TRP A 1 80  ? -2.048  -15.393 14.445  1.00 22.02  ? 280 TRP A NE1 1 
ATOM   545  C  CE2 . TRP A 1 80  ? -3.196  -15.826 13.839  1.00 19.93  ? 280 TRP A CE2 1 
ATOM   546  C  CE3 . TRP A 1 80  ? -5.459  -15.023 13.506  1.00 14.00  ? 280 TRP A CE3 1 
ATOM   547  C  CZ2 . TRP A 1 80  ? -3.459  -17.012 13.143  1.00 16.20  ? 280 TRP A CZ2 1 
ATOM   548  C  CZ3 . TRP A 1 80  ? -5.722  -16.203 12.816  1.00 24.28  ? 280 TRP A CZ3 1 
ATOM   549  C  CH2 . TRP A 1 80  ? -4.723  -17.183 12.641  1.00 19.85  ? 280 TRP A CH2 1 
ATOM   550  N  N   . GLU A 1 81  ? -5.914  -10.054 15.591  1.00 26.75  ? 281 GLU A N   1 
ATOM   551  C  CA  . GLU A 1 81  ? -6.917  -9.293  16.303  1.00 31.68  ? 281 GLU A CA  1 
ATOM   552  C  C   . GLU A 1 81  ? -7.955  -8.707  15.353  1.00 33.43  ? 281 GLU A C   1 
ATOM   553  O  O   . GLU A 1 81  ? -9.160  -8.751  15.634  1.00 28.07  ? 281 GLU A O   1 
ATOM   554  C  CB  . GLU A 1 81  ? -6.214  -8.189  17.075  1.00 40.93  ? 281 GLU A CB  1 
ATOM   555  C  CG  . GLU A 1 81  ? -7.049  -7.490  18.106  1.00 50.48  ? 281 GLU A CG  1 
ATOM   556  C  CD  . GLU A 1 81  ? -6.195  -6.589  18.949  1.00 58.71  ? 281 GLU A CD  1 
ATOM   557  O  OE1 . GLU A 1 81  ? -5.952  -5.442  18.523  1.00 65.42  ? 281 GLU A OE1 1 
ATOM   558  O  OE2 . GLU A 1 81  ? -5.724  -7.046  20.014  1.00 65.87  ? 281 GLU A OE2 1 
ATOM   559  N  N   . GLN A 1 82  ? -7.474  -8.134  14.245  1.00 36.88  ? 282 GLN A N   1 
ATOM   560  C  CA  . GLN A 1 82  ? -8.341  -7.532  13.220  1.00 34.01  ? 282 GLN A CA  1 
ATOM   561  C  C   . GLN A 1 82  ? -9.205  -8.627  12.624  1.00 32.57  ? 282 GLN A C   1 
ATOM   562  O  O   . GLN A 1 82  ? -10.405 -8.443  12.382  1.00 23.55  ? 282 GLN A O   1 
ATOM   563  C  CB  . GLN A 1 82  ? -7.498  -6.897  12.106  1.00 29.52  ? 282 GLN A CB  1 
ATOM   564  C  CG  . GLN A 1 82  ? -6.839  -5.613  12.498  1.00 18.21  ? 282 GLN A CG  1 
ATOM   565  C  CD  . GLN A 1 82  ? -7.803  -4.690  13.201  1.00 26.68  ? 282 GLN A CD  1 
ATOM   566  O  OE1 . GLN A 1 82  ? -8.739  -4.164  12.601  1.00 20.94  ? 282 GLN A OE1 1 
ATOM   567  N  NE2 . GLN A 1 82  ? -7.591  -4.506  14.500  1.00 36.58  ? 282 GLN A NE2 1 
ATOM   568  N  N   . HIS A 1 83  ? -8.547  -9.766  12.400  1.00 26.96  ? 283 HIS A N   1 
ATOM   569  C  CA  . HIS A 1 83  ? -9.139  -10.972 11.855  1.00 25.61  ? 283 HIS A CA  1 
ATOM   570  C  C   . HIS A 1 83  ? -10.315 -11.315 12.747  1.00 26.97  ? 283 HIS A C   1 
ATOM   571  O  O   . HIS A 1 83  ? -11.466 -11.278 12.313  1.00 29.57  ? 283 HIS A O   1 
ATOM   572  C  CB  . HIS A 1 83  ? -8.115  -12.107 11.919  1.00 23.72  ? 283 HIS A CB  1 
ATOM   573  C  CG  . HIS A 1 83  ? -8.278  -13.142 10.848  1.00 31.32  ? 283 HIS A CG  1 
ATOM   574  N  ND1 . HIS A 1 83  ? -7.339  -14.128 10.624  1.00 29.92  ? 283 HIS A ND1 1 
ATOM   575  C  CD2 . HIS A 1 83  ? -9.223  -13.302 9.890   1.00 22.28  ? 283 HIS A CD2 1 
ATOM   576  C  CE1 . HIS A 1 83  ? -7.693  -14.841 9.572   1.00 24.71  ? 283 HIS A CE1 1 
ATOM   577  N  NE2 . HIS A 1 83  ? -8.826  -14.355 9.100   1.00 20.03  ? 283 HIS A NE2 1 
ATOM   578  N  N   . ALA A 1 84  ? -10.010 -11.580 14.013  1.00 25.84  ? 284 ALA A N   1 
ATOM   579  C  CA  . ALA A 1 84  ? -11.014 -11.928 15.002  1.00 19.47  ? 284 ALA A CA  1 
ATOM   580  C  C   . ALA A 1 84  ? -12.126 -10.888 15.111  1.00 21.25  ? 284 ALA A C   1 
ATOM   581  O  O   . ALA A 1 84  ? -13.301 -11.239 15.175  1.00 26.34  ? 284 ALA A O   1 
ATOM   582  C  CB  . ALA A 1 84  ? -10.353 -12.137 16.348  1.00 24.67  ? 284 ALA A CB  1 
ATOM   583  N  N   . LEU A 1 85  ? -11.763 -9.613  15.067  1.00 21.66  ? 285 LEU A N   1 
ATOM   584  C  CA  . LEU A 1 85  ? -12.744 -8.544  15.200  1.00 23.61  ? 285 LEU A CA  1 
ATOM   585  C  C   . LEU A 1 85  ? -13.784 -8.485  14.090  1.00 24.73  ? 285 LEU A C   1 
ATOM   586  O  O   . LEU A 1 85  ? -14.985 -8.540  14.353  1.00 30.98  ? 285 LEU A O   1 
ATOM   587  C  CB  . LEU A 1 85  ? -12.040 -7.183  15.306  1.00 30.12  ? 285 LEU A CB  1 
ATOM   588  C  CG  . LEU A 1 85  ? -12.663 -6.004  16.082  1.00 29.23  ? 285 LEU A CG  1 
ATOM   589  C  CD1 . LEU A 1 85  ? -12.293 -4.702  15.392  1.00 29.37  ? 285 LEU A CD1 1 
ATOM   590  C  CD2 . LEU A 1 85  ? -14.168 -6.101  16.194  1.00 34.00  ? 285 LEU A CD2 1 
ATOM   591  N  N   . TRP A 1 86  ? -13.327 -8.342  12.852  1.00 30.79  ? 286 TRP A N   1 
ATOM   592  C  CA  . TRP A 1 86  ? -14.240 -8.211  11.717  1.00 31.22  ? 286 TRP A CA  1 
ATOM   593  C  C   . TRP A 1 86  ? -14.715 -9.526  11.119  1.00 30.90  ? 286 TRP A C   1 
ATOM   594  O  O   . TRP A 1 86  ? -15.866 -9.641  10.703  1.00 32.74  ? 286 TRP A O   1 
ATOM   595  C  CB  . TRP A 1 86  ? -13.585 -7.354  10.631  1.00 38.25  ? 286 TRP A CB  1 
ATOM   596  C  CG  . TRP A 1 86  ? -13.059 -6.048  11.166  1.00 40.39  ? 286 TRP A CG  1 
ATOM   597  C  CD1 . TRP A 1 86  ? -11.753 -5.734  11.447  1.00 34.06  ? 286 TRP A CD1 1 
ATOM   598  C  CD2 . TRP A 1 86  ? -13.834 -4.908  11.543  1.00 37.14  ? 286 TRP A CD2 1 
ATOM   599  N  NE1 . TRP A 1 86  ? -11.677 -4.471  11.979  1.00 31.68  ? 286 TRP A NE1 1 
ATOM   600  C  CE2 . TRP A 1 86  ? -12.940 -3.942  12.051  1.00 36.51  ? 286 TRP A CE2 1 
ATOM   601  C  CE3 . TRP A 1 86  ? -15.204 -4.611  11.505  1.00 42.99  ? 286 TRP A CE3 1 
ATOM   602  C  CZ2 . TRP A 1 86  ? -13.372 -2.699  12.521  1.00 44.40  ? 286 TRP A CZ2 1 
ATOM   603  C  CZ3 . TRP A 1 86  ? -15.632 -3.377  11.972  1.00 46.06  ? 286 TRP A CZ3 1 
ATOM   604  C  CH2 . TRP A 1 86  ? -14.719 -2.437  12.474  1.00 46.99  ? 286 TRP A CH2 1 
ATOM   605  N  N   . LEU A 1 87  ? -13.826 -10.514 11.101  1.00 26.84  ? 287 LEU A N   1 
ATOM   606  C  CA  . LEU A 1 87  ? -14.108 -11.823 10.534  1.00 20.04  ? 287 LEU A CA  1 
ATOM   607  C  C   . LEU A 1 87  ? -14.214 -12.846 11.662  1.00 20.03  ? 287 LEU A C   1 
ATOM   608  O  O   . LEU A 1 87  ? -13.534 -13.880 11.665  1.00 15.52  ? 287 LEU A O   1 
ATOM   609  C  CB  . LEU A 1 87  ? -12.986 -12.193 9.555   1.00 24.08  ? 287 LEU A CB  1 
ATOM   610  C  CG  . LEU A 1 87  ? -12.461 -11.017 8.707   1.00 26.90  ? 287 LEU A CG  1 
ATOM   611  C  CD1 . LEU A 1 87  ? -11.252 -11.436 7.896   1.00 22.61  ? 287 LEU A CD1 1 
ATOM   612  C  CD2 . LEU A 1 87  ? -13.555 -10.459 7.805   1.00 16.06  ? 287 LEU A CD2 1 
ATOM   613  N  N   . SER A 1 88  ? -15.115 -12.564 12.593  1.00 25.92  ? 288 SER A N   1 
ATOM   614  C  CA  . SER A 1 88  ? -15.353 -13.407 13.770  1.00 34.86  ? 288 SER A CA  1 
ATOM   615  C  C   . SER A 1 88  ? -15.794 -14.858 13.533  1.00 36.92  ? 288 SER A C   1 
ATOM   616  O  O   . SER A 1 88  ? -15.552 -15.729 14.377  1.00 34.22  ? 288 SER A O   1 
ATOM   617  C  CB  . SER A 1 88  ? -16.351 -12.705 14.691  1.00 31.17  ? 288 SER A CB  1 
ATOM   618  O  OG  . SER A 1 88  ? -17.054 -11.688 13.985  1.00 45.48  ? 288 SER A OG  1 
ATOM   619  N  N   . GLN A 1 89  ? -16.462 -15.106 12.405  1.00 38.20  ? 289 GLN A N   1 
ATOM   620  C  CA  . GLN A 1 89  ? -16.944 -16.440 12.057  1.00 35.17  ? 289 GLN A CA  1 
ATOM   621  C  C   . GLN A 1 89  ? -15.907 -17.302 11.329  1.00 36.78  ? 289 GLN A C   1 
ATOM   622  O  O   . GLN A 1 89  ? -16.223 -18.397 10.869  1.00 40.89  ? 289 GLN A O   1 
ATOM   623  C  CB  . GLN A 1 89  ? -18.210 -16.326 11.211  1.00 35.41  ? 289 GLN A CB  1 
ATOM   624  C  CG  . GLN A 1 89  ? -19.381 -15.715 11.954  1.00 49.11  ? 289 GLN A CG  1 
ATOM   625  C  CD  . GLN A 1 89  ? -20.043 -16.689 12.917  1.00 57.86  ? 289 GLN A CD  1 
ATOM   626  O  OE1 . GLN A 1 89  ? -21.248 -16.912 12.849  1.00 62.02  ? 289 GLN A OE1 1 
ATOM   627  N  NE2 . GLN A 1 89  ? -19.261 -17.269 13.823  1.00 60.23  ? 289 GLN A NE2 1 
ATOM   628  N  N   . CYS A 1 90  ? -14.663 -16.843 11.279  1.00 30.33  ? 290 CYS A N   1 
ATOM   629  C  CA  . CYS A 1 90  ? -13.617 -17.576 10.588  1.00 25.52  ? 290 CYS A CA  1 
ATOM   630  C  C   . CYS A 1 90  ? -13.085 -18.797 11.346  1.00 29.77  ? 290 CYS A C   1 
ATOM   631  O  O   . CYS A 1 90  ? -12.438 -18.672 12.387  1.00 37.08  ? 290 CYS A O   1 
ATOM   632  C  CB  . CYS A 1 90  ? -12.478 -16.624 10.230  1.00 25.31  ? 290 CYS A CB  1 
ATOM   633  S  SG  . CYS A 1 90  ? -10.987 -17.378 9.451   1.00 28.75  ? 290 CYS A SG  1 
ATOM   634  N  N   . ARG A 1 91  ? -13.306 -19.976 10.778  1.00 33.68  ? 291 ARG A N   1 
ATOM   635  C  CA  . ARG A 1 91  ? -12.841 -21.217 11.383  1.00 34.43  ? 291 ARG A CA  1 
ATOM   636  C  C   . ARG A 1 91  ? -11.328 -21.328 11.501  1.00 35.26  ? 291 ARG A C   1 
ATOM   637  O  O   . ARG A 1 91  ? -10.828 -22.096 12.329  1.00 39.33  ? 291 ARG A O   1 
ATOM   638  C  CB  . ARG A 1 91  ? -13.417 -22.432 10.651  1.00 32.88  ? 291 ARG A CB  1 
ATOM   639  C  CG  . ARG A 1 91  ? -14.821 -22.816 11.127  1.00 47.37  ? 291 ARG A CG  1 
ATOM   640  C  CD  . ARG A 1 91  ? -15.838 -21.718 10.827  1.00 47.37  ? 291 ARG A CD  1 
ATOM   641  N  NE  . ARG A 1 91  ? -17.023 -21.780 11.682  1.00 54.61  ? 291 ARG A NE  1 
ATOM   642  C  CZ  . ARG A 1 91  ? -18.216 -21.303 11.337  1.00 58.38  ? 291 ARG A CZ  1 
ATOM   643  N  NH1 . ARG A 1 91  ? -18.387 -20.734 10.144  1.00 61.25  ? 291 ARG A NH1 1 
ATOM   644  N  NH2 . ARG A 1 91  ? -19.223 -21.341 12.202  1.00 52.74  ? 291 ARG A NH2 1 
ATOM   645  N  N   . PHE A 1 92  ? -10.594 -20.572 10.686  1.00 34.37  ? 292 PHE A N   1 
ATOM   646  C  CA  . PHE A 1 92  ? -9.130  -20.608 10.764  1.00 34.52  ? 292 PHE A CA  1 
ATOM   647  C  C   . PHE A 1 92  ? -8.675  -19.969 12.074  1.00 28.97  ? 292 PHE A C   1 
ATOM   648  O  O   . PHE A 1 92  ? -7.815  -20.514 12.762  1.00 29.12  ? 292 PHE A O   1 
ATOM   649  C  CB  . PHE A 1 92  ? -8.473  -19.900 9.568   1.00 35.64  ? 292 PHE A CB  1 
ATOM   650  C  CG  . PHE A 1 92  ? -6.963  -20.012 9.548   1.00 37.97  ? 292 PHE A CG  1 
ATOM   651  C  CD1 . PHE A 1 92  ? -6.342  -21.257 9.443   1.00 38.50  ? 292 PHE A CD1 1 
ATOM   652  C  CD2 . PHE A 1 92  ? -6.160  -18.874 9.654   1.00 37.44  ? 292 PHE A CD2 1 
ATOM   653  C  CE1 . PHE A 1 92  ? -4.935  -21.369 9.450   1.00 38.26  ? 292 PHE A CE1 1 
ATOM   654  C  CE2 . PHE A 1 92  ? -4.760  -18.978 9.662   1.00 35.91  ? 292 PHE A CE2 1 
ATOM   655  C  CZ  . PHE A 1 92  ? -4.146  -20.227 9.559   1.00 32.63  ? 292 PHE A CZ  1 
ATOM   656  N  N   . VAL A 1 93  ? -9.302  -18.852 12.443  1.00 24.26  ? 293 VAL A N   1 
ATOM   657  C  CA  . VAL A 1 93  ? -8.968  -18.158 13.684  1.00 32.92  ? 293 VAL A CA  1 
ATOM   658  C  C   . VAL A 1 93  ? -9.298  -19.084 14.853  1.00 34.21  ? 293 VAL A C   1 
ATOM   659  O  O   . VAL A 1 93  ? -8.444  -19.361 15.696  1.00 35.73  ? 293 VAL A O   1 
ATOM   660  C  CB  . VAL A 1 93  ? -9.774  -16.841 13.853  1.00 34.87  ? 293 VAL A CB  1 
ATOM   661  C  CG1 . VAL A 1 93  ? -9.174  -15.990 14.974  1.00 35.75  ? 293 VAL A CG1 1 
ATOM   662  C  CG2 . VAL A 1 93  ? -9.793  -16.057 12.559  1.00 34.52  ? 293 VAL A CG2 1 
ATOM   663  N  N   . LYS A 1 94  ? -10.528 -19.592 14.874  1.00 35.81  ? 294 LYS A N   1 
ATOM   664  C  CA  . LYS A 1 94  ? -10.981 -20.501 15.927  1.00 36.09  ? 294 LYS A CA  1 
ATOM   665  C  C   . LYS A 1 94  ? -10.052 -21.690 16.138  1.00 32.28  ? 294 LYS A C   1 
ATOM   666  O  O   . LYS A 1 94  ? -9.835  -22.117 17.277  1.00 33.83  ? 294 LYS A O   1 
ATOM   667  C  CB  . LYS A 1 94  ? -12.380 -21.020 15.615  1.00 42.48  ? 294 LYS A CB  1 
ATOM   668  C  CG  . LYS A 1 94  ? -13.405 -19.923 15.432  1.00 53.84  ? 294 LYS A CG  1 
ATOM   669  C  CD  . LYS A 1 94  ? -14.776 -20.488 15.103  1.00 62.84  ? 294 LYS A CD  1 
ATOM   670  C  CE  . LYS A 1 94  ? -15.820 -19.385 15.010  1.00 65.41  ? 294 LYS A CE  1 
ATOM   671  N  NZ  . LYS A 1 94  ? -15.402 -18.321 14.069  1.00 63.34  ? 294 LYS A NZ  1 
ATOM   672  N  N   . LEU A 1 95  ? -9.513  -22.226 15.048  1.00 27.18  ? 295 LEU A N   1 
ATOM   673  C  CA  . LEU A 1 95  ? -8.623  -23.375 15.137  1.00 24.74  ? 295 LEU A CA  1 
ATOM   674  C  C   . LEU A 1 95  ? -7.193  -23.030 15.473  1.00 25.05  ? 295 LEU A C   1 
ATOM   675  O  O   . LEU A 1 95  ? -6.411  -23.915 15.822  1.00 25.89  ? 295 LEU A O   1 
ATOM   676  C  CB  . LEU A 1 95  ? -8.649  -24.187 13.847  1.00 28.12  ? 295 LEU A CB  1 
ATOM   677  C  CG  . LEU A 1 95  ? -9.697  -25.289 13.742  1.00 30.92  ? 295 LEU A CG  1 
ATOM   678  C  CD1 . LEU A 1 95  ? -11.103 -24.709 13.732  1.00 33.48  ? 295 LEU A CD1 1 
ATOM   679  C  CD2 . LEU A 1 95  ? -9.439  -26.076 12.476  1.00 32.51  ? 295 LEU A CD2 1 
ATOM   680  N  N   . MET A 1 96  ? -6.840  -21.756 15.320  1.00 26.44  ? 296 MET A N   1 
ATOM   681  C  CA  . MET A 1 96  ? -5.483  -21.289 15.612  1.00 28.61  ? 296 MET A CA  1 
ATOM   682  C  C   . MET A 1 96  ? -5.400  -20.612 16.979  1.00 25.97  ? 296 MET A C   1 
ATOM   683  O  O   . MET A 1 96  ? -4.498  -20.884 17.772  1.00 20.01  ? 296 MET A O   1 
ATOM   684  C  CB  . MET A 1 96  ? -5.021  -20.288 14.545  1.00 28.95  ? 296 MET A CB  1 
ATOM   685  C  CG  . MET A 1 96  ? -4.985  -20.826 13.128  1.00 23.85  ? 296 MET A CG  1 
ATOM   686  S  SD  . MET A 1 96  ? -3.854  -22.189 12.981  1.00 28.04  ? 296 MET A SD  1 
ATOM   687  C  CE  . MET A 1 96  ? -2.364  -21.393 13.551  1.00 32.91  ? 296 MET A CE  1 
ATOM   688  N  N   . LYS A 1 97  ? -6.318  -19.686 17.206  1.00 19.18  ? 297 LYS A N   1 
ATOM   689  C  CA  . LYS A 1 97  ? -6.384  -18.918 18.432  1.00 29.58  ? 297 LYS A CA  1 
ATOM   690  C  C   . LYS A 1 97  ? -7.370  -19.494 19.442  1.00 31.15  ? 297 LYS A C   1 
ATOM   691  O  O   . LYS A 1 97  ? -7.175  -19.383 20.653  1.00 28.41  ? 297 LYS A O   1 
ATOM   692  C  CB  . LYS A 1 97  ? -6.792  -17.473 18.113  1.00 30.26  ? 297 LYS A CB  1 
ATOM   693  C  CG  . LYS A 1 97  ? -5.871  -16.706 17.166  1.00 27.23  ? 297 LYS A CG  1 
ATOM   694  C  CD  . LYS A 1 97  ? -4.503  -16.429 17.761  1.00 21.82  ? 297 LYS A CD  1 
ATOM   695  C  CE  . LYS A 1 97  ? -3.449  -17.336 17.165  1.00 30.06  ? 297 LYS A CE  1 
ATOM   696  N  NZ  . LYS A 1 97  ? -2.059  -16.879 17.490  1.00 30.92  ? 297 LYS A NZ  1 
ATOM   697  N  N   . GLY A 1 98  ? -8.453  -20.071 18.939  1.00 30.68  ? 298 GLY A N   1 
ATOM   698  C  CA  . GLY A 1 98  ? -9.463  -20.622 19.822  1.00 29.04  ? 298 GLY A CA  1 
ATOM   699  C  C   . GLY A 1 98  ? -10.603 -19.628 19.962  1.00 30.97  ? 298 GLY A C   1 
ATOM   700  O  O   . GLY A 1 98  ? -10.421 -18.417 19.799  1.00 37.09  ? 298 GLY A O   1 
ATOM   701  N  N   . GLN A 1 99  ? -11.786 -20.128 20.288  1.00 28.45  ? 299 GLN A N   1 
ATOM   702  C  CA  . GLN A 1 99  ? -12.949 -19.269 20.426  1.00 23.44  ? 299 GLN A CA  1 
ATOM   703  C  C   . GLN A 1 99  ? -12.857 -18.246 21.551  1.00 26.11  ? 299 GLN A C   1 
ATOM   704  O  O   . GLN A 1 99  ? -13.528 -17.216 21.508  1.00 22.44  ? 299 GLN A O   1 
ATOM   705  C  CB  . GLN A 1 99  ? -14.202 -20.109 20.607  1.00 24.59  ? 299 GLN A CB  1 
ATOM   706  C  CG  . GLN A 1 99  ? -15.466 -19.300 20.515  1.00 20.92  ? 299 GLN A CG  1 
ATOM   707  C  CD  . GLN A 1 99  ? -15.500 -18.498 19.248  1.00 23.43  ? 299 GLN A CD  1 
ATOM   708  O  OE1 . GLN A 1 99  ? -14.932 -18.902 18.243  1.00 25.61  ? 299 GLN A OE1 1 
ATOM   709  N  NE2 . GLN A 1 99  ? -16.139 -17.343 19.293  1.00 22.70  ? 299 GLN A NE2 1 
ATOM   710  N  N   . LEU A 1 100 ? -12.049 -18.534 22.566  1.00 21.96  ? 300 LEU A N   1 
ATOM   711  C  CA  . LEU A 1 100 ? -11.885 -17.612 23.687  1.00 29.18  ? 300 LEU A CA  1 
ATOM   712  C  C   . LEU A 1 100 ? -11.242 -16.327 23.206  1.00 32.26  ? 300 LEU A C   1 
ATOM   713  O  O   . LEU A 1 100 ? -11.749 -15.239 23.482  1.00 29.23  ? 300 LEU A O   1 
ATOM   714  C  CB  . LEU A 1 100 ? -11.028 -18.228 24.789  1.00 30.04  ? 300 LEU A CB  1 
ATOM   715  C  CG  . LEU A 1 100 ? -11.783 -19.142 25.751  1.00 30.36  ? 300 LEU A CG  1 
ATOM   716  C  CD1 . LEU A 1 100 ? -10.817 -19.716 26.783  1.00 23.44  ? 300 LEU A CD1 1 
ATOM   717  C  CD2 . LEU A 1 100 ? -12.917 -18.356 26.413  1.00 22.33  ? 300 LEU A CD2 1 
ATOM   718  N  N   . TYR A 1 101 ? -10.127 -16.468 22.485  1.00 33.77  ? 301 TYR A N   1 
ATOM   719  C  CA  . TYR A 1 101 ? -9.407  -15.331 21.921  1.00 24.82  ? 301 TYR A CA  1 
ATOM   720  C  C   . TYR A 1 101 ? -10.429 -14.479 21.192  1.00 26.31  ? 301 TYR A C   1 
ATOM   721  O  O   . TYR A 1 101 ? -10.553 -13.279 21.441  1.00 23.77  ? 301 TYR A O   1 
ATOM   722  C  CB  . TYR A 1 101 ? -8.353  -15.813 20.923  1.00 30.65  ? 301 TYR A CB  1 
ATOM   723  C  CG  . TYR A 1 101 ? -7.623  -14.687 20.222  1.00 40.39  ? 301 TYR A CG  1 
ATOM   724  C  CD1 . TYR A 1 101 ? -6.400  -14.220 20.701  1.00 44.04  ? 301 TYR A CD1 1 
ATOM   725  C  CD2 . TYR A 1 101 ? -8.168  -14.067 19.095  1.00 45.13  ? 301 TYR A CD2 1 
ATOM   726  C  CE1 . TYR A 1 101 ? -5.735  -13.161 20.076  1.00 46.84  ? 301 TYR A CE1 1 
ATOM   727  C  CE2 . TYR A 1 101 ? -7.516  -13.008 18.467  1.00 46.20  ? 301 TYR A CE2 1 
ATOM   728  C  CZ  . TYR A 1 101 ? -6.300  -12.563 18.962  1.00 45.81  ? 301 TYR A CZ  1 
ATOM   729  O  OH  . TYR A 1 101 ? -5.653  -11.524 18.343  1.00 45.01  ? 301 TYR A OH  1 
ATOM   730  N  N   . ILE A 1 102 ? -11.182 -15.119 20.307  1.00 19.75  ? 302 ILE A N   1 
ATOM   731  C  CA  . ILE A 1 102 ? -12.201 -14.420 19.553  1.00 20.31  ? 302 ILE A CA  1 
ATOM   732  C  C   . ILE A 1 102 ? -13.146 -13.682 20.491  1.00 22.68  ? 302 ILE A C   1 
ATOM   733  O  O   . ILE A 1 102 ? -13.350 -12.483 20.342  1.00 29.80  ? 302 ILE A O   1 
ATOM   734  C  CB  . ILE A 1 102 ? -13.004 -15.384 18.663  1.00 17.50  ? 302 ILE A CB  1 
ATOM   735  C  CG1 . ILE A 1 102 ? -12.056 -16.139 17.731  1.00 11.35  ? 302 ILE A CG1 1 
ATOM   736  C  CG2 . ILE A 1 102 ? -14.054 -14.625 17.873  1.00 3.04   ? 302 ILE A CG2 1 
ATOM   737  C  CD1 . ILE A 1 102 ? -12.732 -16.716 16.548  1.00 9.21   ? 302 ILE A CD1 1 
ATOM   738  N  N   . ASP A 1 103 ? -13.691 -14.394 21.473  1.00 32.33  ? 303 ASP A N   1 
ATOM   739  C  CA  . ASP A 1 103 ? -14.627 -13.807 22.438  1.00 36.64  ? 303 ASP A CA  1 
ATOM   740  C  C   . ASP A 1 103 ? -14.011 -12.589 23.124  1.00 39.05  ? 303 ASP A C   1 
ATOM   741  O  O   . ASP A 1 103 ? -14.655 -11.539 23.254  1.00 30.94  ? 303 ASP A O   1 
ATOM   742  C  CB  . ASP A 1 103 ? -15.029 -14.842 23.501  1.00 40.84  ? 303 ASP A CB  1 
ATOM   743  C  CG  . ASP A 1 103 ? -15.971 -15.929 22.966  1.00 43.13  ? 303 ASP A CG  1 
ATOM   744  O  OD1 . ASP A 1 103 ? -16.676 -15.701 21.957  1.00 42.31  ? 303 ASP A OD1 1 
ATOM   745  O  OD2 . ASP A 1 103 ? -16.024 -17.014 23.589  1.00 42.98  ? 303 ASP A OD2 1 
ATOM   746  N  N   . THR A 1 104 ? -12.752 -12.743 23.533  1.00 37.99  ? 304 THR A N   1 
ATOM   747  C  CA  . THR A 1 104 ? -11.989 -11.703 24.213  1.00 40.10  ? 304 THR A CA  1 
ATOM   748  C  C   . THR A 1 104 ? -11.848 -10.487 23.302  1.00 45.80  ? 304 THR A C   1 
ATOM   749  O  O   . THR A 1 104 ? -12.206 -9.368  23.685  1.00 46.69  ? 304 THR A O   1 
ATOM   750  C  CB  . THR A 1 104 ? -10.572 -12.210 24.593  1.00 42.49  ? 304 THR A CB  1 
ATOM   751  O  OG1 . THR A 1 104 ? -10.677 -13.350 25.455  1.00 38.72  ? 304 THR A OG1 1 
ATOM   752  C  CG2 . THR A 1 104 ? -9.773  -11.127 25.292  1.00 37.88  ? 304 THR A CG2 1 
ATOM   753  N  N   . VAL A 1 105 ? -11.343 -10.714 22.091  1.00 44.77  ? 305 VAL A N   1 
ATOM   754  C  CA  . VAL A 1 105 ? -11.166 -9.640  21.129  1.00 43.66  ? 305 VAL A CA  1 
ATOM   755  C  C   . VAL A 1 105 ? -12.509 -8.976  20.877  1.00 45.95  ? 305 VAL A C   1 
ATOM   756  O  O   . VAL A 1 105 ? -12.586 -7.760  20.810  1.00 51.26  ? 305 VAL A O   1 
ATOM   757  C  CB  . VAL A 1 105 ? -10.569 -10.151 19.794  1.00 44.13  ? 305 VAL A CB  1 
ATOM   758  C  CG1 . VAL A 1 105 ? -10.563 -9.042  18.736  1.00 33.70  ? 305 VAL A CG1 1 
ATOM   759  C  CG2 . VAL A 1 105 ? -9.153  -10.651 20.022  1.00 41.74  ? 305 VAL A CG2 1 
ATOM   760  N  N   . ALA A 1 106 ? -13.573 -9.766  20.809  1.00 50.78  ? 306 ALA A N   1 
ATOM   761  C  CA  . ALA A 1 106 ? -14.906 -9.220  20.564  1.00 59.53  ? 306 ALA A CA  1 
ATOM   762  C  C   . ALA A 1 106 ? -15.422 -8.356  21.719  1.00 64.41  ? 306 ALA A C   1 
ATOM   763  O  O   . ALA A 1 106 ? -16.315 -7.526  21.528  1.00 65.19  ? 306 ALA A O   1 
ATOM   764  C  CB  . ALA A 1 106 ? -15.890 -10.344 20.260  1.00 59.32  ? 306 ALA A CB  1 
ATOM   765  N  N   . ALA A 1 107 ? -14.855 -8.556  22.906  1.00 70.60  ? 307 ALA A N   1 
ATOM   766  C  CA  . ALA A 1 107 ? -15.246 -7.811  24.102  1.00 72.27  ? 307 ALA A CA  1 
ATOM   767  C  C   . ALA A 1 107 ? -14.383 -6.582  24.400  1.00 74.06  ? 307 ALA A C   1 
ATOM   768  O  O   . ALA A 1 107 ? -14.875 -5.604  24.967  1.00 74.12  ? 307 ALA A O   1 
ATOM   769  C  CB  . ALA A 1 107 ? -15.248 -8.737  25.306  1.00 69.56  ? 307 ALA A CB  1 
ATOM   770  N  N   . LYS A 1 108 ? -13.097 -6.650  24.051  1.00 78.09  ? 308 LYS A N   1 
ATOM   771  C  CA  . LYS A 1 108 ? -12.157 -5.550  24.297  1.00 82.59  ? 308 LYS A CA  1 
ATOM   772  C  C   . LYS A 1 108 ? -12.750 -4.172  23.995  1.00 88.73  ? 308 LYS A C   1 
ATOM   773  O  O   . LYS A 1 108 ? -13.420 -3.976  22.979  1.00 89.07  ? 308 LYS A O   1 
ATOM   774  C  CB  . LYS A 1 108 ? -10.839 -5.776  23.543  1.00 76.75  ? 308 LYS A CB  1 
ATOM   775  C  CG  . LYS A 1 108 ? -10.000 -6.922  24.128  1.00 75.84  ? 308 LYS A CG  1 
ATOM   776  C  CD  . LYS A 1 108 ? -8.777  -7.264  23.269  1.00 73.39  ? 308 LYS A CD  1 
ATOM   777  C  CE  . LYS A 1 108 ? -7.969  -8.420  23.873  1.00 67.49  ? 308 LYS A CE  1 
ATOM   778  N  NZ  . LYS A 1 108 ? -6.860  -8.881  22.987  1.00 59.66  ? 308 LYS A NZ  1 
ATOM   779  N  N   . PRO A 1 109 ? -12.536 -3.209  24.909  1.00 94.14  ? 309 PRO A N   1 
ATOM   780  C  CA  . PRO A 1 109 ? -13.033 -1.834  24.802  1.00 95.73  ? 309 PRO A CA  1 
ATOM   781  C  C   . PRO A 1 109 ? -12.586 -1.067  23.558  1.00 98.02  ? 309 PRO A C   1 
ATOM   782  O  O   . PRO A 1 109 ? -13.413 -0.689  22.723  1.00 95.90  ? 309 PRO A O   1 
ATOM   783  C  CB  . PRO A 1 109 ? -12.514 -1.187  26.092  1.00 95.80  ? 309 PRO A CB  1 
ATOM   784  C  CG  . PRO A 1 109 ? -11.241 -1.945  26.368  1.00 93.05  ? 309 PRO A CG  1 
ATOM   785  C  CD  . PRO A 1 109 ? -11.675 -3.361  26.099  1.00 94.70  ? 309 PRO A CD  1 
ATOM   786  N  N   . VAL A 1 110 ? -11.284 -0.802  23.479  1.00 99.49  ? 310 VAL A N   1 
ATOM   787  C  CA  . VAL A 1 110 ? -10.697 -0.065  22.368  1.00 100.00 ? 310 VAL A CA  1 
ATOM   788  C  C   . VAL A 1 110 ? -10.628 -0.935  21.117  1.00 100.00 ? 310 VAL A C   1 
ATOM   789  O  O   . VAL A 1 110 ? -10.859 -0.391  20.015  1.00 100.00 ? 310 VAL A O   1 
ATOM   790  C  CB  . VAL A 1 110 ? -9.281  0.475   22.745  1.00 100.00 ? 310 VAL A CB  1 
ATOM   791  C  CG1 . VAL A 1 110 ? -8.363  -0.665  23.183  1.00 99.77  ? 310 VAL A CG1 1 
ATOM   792  C  CG2 . VAL A 1 110 ? -8.673  1.254   21.582  1.00 100.00 ? 310 VAL A CG2 1 
ATOM   793  N  N   . ASN B 1 15  ? 12.136  13.412  -26.764 1.00 82.10  ? 215 ASN B N   1 
ATOM   794  C  CA  . ASN B 1 15  ? 11.370  14.653  -27.087 1.00 85.08  ? 215 ASN B CA  1 
ATOM   795  C  C   . ASN B 1 15  ? 10.448  14.883  -25.892 1.00 83.36  ? 215 ASN B C   1 
ATOM   796  O  O   . ASN B 1 15  ? 10.257  13.968  -25.088 1.00 81.23  ? 215 ASN B O   1 
ATOM   797  C  CB  . ASN B 1 15  ? 10.540  14.439  -28.362 1.00 86.29  ? 215 ASN B CB  1 
ATOM   798  C  CG  . ASN B 1 15  ? 10.246  15.737  -29.110 1.00 85.59  ? 215 ASN B CG  1 
ATOM   799  O  OD1 . ASN B 1 15  ? 10.828  15.994  -30.163 1.00 82.61  ? 215 ASN B OD1 1 
ATOM   800  N  ND2 . ASN B 1 15  ? 9.308   16.529  -28.601 1.00 86.20  ? 215 ASN B ND2 1 
ATOM   801  N  N   . TYR B 1 16  ? 9.913   16.092  -25.737 1.00 82.22  ? 216 TYR B N   1 
ATOM   802  C  CA  . TYR B 1 16  ? 9.021   16.342  -24.616 1.00 79.63  ? 216 TYR B CA  1 
ATOM   803  C  C   . TYR B 1 16  ? 7.529   16.412  -24.915 1.00 77.59  ? 216 TYR B C   1 
ATOM   804  O  O   . TYR B 1 16  ? 7.051   17.192  -25.749 1.00 76.57  ? 216 TYR B O   1 
ATOM   805  C  CB  . TYR B 1 16  ? 9.418   17.571  -23.784 1.00 79.08  ? 216 TYR B CB  1 
ATOM   806  C  CG  . TYR B 1 16  ? 8.418   17.818  -22.669 1.00 80.10  ? 216 TYR B CG  1 
ATOM   807  C  CD1 . TYR B 1 16  ? 8.255   16.883  -21.642 1.00 81.93  ? 216 TYR B CD1 1 
ATOM   808  C  CD2 . TYR B 1 16  ? 7.554   18.921  -22.699 1.00 79.12  ? 216 TYR B CD2 1 
ATOM   809  C  CE1 . TYR B 1 16  ? 7.249   17.030  -20.679 1.00 83.94  ? 216 TYR B CE1 1 
ATOM   810  C  CE2 . TYR B 1 16  ? 6.545   19.079  -21.739 1.00 79.35  ? 216 TYR B CE2 1 
ATOM   811  C  CZ  . TYR B 1 16  ? 6.396   18.126  -20.733 1.00 82.96  ? 216 TYR B CZ  1 
ATOM   812  O  OH  . TYR B 1 16  ? 5.396   18.244  -19.789 1.00 76.65  ? 216 TYR B OH  1 
ATOM   813  N  N   . PHE B 1 17  ? 6.824   15.585  -24.159 1.00 72.51  ? 217 PHE B N   1 
ATOM   814  C  CA  . PHE B 1 17  ? 5.381   15.441  -24.152 1.00 63.82  ? 217 PHE B CA  1 
ATOM   815  C  C   . PHE B 1 17  ? 5.244   14.337  -23.116 1.00 50.66  ? 217 PHE B C   1 
ATOM   816  O  O   . PHE B 1 17  ? 6.126   13.483  -23.002 1.00 44.82  ? 217 PHE B O   1 
ATOM   817  C  CB  . PHE B 1 17  ? 4.813   15.003  -25.505 1.00 78.20  ? 217 PHE B CB  1 
ATOM   818  C  CG  . PHE B 1 17  ? 3.349   15.338  -25.672 1.00 89.85  ? 217 PHE B CG  1 
ATOM   819  C  CD1 . PHE B 1 17  ? 2.367   14.353  -25.537 1.00 92.05  ? 217 PHE B CD1 1 
ATOM   820  C  CD2 . PHE B 1 17  ? 2.949   16.658  -25.902 1.00 92.58  ? 217 PHE B CD2 1 
ATOM   821  C  CE1 . PHE B 1 17  ? 1.006   14.680  -25.622 1.00 94.09  ? 217 PHE B CE1 1 
ATOM   822  C  CE2 . PHE B 1 17  ? 1.593   16.994  -25.990 1.00 93.42  ? 217 PHE B CE2 1 
ATOM   823  C  CZ  . PHE B 1 17  ? 0.620   16.002  -25.848 1.00 93.15  ? 217 PHE B CZ  1 
ATOM   824  N  N   . PRO B 1 18  ? 4.173   14.369  -22.313 1.00 38.28  ? 218 PRO B N   1 
ATOM   825  C  CA  . PRO B 1 18  ? 3.947   13.366  -21.272 1.00 31.80  ? 218 PRO B CA  1 
ATOM   826  C  C   . PRO B 1 18  ? 4.139   11.913  -21.694 1.00 32.58  ? 218 PRO B C   1 
ATOM   827  O  O   . PRO B 1 18  ? 3.675   11.503  -22.762 1.00 38.14  ? 218 PRO B O   1 
ATOM   828  C  CB  . PRO B 1 18  ? 2.501   13.626  -20.870 1.00 34.78  ? 218 PRO B CB  1 
ATOM   829  C  CG  . PRO B 1 18  ? 2.349   15.083  -21.088 1.00 39.95  ? 218 PRO B CG  1 
ATOM   830  C  CD  . PRO B 1 18  ? 3.034   15.298  -22.399 1.00 35.18  ? 218 PRO B CD  1 
ATOM   831  N  N   . GLN B 1 19  ? 4.818   11.144  -20.846 1.00 24.95  ? 219 GLN B N   1 
ATOM   832  C  CA  . GLN B 1 19  ? 5.030   9.722   -21.080 1.00 30.43  ? 219 GLN B CA  1 
ATOM   833  C  C   . GLN B 1 19  ? 3.659   9.016   -20.981 1.00 32.76  ? 219 GLN B C   1 
ATOM   834  O  O   . GLN B 1 19  ? 3.442   7.972   -21.593 1.00 30.71  ? 219 GLN B O   1 
ATOM   835  C  CB  . GLN B 1 19  ? 6.016   9.169   -20.046 1.00 34.87  ? 219 GLN B CB  1 
ATOM   836  C  CG  . GLN B 1 19  ? 6.117   7.645   -19.966 1.00 49.04  ? 219 GLN B CG  1 
ATOM   837  C  CD  . GLN B 1 19  ? 6.724   6.962   -21.193 1.00 50.34  ? 219 GLN B CD  1 
ATOM   838  O  OE1 . GLN B 1 19  ? 6.818   5.737   -21.235 1.00 56.33  ? 219 GLN B OE1 1 
ATOM   839  N  NE2 . GLN B 1 19  ? 7.157   7.740   -22.173 1.00 49.89  ? 219 GLN B NE2 1 
ATOM   840  N  N   . TYR B 1 20  ? 2.750   9.602   -20.197 1.00 31.90  ? 220 TYR B N   1 
ATOM   841  C  CA  . TYR B 1 20  ? 1.381   9.114   -20.008 1.00 23.70  ? 220 TYR B CA  1 
ATOM   842  C  C   . TYR B 1 20  ? 0.478   10.324  -20.213 1.00 24.80  ? 220 TYR B C   1 
ATOM   843  O  O   . TYR B 1 20  ? -0.055  10.899  -19.259 1.00 22.84  ? 220 TYR B O   1 
ATOM   844  C  CB  . TYR B 1 20  ? 1.176   8.531   -18.604 1.00 19.58  ? 220 TYR B CB  1 
ATOM   845  C  CG  . TYR B 1 20  ? 1.905   7.229   -18.389 1.00 21.70  ? 220 TYR B CG  1 
ATOM   846  C  CD1 . TYR B 1 20  ? 3.247   7.213   -18.014 1.00 22.76  ? 220 TYR B CD1 1 
ATOM   847  C  CD2 . TYR B 1 20  ? 1.278   6.011   -18.627 1.00 24.74  ? 220 TYR B CD2 1 
ATOM   848  C  CE1 . TYR B 1 20  ? 3.946   6.022   -17.892 1.00 25.73  ? 220 TYR B CE1 1 
ATOM   849  C  CE2 . TYR B 1 20  ? 1.976   4.810   -18.508 1.00 25.41  ? 220 TYR B CE2 1 
ATOM   850  C  CZ  . TYR B 1 20  ? 3.308   4.829   -18.146 1.00 25.27  ? 220 TYR B CZ  1 
ATOM   851  O  OH  . TYR B 1 20  ? 4.017   3.660   -18.073 1.00 34.00  ? 220 TYR B OH  1 
ATOM   852  N  N   . PRO B 1 21  ? 0.274   10.708  -21.480 1.00 26.65  ? 221 PRO B N   1 
ATOM   853  C  CA  . PRO B 1 21  ? -0.566  11.860  -21.826 1.00 21.34  ? 221 PRO B CA  1 
ATOM   854  C  C   . PRO B 1 21  ? -1.936  11.817  -21.145 1.00 25.62  ? 221 PRO B C   1 
ATOM   855  O  O   . PRO B 1 21  ? -2.514  12.857  -20.841 1.00 25.46  ? 221 PRO B O   1 
ATOM   856  C  CB  . PRO B 1 21  ? -0.694  11.744  -23.348 1.00 21.84  ? 221 PRO B CB  1 
ATOM   857  C  CG  . PRO B 1 21  ? 0.575   11.032  -23.754 1.00 26.31  ? 221 PRO B CG  1 
ATOM   858  C  CD  . PRO B 1 21  ? 0.720   9.984   -22.689 1.00 20.73  ? 221 PRO B CD  1 
ATOM   859  N  N   . GLU B 1 22  ? -2.448  10.614  -20.896 1.00 27.37  ? 222 GLU B N   1 
ATOM   860  C  CA  . GLU B 1 22  ? -3.762  10.462  -20.263 1.00 30.70  ? 222 GLU B CA  1 
ATOM   861  C  C   . GLU B 1 22  ? -3.837  11.042  -18.855 1.00 30.81  ? 222 GLU B C   1 
ATOM   862  O  O   . GLU B 1 22  ? -4.886  11.530  -18.426 1.00 28.08  ? 222 GLU B O   1 
ATOM   863  C  CB  . GLU B 1 22  ? -4.212  8.993   -20.245 1.00 25.77  ? 222 GLU B CB  1 
ATOM   864  C  CG  . GLU B 1 22  ? -3.204  8.012   -19.691 1.00 26.80  ? 222 GLU B CG  1 
ATOM   865  C  CD  . GLU B 1 22  ? -2.462  7.282   -20.787 1.00 33.95  ? 222 GLU B CD  1 
ATOM   866  O  OE1 . GLU B 1 22  ? -1.545  7.868   -21.398 1.00 35.39  ? 222 GLU B OE1 1 
ATOM   867  O  OE2 . GLU B 1 22  ? -2.809  6.118   -21.052 1.00 35.71  ? 222 GLU B OE2 1 
ATOM   868  N  N   . TYR B 1 23  ? -2.712  11.023  -18.153 1.00 31.22  ? 223 TYR B N   1 
ATOM   869  C  CA  . TYR B 1 23  ? -2.664  11.537  -16.796 1.00 35.62  ? 223 TYR B CA  1 
ATOM   870  C  C   . TYR B 1 23  ? -2.045  12.924  -16.681 1.00 33.77  ? 223 TYR B C   1 
ATOM   871  O  O   . TYR B 1 23  ? -1.507  13.278  -15.641 1.00 34.31  ? 223 TYR B O   1 
ATOM   872  C  CB  . TYR B 1 23  ? -1.943  10.529  -15.897 1.00 36.31  ? 223 TYR B CB  1 
ATOM   873  C  CG  . TYR B 1 23  ? -2.772  9.287   -15.668 1.00 32.16  ? 223 TYR B CG  1 
ATOM   874  C  CD1 . TYR B 1 23  ? -2.239  8.017   -15.854 1.00 31.18  ? 223 TYR B CD1 1 
ATOM   875  C  CD2 . TYR B 1 23  ? -4.114  9.392   -15.289 1.00 31.31  ? 223 TYR B CD2 1 
ATOM   876  C  CE1 . TYR B 1 23  ? -3.027  6.875   -15.667 1.00 30.02  ? 223 TYR B CE1 1 
ATOM   877  C  CE2 . TYR B 1 23  ? -4.905  8.268   -15.104 1.00 25.04  ? 223 TYR B CE2 1 
ATOM   878  C  CZ  . TYR B 1 23  ? -4.358  7.014   -15.293 1.00 28.23  ? 223 TYR B CZ  1 
ATOM   879  O  OH  . TYR B 1 23  ? -5.152  5.905   -15.106 1.00 31.51  ? 223 TYR B OH  1 
ATOM   880  N  N   . ALA B 1 24  ? -2.164  13.715  -17.742 1.00 32.94  ? 224 ALA B N   1 
ATOM   881  C  CA  . ALA B 1 24  ? -1.606  15.056  -17.769 1.00 28.99  ? 224 ALA B CA  1 
ATOM   882  C  C   . ALA B 1 24  ? -2.306  15.993  -16.794 1.00 28.42  ? 224 ALA B C   1 
ATOM   883  O  O   . ALA B 1 24  ? -1.665  16.837  -16.173 1.00 26.32  ? 224 ALA B O   1 
ATOM   884  C  CB  . ALA B 1 24  ? -1.651  15.617  -19.177 1.00 23.81  ? 224 ALA B CB  1 
ATOM   885  N  N   . ILE B 1 25  ? -3.623  15.862  -16.675 1.00 29.82  ? 225 ILE B N   1 
ATOM   886  C  CA  . ILE B 1 25  ? -4.382  16.711  -15.756 1.00 24.79  ? 225 ILE B CA  1 
ATOM   887  C  C   . ILE B 1 25  ? -4.305  16.126  -14.356 1.00 27.62  ? 225 ILE B C   1 
ATOM   888  O  O   . ILE B 1 25  ? -4.414  14.913  -14.177 1.00 28.17  ? 225 ILE B O   1 
ATOM   889  C  CB  . ILE B 1 25  ? -5.851  16.860  -16.181 1.00 20.23  ? 225 ILE B CB  1 
ATOM   890  C  CG1 . ILE B 1 25  ? -5.953  17.786  -17.396 1.00 25.37  ? 225 ILE B CG1 1 
ATOM   891  C  CG2 . ILE B 1 25  ? -6.676  17.466  -15.054 1.00 18.41  ? 225 ILE B CG2 1 
ATOM   892  C  CD1 . ILE B 1 25  ? -5.168  17.343  -18.601 1.00 28.04  ? 225 ILE B CD1 1 
ATOM   893  N  N   . GLU B 1 26  ? -4.095  16.995  -13.371 1.00 35.70  ? 226 GLU B N   1 
ATOM   894  C  CA  . GLU B 1 26  ? -3.983  16.578  -11.970 1.00 37.19  ? 226 GLU B CA  1 
ATOM   895  C  C   . GLU B 1 26  ? -5.197  15.762  -11.525 1.00 33.39  ? 226 GLU B C   1 
ATOM   896  O  O   . GLU B 1 26  ? -5.050  14.689  -10.947 1.00 31.55  ? 226 GLU B O   1 
ATOM   897  C  CB  . GLU B 1 26  ? -3.813  17.794  -11.046 1.00 41.22  ? 226 GLU B CB  1 
ATOM   898  C  CG  . GLU B 1 26  ? -3.297  17.430  -9.646  1.00 50.38  ? 226 GLU B CG  1 
ATOM   899  C  CD  . GLU B 1 26  ? -3.801  18.351  -8.538  1.00 53.36  ? 226 GLU B CD  1 
ATOM   900  O  OE1 . GLU B 1 26  ? -3.833  17.896  -7.375  1.00 59.89  ? 226 GLU B OE1 1 
ATOM   901  O  OE2 . GLU B 1 26  ? -4.162  19.515  -8.813  1.00 57.11  ? 226 GLU B OE2 1 
ATOM   902  N  N   . THR B 1 27  ? -6.390  16.286  -11.798 1.00 24.84  ? 227 THR B N   1 
ATOM   903  C  CA  . THR B 1 27  ? -7.649  15.639  -11.451 1.00 26.81  ? 227 THR B CA  1 
ATOM   904  C  C   . THR B 1 27  ? -7.669  14.153  -11.854 1.00 32.44  ? 227 THR B C   1 
ATOM   905  O  O   . THR B 1 27  ? -8.017  13.284  -11.053 1.00 33.82  ? 227 THR B O   1 
ATOM   906  C  CB  . THR B 1 27  ? -8.804  16.369  -12.133 1.00 26.30  ? 227 THR B CB  1 
ATOM   907  O  OG1 . THR B 1 27  ? -8.728  17.766  -11.827 1.00 25.15  ? 227 THR B OG1 1 
ATOM   908  C  CG2 . THR B 1 27  ? -10.123 15.826  -11.680 1.00 25.04  ? 227 THR B CG2 1 
ATOM   909  N  N   . ALA B 1 28  ? -7.269  13.869  -13.088 1.00 36.02  ? 228 ALA B N   1 
ATOM   910  C  CA  . ALA B 1 28  ? -7.225  12.503  -13.584 1.00 35.47  ? 228 ALA B CA  1 
ATOM   911  C  C   . ALA B 1 28  ? -6.211  11.673  -12.800 1.00 38.90  ? 228 ALA B C   1 
ATOM   912  O  O   . ALA B 1 28  ? -6.394  10.469  -12.621 1.00 46.76  ? 228 ALA B O   1 
ATOM   913  C  CB  . ALA B 1 28  ? -6.882  12.495  -15.052 1.00 33.67  ? 228 ALA B CB  1 
ATOM   914  N  N   . ARG B 1 29  ? -5.134  12.314  -12.351 1.00 42.91  ? 229 ARG B N   1 
ATOM   915  C  CA  . ARG B 1 29  ? -4.089  11.635  -11.581 1.00 41.37  ? 229 ARG B CA  1 
ATOM   916  C  C   . ARG B 1 29  ? -4.571  11.293  -10.173 1.00 43.51  ? 229 ARG B C   1 
ATOM   917  O  O   . ARG B 1 29  ? -4.317  10.197  -9.656  1.00 41.91  ? 229 ARG B O   1 
ATOM   918  C  CB  . ARG B 1 29  ? -2.842  12.512  -11.493 1.00 39.59  ? 229 ARG B CB  1 
ATOM   919  C  CG  . ARG B 1 29  ? -1.771  12.171  -12.504 1.00 44.55  ? 229 ARG B CG  1 
ATOM   920  C  CD  . ARG B 1 29  ? -0.644  13.192  -12.467 1.00 51.16  ? 229 ARG B CD  1 
ATOM   921  N  NE  . ARG B 1 29  ? -1.029  14.449  -13.113 1.00 53.86  ? 229 ARG B NE  1 
ATOM   922  C  CZ  . ARG B 1 29  ? -0.659  15.653  -12.698 1.00 45.58  ? 229 ARG B CZ  1 
ATOM   923  N  NH1 . ARG B 1 29  ? 0.107   15.783  -11.627 1.00 43.21  ? 229 ARG B NH1 1 
ATOM   924  N  NH2 . ARG B 1 29  ? -1.051  16.731  -13.359 1.00 48.83  ? 229 ARG B NH2 1 
ATOM   925  N  N   . LEU B 1 30  ? -5.290  12.235  -9.569  1.00 42.72  ? 230 LEU B N   1 
ATOM   926  C  CA  . LEU B 1 30  ? -5.829  12.078  -8.223  1.00 40.97  ? 230 LEU B CA  1 
ATOM   927  C  C   . LEU B 1 30  ? -6.731  10.856  -8.127  1.00 42.84  ? 230 LEU B C   1 
ATOM   928  O  O   . LEU B 1 30  ? -6.520  9.988   -7.275  1.00 45.69  ? 230 LEU B O   1 
ATOM   929  C  CB  . LEU B 1 30  ? -6.634  13.320  -7.842  1.00 40.42  ? 230 LEU B CB  1 
ATOM   930  C  CG  . LEU B 1 30  ? -6.495  13.868  -6.418  1.00 41.72  ? 230 LEU B CG  1 
ATOM   931  C  CD1 . LEU B 1 30  ? -7.512  14.982  -6.211  1.00 34.09  ? 230 LEU B CD1 1 
ATOM   932  C  CD2 . LEU B 1 30  ? -6.692  12.764  -5.394  1.00 41.87  ? 230 LEU B CD2 1 
ATOM   933  N  N   . ARG B 1 31  ? -7.706  10.781  -9.033  1.00 42.92  ? 231 ARG B N   1 
ATOM   934  C  CA  . ARG B 1 31  ? -8.681  9.689   -9.078  1.00 41.54  ? 231 ARG B CA  1 
ATOM   935  C  C   . ARG B 1 31  ? -8.126  8.264   -9.025  1.00 37.90  ? 231 ARG B C   1 
ATOM   936  O  O   . ARG B 1 31  ? -8.841  7.340   -8.641  1.00 41.76  ? 231 ARG B O   1 
ATOM   937  C  CB  . ARG B 1 31  ? -9.599  9.844   -10.294 1.00 44.45  ? 231 ARG B CB  1 
ATOM   938  C  CG  . ARG B 1 31  ? -10.391 11.144  -10.310 1.00 54.34  ? 231 ARG B CG  1 
ATOM   939  C  CD  . ARG B 1 31  ? -11.514 11.094  -11.335 1.00 70.05  ? 231 ARG B CD  1 
ATOM   940  N  NE  . ARG B 1 31  ? -11.033 10.701  -12.658 1.00 85.85  ? 231 ARG B NE  1 
ATOM   941  C  CZ  . ARG B 1 31  ? -10.983 11.509  -13.715 1.00 94.79  ? 231 ARG B CZ  1 
ATOM   942  N  NH1 . ARG B 1 31  ? -11.388 12.772  -13.618 1.00 96.18  ? 231 ARG B NH1 1 
ATOM   943  N  NH2 . ARG B 1 31  ? -10.512 11.058  -14.872 1.00 94.83  ? 231 ARG B NH2 1 
ATOM   944  N  N   . THR B 1 32  ? -6.856  8.086   -9.370  1.00 33.45  ? 232 THR B N   1 
ATOM   945  C  CA  . THR B 1 32  ? -6.250  6.761   -9.351  1.00 33.40  ? 232 THR B CA  1 
ATOM   946  C  C   . THR B 1 32  ? -5.818  6.323   -7.953  1.00 38.33  ? 232 THR B C   1 
ATOM   947  O  O   . THR B 1 32  ? -5.392  5.180   -7.748  1.00 43.40  ? 232 THR B O   1 
ATOM   948  C  CB  . THR B 1 32  ? -5.022  6.687   -10.295 1.00 33.80  ? 232 THR B CB  1 
ATOM   949  O  OG1 . THR B 1 32  ? -3.919  7.399   -9.720  1.00 29.84  ? 232 THR B OG1 1 
ATOM   950  C  CG2 . THR B 1 32  ? -5.364  7.302   -11.635 1.00 28.24  ? 232 THR B CG2 1 
ATOM   951  N  N   . PHE B 1 33  ? -5.928  7.222   -6.984  1.00 39.23  ? 233 PHE B N   1 
ATOM   952  C  CA  . PHE B 1 33  ? -5.513  6.903   -5.627  1.00 40.74  ? 233 PHE B CA  1 
ATOM   953  C  C   . PHE B 1 33  ? -6.614  6.388   -4.711  1.00 41.67  ? 233 PHE B C   1 
ATOM   954  O  O   . PHE B 1 33  ? -6.419  6.333   -3.497  1.00 39.81  ? 233 PHE B O   1 
ATOM   955  C  CB  . PHE B 1 33  ? -4.841  8.114   -4.983  1.00 36.00  ? 233 PHE B CB  1 
ATOM   956  C  CG  . PHE B 1 33  ? -3.481  8.417   -5.534  1.00 29.68  ? 233 PHE B CG  1 
ATOM   957  C  CD1 . PHE B 1 33  ? -3.314  9.381   -6.518  1.00 30.81  ? 233 PHE B CD1 1 
ATOM   958  C  CD2 . PHE B 1 33  ? -2.366  7.747   -5.056  1.00 18.52  ? 233 PHE B CD2 1 
ATOM   959  C  CE1 . PHE B 1 33  ? -2.047  9.670   -7.017  1.00 28.50  ? 233 PHE B CE1 1 
ATOM   960  C  CE2 . PHE B 1 33  ? -1.104  8.027   -5.544  1.00 27.17  ? 233 PHE B CE2 1 
ATOM   961  C  CZ  . PHE B 1 33  ? -0.940  8.991   -6.526  1.00 22.37  ? 233 PHE B CZ  1 
ATOM   962  N  N   . GLU B 1 34  ? -7.749  5.980   -5.275  1.00 40.47  ? 234 GLU B N   1 
ATOM   963  C  CA  . GLU B 1 34  ? -8.841  5.494   -4.438  1.00 45.21  ? 234 GLU B CA  1 
ATOM   964  C  C   . GLU B 1 34  ? -8.460  4.271   -3.615  1.00 40.55  ? 234 GLU B C   1 
ATOM   965  O  O   . GLU B 1 34  ? -8.933  4.109   -2.498  1.00 38.07  ? 234 GLU B O   1 
ATOM   966  C  CB  . GLU B 1 34  ? -10.105 5.226   -5.247  1.00 46.61  ? 234 GLU B CB  1 
ATOM   967  C  CG  . GLU B 1 34  ? -10.025 4.048   -6.171  1.00 61.66  ? 234 GLU B CG  1 
ATOM   968  C  CD  . GLU B 1 34  ? -11.381 3.707   -6.744  1.00 70.14  ? 234 GLU B CD  1 
ATOM   969  O  OE1 . GLU B 1 34  ? -11.568 3.864   -7.974  1.00 73.59  ? 234 GLU B OE1 1 
ATOM   970  O  OE2 . GLU B 1 34  ? -12.265 3.296   -5.957  1.00 72.64  ? 234 GLU B OE2 1 
ATOM   971  N  N   . ALA B 1 35  ? -7.589  3.424   -4.157  1.00 37.63  ? 235 ALA B N   1 
ATOM   972  C  CA  . ALA B 1 35  ? -7.153  2.240   -3.425  1.00 32.15  ? 235 ALA B CA  1 
ATOM   973  C  C   . ALA B 1 35  ? -5.797  2.478   -2.763  1.00 33.43  ? 235 ALA B C   1 
ATOM   974  O  O   . ALA B 1 35  ? -5.176  1.536   -2.258  1.00 39.72  ? 235 ALA B O   1 
ATOM   975  C  CB  . ALA B 1 35  ? -7.089  1.026   -4.350  1.00 23.52  ? 235 ALA B CB  1 
ATOM   976  N  N   . TRP B 1 36  ? -5.335  3.731   -2.771  1.00 32.91  ? 236 TRP B N   1 
ATOM   977  C  CA  . TRP B 1 36  ? -4.043  4.094   -2.178  1.00 28.32  ? 236 TRP B CA  1 
ATOM   978  C  C   . TRP B 1 36  ? -4.069  3.784   -0.674  1.00 27.45  ? 236 TRP B C   1 
ATOM   979  O  O   . TRP B 1 36  ? -5.003  4.168   0.036   1.00 34.13  ? 236 TRP B O   1 
ATOM   980  C  CB  . TRP B 1 36  ? -3.747  5.581   -2.432  1.00 25.49  ? 236 TRP B CB  1 
ATOM   981  C  CG  . TRP B 1 36  ? -2.469  6.104   -1.810  1.00 26.60  ? 236 TRP B CG  1 
ATOM   982  C  CD1 . TRP B 1 36  ? -2.368  6.958   -0.750  1.00 23.58  ? 236 TRP B CD1 1 
ATOM   983  C  CD2 . TRP B 1 36  ? -1.122  5.779   -2.189  1.00 28.11  ? 236 TRP B CD2 1 
ATOM   984  N  NE1 . TRP B 1 36  ? -1.050  7.172   -0.433  1.00 28.62  ? 236 TRP B NE1 1 
ATOM   985  C  CE2 . TRP B 1 36  ? -0.261  6.463   -1.298  1.00 30.96  ? 236 TRP B CE2 1 
ATOM   986  C  CE3 . TRP B 1 36  ? -0.560  4.973   -3.190  1.00 30.16  ? 236 TRP B CE3 1 
ATOM   987  C  CZ2 . TRP B 1 36  ? 1.143   6.363   -1.374  1.00 28.88  ? 236 TRP B CZ2 1 
ATOM   988  C  CZ3 . TRP B 1 36  ? 0.843   4.872   -3.265  1.00 34.77  ? 236 TRP B CZ3 1 
ATOM   989  C  CH2 . TRP B 1 36  ? 1.674   5.567   -2.358  1.00 26.23  ? 236 TRP B CH2 1 
ATOM   990  N  N   . PRO B 1 37  ? -3.051  3.072   -0.174  1.00 22.23  ? 237 PRO B N   1 
ATOM   991  C  CA  . PRO B 1 37  ? -2.974  2.714   1.243   1.00 22.31  ? 237 PRO B CA  1 
ATOM   992  C  C   . PRO B 1 37  ? -3.156  3.895   2.197   1.00 26.84  ? 237 PRO B C   1 
ATOM   993  O  O   . PRO B 1 37  ? -2.203  4.588   2.530   1.00 32.60  ? 237 PRO B O   1 
ATOM   994  C  CB  . PRO B 1 37  ? -1.579  2.115   1.360   1.00 21.03  ? 237 PRO B CB  1 
ATOM   995  C  CG  . PRO B 1 37  ? -1.374  1.479   0.041   1.00 21.32  ? 237 PRO B CG  1 
ATOM   996  C  CD  . PRO B 1 37  ? -1.881  2.553   -0.900  1.00 23.84  ? 237 PRO B CD  1 
ATOM   997  N  N   . ARG B 1 38  ? -4.386  4.066   2.674   1.00 32.12  ? 238 ARG B N   1 
ATOM   998  C  CA  . ARG B 1 38  ? -4.784  5.127   3.599   1.00 34.56  ? 238 ARG B CA  1 
ATOM   999  C  C   . ARG B 1 38  ? -3.817  5.453   4.731   1.00 38.30  ? 238 ARG B C   1 
ATOM   1000 O  O   . ARG B 1 38  ? -3.596  6.612   5.044   1.00 44.08  ? 238 ARG B O   1 
ATOM   1001 C  CB  . ARG B 1 38  ? -6.126  4.753   4.211   1.00 30.99  ? 238 ARG B CB  1 
ATOM   1002 C  CG  . ARG B 1 38  ? -6.789  5.843   4.993   1.00 35.27  ? 238 ARG B CG  1 
ATOM   1003 C  CD  . ARG B 1 38  ? -8.283  5.712   4.822   1.00 46.87  ? 238 ARG B CD  1 
ATOM   1004 N  NE  . ARG B 1 38  ? -8.625  5.650   3.401   1.00 55.05  ? 238 ARG B NE  1 
ATOM   1005 C  CZ  . ARG B 1 38  ? -9.741  6.134   2.867   1.00 60.23  ? 238 ARG B CZ  1 
ATOM   1006 N  NH1 . ARG B 1 38  ? -10.660 6.720   3.629   1.00 63.07  ? 238 ARG B NH1 1 
ATOM   1007 N  NH2 . ARG B 1 38  ? -9.912  6.079   1.554   1.00 63.71  ? 238 ARG B NH2 1 
ATOM   1008 N  N   . ASN B 1 39  ? -3.259  4.422   5.351   1.00 48.56  ? 239 ASN B N   1 
ATOM   1009 C  CA  . ASN B 1 39  ? -2.349  4.594   6.482   1.00 55.42  ? 239 ASN B CA  1 
ATOM   1010 C  C   . ASN B 1 39  ? -1.035  5.308   6.169   1.00 53.76  ? 239 ASN B C   1 
ATOM   1011 O  O   . ASN B 1 39  ? -0.285  5.663   7.084   1.00 58.93  ? 239 ASN B O   1 
ATOM   1012 C  CB  . ASN B 1 39  ? -2.060  3.227   7.121   1.00 66.04  ? 239 ASN B CB  1 
ATOM   1013 C  CG  . ASN B 1 39  ? -1.396  3.334   8.501   1.00 71.00  ? 239 ASN B CG  1 
ATOM   1014 O  OD1 . ASN B 1 39  ? -1.825  4.115   9.358   1.00 72.47  ? 239 ASN B OD1 1 
ATOM   1015 N  ND2 . ASN B 1 39  ? -0.389  2.494   8.738   1.00 70.63  ? 239 ASN B ND2 1 
ATOM   1016 N  N   . LEU B 1 40  ? -0.737  5.509   4.889   1.00 49.15  ? 240 LEU B N   1 
ATOM   1017 C  CA  . LEU B 1 40  ? 0.513   6.167   4.524   1.00 44.04  ? 240 LEU B CA  1 
ATOM   1018 C  C   . LEU B 1 40  ? 0.505   7.671   4.769   1.00 44.19  ? 240 LEU B C   1 
ATOM   1019 O  O   . LEU B 1 40  ? -0.545  8.321   4.761   1.00 40.41  ? 240 LEU B O   1 
ATOM   1020 C  CB  . LEU B 1 40  ? 0.914   5.850   3.077   1.00 41.05  ? 240 LEU B CB  1 
ATOM   1021 C  CG  . LEU B 1 40  ? 1.734   4.570   2.878   1.00 36.25  ? 240 LEU B CG  1 
ATOM   1022 C  CD1 . LEU B 1 40  ? 0.982   3.413   3.437   1.00 44.11  ? 240 LEU B CD1 1 
ATOM   1023 C  CD2 . LEU B 1 40  ? 2.023   4.326   1.417   1.00 40.87  ? 240 LEU B CD2 1 
ATOM   1024 N  N   . LYS B 1 41  ? 1.694   8.197   5.033   1.00 44.28  ? 241 LYS B N   1 
ATOM   1025 C  CA  . LYS B 1 41  ? 1.895   9.615   5.292   1.00 44.04  ? 241 LYS B CA  1 
ATOM   1026 C  C   . LYS B 1 41  ? 1.620   10.439  4.038   1.00 38.37  ? 241 LYS B C   1 
ATOM   1027 O  O   . LYS B 1 41  ? 1.007   11.502  4.101   1.00 35.84  ? 241 LYS B O   1 
ATOM   1028 C  CB  . LYS B 1 41  ? 3.330   9.844   5.782   1.00 52.53  ? 241 LYS B CB  1 
ATOM   1029 C  CG  . LYS B 1 41  ? 3.498   9.865   7.302   1.00 60.31  ? 241 LYS B CG  1 
ATOM   1030 C  CD  . LYS B 1 41  ? 2.749   8.736   7.997   1.00 67.57  ? 241 LYS B CD  1 
ATOM   1031 C  CE  . LYS B 1 41  ? 2.882   8.819   9.516   1.00 67.93  ? 241 LYS B CE  1 
ATOM   1032 N  NZ  . LYS B 1 41  ? 2.045   7.804   10.216  1.00 65.68  ? 241 LYS B NZ  1 
ATOM   1033 N  N   . GLN B 1 42  ? 2.068   9.937   2.894   1.00 35.26  ? 242 GLN B N   1 
ATOM   1034 C  CA  . GLN B 1 42  ? 1.864   10.633  1.638   1.00 31.62  ? 242 GLN B CA  1 
ATOM   1035 C  C   . GLN B 1 42  ? 0.418   10.486  1.199   1.00 28.45  ? 242 GLN B C   1 
ATOM   1036 O  O   . GLN B 1 42  ? -0.010  9.403   0.820   1.00 31.20  ? 242 GLN B O   1 
ATOM   1037 C  CB  . GLN B 1 42  ? 2.789   10.073  0.560   1.00 30.54  ? 242 GLN B CB  1 
ATOM   1038 C  CG  . GLN B 1 42  ? 4.268   10.228  0.856   1.00 26.88  ? 242 GLN B CG  1 
ATOM   1039 C  CD  . GLN B 1 42  ? 4.771   9.241   1.885   1.00 31.97  ? 242 GLN B CD  1 
ATOM   1040 O  OE1 . GLN B 1 42  ? 4.087   8.269   2.215   1.00 34.06  ? 242 GLN B OE1 1 
ATOM   1041 N  NE2 . GLN B 1 42  ? 5.966   9.488   2.412   1.00 26.72  ? 242 GLN B NE2 1 
ATOM   1042 N  N   . LYS B 1 43  ? -0.347  11.563  1.304   1.00 31.00  ? 243 LYS B N   1 
ATOM   1043 C  CA  . LYS B 1 43  ? -1.747  11.544  0.896   1.00 35.86  ? 243 LYS B CA  1 
ATOM   1044 C  C   . LYS B 1 43  ? -1.832  11.680  -0.635  1.00 39.12  ? 243 LYS B C   1 
ATOM   1045 O  O   . LYS B 1 43  ? -0.899  12.193  -1.272  1.00 42.30  ? 243 LYS B O   1 
ATOM   1046 C  CB  . LYS B 1 43  ? -2.517  12.677  1.596   1.00 32.32  ? 243 LYS B CB  1 
ATOM   1047 C  CG  . LYS B 1 43  ? -2.768  13.934  0.751   1.00 41.87  ? 243 LYS B CG  1 
ATOM   1048 C  CD  . LYS B 1 43  ? -3.333  15.077  1.600   1.00 44.58  ? 243 LYS B CD  1 
ATOM   1049 C  CE  . LYS B 1 43  ? -3.688  16.302  0.765   1.00 37.37  ? 243 LYS B CE  1 
ATOM   1050 N  NZ  . LYS B 1 43  ? -2.540  16.789  -0.043  1.00 31.00  ? 243 LYS B NZ  1 
ATOM   1051 N  N   . PRO B 1 44  ? -2.943  11.213  -1.247  1.00 41.30  ? 244 PRO B N   1 
ATOM   1052 C  CA  . PRO B 1 44  ? -3.153  11.281  -2.697  1.00 39.88  ? 244 PRO B CA  1 
ATOM   1053 C  C   . PRO B 1 44  ? -2.980  12.674  -3.290  1.00 39.48  ? 244 PRO B C   1 
ATOM   1054 O  O   . PRO B 1 44  ? -2.212  12.846  -4.226  1.00 41.14  ? 244 PRO B O   1 
ATOM   1055 C  CB  . PRO B 1 44  ? -4.584  10.781  -2.849  1.00 34.45  ? 244 PRO B CB  1 
ATOM   1056 C  CG  . PRO B 1 44  ? -4.653  9.745   -1.817  1.00 38.69  ? 244 PRO B CG  1 
ATOM   1057 C  CD  . PRO B 1 44  ? -4.043  10.461  -0.623  1.00 44.56  ? 244 PRO B CD  1 
ATOM   1058 N  N   . HIS B 1 45  ? -3.675  13.667  -2.742  1.00 41.95  ? 245 HIS B N   1 
ATOM   1059 C  CA  . HIS B 1 45  ? -3.553  15.031  -3.246  1.00 47.67  ? 245 HIS B CA  1 
ATOM   1060 C  C   . HIS B 1 45  ? -2.094  15.469  -3.365  1.00 46.53  ? 245 HIS B C   1 
ATOM   1061 O  O   . HIS B 1 45  ? -1.734  16.202  -4.285  1.00 45.38  ? 245 HIS B O   1 
ATOM   1062 C  CB  . HIS B 1 45  ? -4.315  16.009  -2.358  1.00 58.58  ? 245 HIS B CB  1 
ATOM   1063 C  CG  . HIS B 1 45  ? -5.651  16.407  -2.902  1.00 74.78  ? 245 HIS B CG  1 
ATOM   1064 N  ND1 . HIS B 1 45  ? -6.840  16.001  -2.333  1.00 81.04  ? 245 HIS B ND1 1 
ATOM   1065 C  CD2 . HIS B 1 45  ? -5.984  17.182  -3.962  1.00 76.88  ? 245 HIS B CD2 1 
ATOM   1066 C  CE1 . HIS B 1 45  ? -7.849  16.509  -3.019  1.00 80.55  ? 245 HIS B CE1 1 
ATOM   1067 N  NE2 . HIS B 1 45  ? -7.358  17.229  -4.013  1.00 78.48  ? 245 HIS B NE2 1 
ATOM   1068 N  N   . GLN B 1 46  ? -1.259  15.020  -2.434  1.00 38.21  ? 246 GLN B N   1 
ATOM   1069 C  CA  . GLN B 1 46  ? 0.152   15.356  -2.460  1.00 34.61  ? 246 GLN B CA  1 
ATOM   1070 C  C   . GLN B 1 46  ? 0.830   14.693  -3.652  1.00 34.73  ? 246 GLN B C   1 
ATOM   1071 O  O   . GLN B 1 46  ? 1.319   15.373  -4.550  1.00 42.75  ? 246 GLN B O   1 
ATOM   1072 C  CB  . GLN B 1 46  ? 0.834   14.892  -1.178  1.00 37.64  ? 246 GLN B CB  1 
ATOM   1073 C  CG  . GLN B 1 46  ? 0.525   15.725  0.037   1.00 35.79  ? 246 GLN B CG  1 
ATOM   1074 C  CD  . GLN B 1 46  ? 0.740   14.953  1.325   1.00 43.02  ? 246 GLN B CD  1 
ATOM   1075 O  OE1 . GLN B 1 46  ? -0.091  15.014  2.224   1.00 49.90  ? 246 GLN B OE1 1 
ATOM   1076 N  NE2 . GLN B 1 46  ? 1.834   14.193  1.407   1.00 38.09  ? 246 GLN B NE2 1 
ATOM   1077 N  N   . LEU B 1 47  ? 0.851   13.363  -3.656  1.00 31.58  ? 247 LEU B N   1 
ATOM   1078 C  CA  . LEU B 1 47  ? 1.473   12.594  -4.733  1.00 27.06  ? 247 LEU B CA  1 
ATOM   1079 C  C   . LEU B 1 47  ? 0.966   13.039  -6.106  1.00 26.87  ? 247 LEU B C   1 
ATOM   1080 O  O   . LEU B 1 47  ? 1.727   13.109  -7.077  1.00 23.15  ? 247 LEU B O   1 
ATOM   1081 C  CB  . LEU B 1 47  ? 1.195   11.113  -4.520  1.00 19.23  ? 247 LEU B CB  1 
ATOM   1082 C  CG  . LEU B 1 47  ? 1.906   10.538  -3.304  1.00 19.11  ? 247 LEU B CG  1 
ATOM   1083 C  CD1 . LEU B 1 47  ? 0.998   9.579   -2.601  1.00 22.56  ? 247 LEU B CD1 1 
ATOM   1084 C  CD2 . LEU B 1 47  ? 3.198   9.866   -3.718  1.00 15.39  ? 247 LEU B CD2 1 
ATOM   1085 N  N   . ALA B 1 48  ? -0.314  13.381  -6.154  1.00 20.23  ? 248 ALA B N   1 
ATOM   1086 C  CA  . ALA B 1 48  ? -0.960  13.839  -7.365  1.00 27.53  ? 248 ALA B CA  1 
ATOM   1087 C  C   . ALA B 1 48  ? -0.293  15.121  -7.849  1.00 32.34  ? 248 ALA B C   1 
ATOM   1088 O  O   . ALA B 1 48  ? 0.203   15.177  -8.973  1.00 39.04  ? 248 ALA B O   1 
ATOM   1089 C  CB  . ALA B 1 48  ? -2.440  14.085  -7.107  1.00 19.69  ? 248 ALA B CB  1 
ATOM   1090 N  N   . GLU B 1 49  ? -0.264  16.140  -6.993  1.00 29.06  ? 249 GLU B N   1 
ATOM   1091 C  CA  . GLU B 1 49  ? 0.337   17.422  -7.342  1.00 23.25  ? 249 GLU B CA  1 
ATOM   1092 C  C   . GLU B 1 49  ? 1.789   17.276  -7.763  1.00 25.48  ? 249 GLU B C   1 
ATOM   1093 O  O   . GLU B 1 49  ? 2.276   18.035  -8.601  1.00 32.82  ? 249 GLU B O   1 
ATOM   1094 C  CB  . GLU B 1 49  ? 0.238   18.390  -6.175  1.00 20.22  ? 249 GLU B CB  1 
ATOM   1095 C  CG  . GLU B 1 49  ? -1.169  18.857  -5.900  1.00 36.03  ? 249 GLU B CG  1 
ATOM   1096 C  CD  . GLU B 1 49  ? -1.299  19.535  -4.554  1.00 46.07  ? 249 GLU B CD  1 
ATOM   1097 O  OE1 . GLU B 1 49  ? -0.268  20.022  -4.031  1.00 51.51  ? 249 GLU B OE1 1 
ATOM   1098 O  OE2 . GLU B 1 49  ? -2.430  19.575  -4.019  1.00 45.95  ? 249 GLU B OE2 1 
ATOM   1099 N  N   . ALA B 1 50  ? 2.480   16.290  -7.203  1.00 21.43  ? 250 ALA B N   1 
ATOM   1100 C  CA  . ALA B 1 50  ? 3.878   16.064  -7.548  1.00 21.26  ? 250 ALA B CA  1 
ATOM   1101 C  C   . ALA B 1 50  ? 4.046   15.352  -8.897  1.00 22.95  ? 250 ALA B C   1 
ATOM   1102 O  O   . ALA B 1 50  ? 5.139   14.885  -9.221  1.00 22.16  ? 250 ALA B O   1 
ATOM   1103 C  CB  . ALA B 1 50  ? 4.579   15.284  -6.443  1.00 14.55  ? 250 ALA B CB  1 
ATOM   1104 N  N   . GLY B 1 51  ? 2.961   15.249  -9.663  1.00 23.27  ? 251 GLY B N   1 
ATOM   1105 C  CA  . GLY B 1 51  ? 2.996   14.613  -10.972 1.00 25.30  ? 251 GLY B CA  1 
ATOM   1106 C  C   . GLY B 1 51  ? 2.863   13.101  -11.007 1.00 28.61  ? 251 GLY B C   1 
ATOM   1107 O  O   . GLY B 1 51  ? 3.112   12.480  -12.050 1.00 33.68  ? 251 GLY B O   1 
ATOM   1108 N  N   . PHE B 1 52  ? 2.432   12.512  -9.895  1.00 29.27  ? 252 PHE B N   1 
ATOM   1109 C  CA  . PHE B 1 52  ? 2.299   11.064  -9.784  1.00 18.95  ? 252 PHE B CA  1 
ATOM   1110 C  C   . PHE B 1 52  ? 0.877   10.544  -9.873  1.00 23.86  ? 252 PHE B C   1 
ATOM   1111 O  O   . PHE B 1 52  ? -0.071  11.223  -9.483  1.00 26.29  ? 252 PHE B O   1 
ATOM   1112 C  CB  . PHE B 1 52  ? 2.855   10.591  -8.450  1.00 18.86  ? 252 PHE B CB  1 
ATOM   1113 C  CG  . PHE B 1 52  ? 4.341   10.744  -8.305  1.00 25.41  ? 252 PHE B CG  1 
ATOM   1114 C  CD1 . PHE B 1 52  ? 4.868   11.628  -7.368  1.00 24.45  ? 252 PHE B CD1 1 
ATOM   1115 C  CD2 . PHE B 1 52  ? 5.215   9.941   -9.035  1.00 22.19  ? 252 PHE B CD2 1 
ATOM   1116 C  CE1 . PHE B 1 52  ? 6.241   11.701  -7.155  1.00 22.10  ? 252 PHE B CE1 1 
ATOM   1117 C  CE2 . PHE B 1 52  ? 6.589   10.011  -8.828  1.00 23.57  ? 252 PHE B CE2 1 
ATOM   1118 C  CZ  . PHE B 1 52  ? 7.100   10.890  -7.886  1.00 21.34  ? 252 PHE B CZ  1 
ATOM   1119 N  N   . PHE B 1 53  ? 0.739   9.329   -10.393 1.00 26.52  ? 253 PHE B N   1 
ATOM   1120 C  CA  . PHE B 1 53  ? -0.551  8.656   -10.477 1.00 26.23  ? 253 PHE B CA  1 
ATOM   1121 C  C   . PHE B 1 53  ? -0.301  7.246   -9.914  1.00 29.36  ? 253 PHE B C   1 
ATOM   1122 O  O   . PHE B 1 53  ? 0.848   6.772   -9.908  1.00 26.72  ? 253 PHE B O   1 
ATOM   1123 C  CB  . PHE B 1 53  ? -1.119  8.632   -11.905 1.00 24.84  ? 253 PHE B CB  1 
ATOM   1124 C  CG  . PHE B 1 53  ? -0.359  7.749   -12.865 1.00 33.25  ? 253 PHE B CG  1 
ATOM   1125 C  CD1 . PHE B 1 53  ? -0.615  6.376   -12.928 1.00 22.88  ? 253 PHE B CD1 1 
ATOM   1126 C  CD2 . PHE B 1 53  ? 0.610   8.290   -13.705 1.00 27.98  ? 253 PHE B CD2 1 
ATOM   1127 C  CE1 . PHE B 1 53  ? 0.081   5.564   -13.804 1.00 29.04  ? 253 PHE B CE1 1 
ATOM   1128 C  CE2 . PHE B 1 53  ? 1.315   7.482   -14.590 1.00 31.42  ? 253 PHE B CE2 1 
ATOM   1129 C  CZ  . PHE B 1 53  ? 1.055   6.120   -14.642 1.00 31.48  ? 253 PHE B CZ  1 
ATOM   1130 N  N   . TYR B 1 54  ? -1.353  6.612   -9.397  1.00 28.89  ? 254 TYR B N   1 
ATOM   1131 C  CA  . TYR B 1 54  ? -1.245  5.291   -8.786  1.00 22.75  ? 254 TYR B CA  1 
ATOM   1132 C  C   . TYR B 1 54  ? -1.231  4.107   -9.737  1.00 20.56  ? 254 TYR B C   1 
ATOM   1133 O  O   . TYR B 1 54  ? -2.110  3.966   -10.583 1.00 20.70  ? 254 TYR B O   1 
ATOM   1134 C  CB  . TYR B 1 54  ? -2.359  5.105   -7.756  1.00 26.51  ? 254 TYR B CB  1 
ATOM   1135 C  CG  . TYR B 1 54  ? -2.183  3.900   -6.856  1.00 23.26  ? 254 TYR B CG  1 
ATOM   1136 C  CD1 . TYR B 1 54  ? -0.934  3.309   -6.690  1.00 20.30  ? 254 TYR B CD1 1 
ATOM   1137 C  CD2 . TYR B 1 54  ? -3.267  3.351   -6.176  1.00 21.09  ? 254 TYR B CD2 1 
ATOM   1138 C  CE1 . TYR B 1 54  ? -0.766  2.205   -5.881  1.00 20.06  ? 254 TYR B CE1 1 
ATOM   1139 C  CE2 . TYR B 1 54  ? -3.109  2.240   -5.358  1.00 17.95  ? 254 TYR B CE2 1 
ATOM   1140 C  CZ  . TYR B 1 54  ? -1.857  1.669   -5.221  1.00 23.71  ? 254 TYR B CZ  1 
ATOM   1141 O  OH  . TYR B 1 54  ? -1.686  0.532   -4.474  1.00 27.00  ? 254 TYR B OH  1 
ATOM   1142 N  N   . THR B 1 55  ? -0.240  3.242   -9.544  1.00 18.25  ? 255 THR B N   1 
ATOM   1143 C  CA  . THR B 1 55  ? -0.050  2.015   -10.320 1.00 17.29  ? 255 THR B CA  1 
ATOM   1144 C  C   . THR B 1 55  ? -1.109  0.954   -9.947  1.00 29.08  ? 255 THR B C   1 
ATOM   1145 O  O   . THR B 1 55  ? -1.278  -0.040  -10.659 1.00 30.76  ? 255 THR B O   1 
ATOM   1146 C  CB  . THR B 1 55  ? 1.384   1.463   -10.044 1.00 19.94  ? 255 THR B CB  1 
ATOM   1147 O  OG1 . THR B 1 55  ? 2.344   2.266   -10.737 1.00 25.10  ? 255 THR B OG1 1 
ATOM   1148 C  CG2 . THR B 1 55  ? 1.555   0.012   -10.432 1.00 18.61  ? 255 THR B CG2 1 
ATOM   1149 N  N   . GLY B 1 56  ? -1.826  1.188   -8.841  1.00 31.47  ? 256 GLY B N   1 
ATOM   1150 C  CA  . GLY B 1 56  ? -2.849  0.259   -8.369  1.00 23.94  ? 256 GLY B CA  1 
ATOM   1151 C  C   . GLY B 1 56  ? -2.287  -0.868  -7.510  1.00 31.16  ? 256 GLY B C   1 
ATOM   1152 O  O   . GLY B 1 56  ? -3.012  -1.539  -6.781  1.00 35.03  ? 256 GLY B O   1 
ATOM   1153 N  N   . VAL B 1 57  ? -0.972  -1.016  -7.539  1.00 30.69  ? 257 VAL B N   1 
ATOM   1154 C  CA  . VAL B 1 57  ? -0.281  -2.055  -6.795  1.00 34.22  ? 257 VAL B CA  1 
ATOM   1155 C  C   . VAL B 1 57  ? 0.575   -1.483  -5.666  1.00 34.45  ? 257 VAL B C   1 
ATOM   1156 O  O   . VAL B 1 57  ? 1.382   -0.588  -5.896  1.00 40.91  ? 257 VAL B O   1 
ATOM   1157 C  CB  . VAL B 1 57  ? 0.626   -2.852  -7.755  1.00 31.83  ? 257 VAL B CB  1 
ATOM   1158 C  CG1 . VAL B 1 57  ? 1.476   -3.847  -6.997  1.00 39.62  ? 257 VAL B CG1 1 
ATOM   1159 C  CG2 . VAL B 1 57  ? -0.223  -3.556  -8.804  1.00 34.52  ? 257 VAL B CG2 1 
ATOM   1160 N  N   . GLY B 1 58  ? 0.404   -2.006  -4.453  1.00 38.46  ? 258 GLY B N   1 
ATOM   1161 C  CA  . GLY B 1 58  ? 1.186   -1.557  -3.306  1.00 33.64  ? 258 GLY B CA  1 
ATOM   1162 C  C   . GLY B 1 58  ? 1.222   -0.055  -3.080  1.00 31.29  ? 258 GLY B C   1 
ATOM   1163 O  O   . GLY B 1 58  ? 0.185   0.571   -2.859  1.00 23.75  ? 258 GLY B O   1 
ATOM   1164 N  N   . ASP B 1 59  ? 2.425   0.515   -3.084  1.00 32.47  ? 259 ASP B N   1 
ATOM   1165 C  CA  . ASP B 1 59  ? 2.593   1.965   -2.909  1.00 37.97  ? 259 ASP B CA  1 
ATOM   1166 C  C   . ASP B 1 59  ? 3.403   2.546   -4.071  1.00 37.48  ? 259 ASP B C   1 
ATOM   1167 O  O   . ASP B 1 59  ? 4.040   3.597   -3.950  1.00 43.01  ? 259 ASP B O   1 
ATOM   1168 C  CB  . ASP B 1 59  ? 3.244   2.312   -1.552  1.00 28.29  ? 259 ASP B CB  1 
ATOM   1169 C  CG  . ASP B 1 59  ? 4.715   1.905   -1.459  1.00 31.98  ? 259 ASP B CG  1 
ATOM   1170 O  OD1 . ASP B 1 59  ? 5.190   1.050   -2.238  1.00 37.98  ? 259 ASP B OD1 1 
ATOM   1171 O  OD2 . ASP B 1 59  ? 5.404   2.441   -0.568  1.00 37.23  ? 259 ASP B OD2 1 
ATOM   1172 N  N   . ARG B 1 60  ? 3.355   1.836   -5.196  1.00 32.77  ? 260 ARG B N   1 
ATOM   1173 C  CA  . ARG B 1 60  ? 4.069   2.196   -6.411  1.00 23.84  ? 260 ARG B CA  1 
ATOM   1174 C  C   . ARG B 1 60  ? 3.314   3.215   -7.249  1.00 24.74  ? 260 ARG B C   1 
ATOM   1175 O  O   . ARG B 1 60  ? 2.154   3.004   -7.618  1.00 25.95  ? 260 ARG B O   1 
ATOM   1176 C  CB  . ARG B 1 60  ? 4.318   0.938   -7.223  1.00 20.78  ? 260 ARG B CB  1 
ATOM   1177 C  CG  . ARG B 1 60  ? 5.069   -0.108  -6.439  1.00 25.50  ? 260 ARG B CG  1 
ATOM   1178 C  CD  . ARG B 1 60  ? 4.757   -1.518  -6.895  1.00 26.34  ? 260 ARG B CD  1 
ATOM   1179 N  NE  . ARG B 1 60  ? 5.545   -2.485  -6.140  1.00 25.86  ? 260 ARG B NE  1 
ATOM   1180 C  CZ  . ARG B 1 60  ? 6.260   -3.451  -6.698  1.00 30.49  ? 260 ARG B CZ  1 
ATOM   1181 N  NH1 . ARG B 1 60  ? 6.272   -3.578  -8.015  1.00 34.16  ? 260 ARG B NH1 1 
ATOM   1182 N  NH2 . ARG B 1 60  ? 6.996   -4.261  -5.948  1.00 28.87  ? 260 ARG B NH2 1 
ATOM   1183 N  N   . VAL B 1 61  ? 3.967   4.338   -7.515  1.00 23.77  ? 261 VAL B N   1 
ATOM   1184 C  CA  . VAL B 1 61  ? 3.378   5.396   -8.320  1.00 24.48  ? 261 VAL B CA  1 
ATOM   1185 C  C   . VAL B 1 61  ? 4.291   5.698   -9.504  1.00 24.36  ? 261 VAL B C   1 
ATOM   1186 O  O   . VAL B 1 61  ? 5.473   5.325   -9.503  1.00 17.64  ? 261 VAL B O   1 
ATOM   1187 C  CB  . VAL B 1 61  ? 3.154   6.688   -7.491  1.00 25.99  ? 261 VAL B CB  1 
ATOM   1188 C  CG1 . VAL B 1 61  ? 2.103   6.444   -6.417  1.00 27.25  ? 261 VAL B CG1 1 
ATOM   1189 C  CG2 . VAL B 1 61  ? 4.474   7.171   -6.863  1.00 20.06  ? 261 VAL B CG2 1 
ATOM   1190 N  N   . ARG B 1 62  ? 3.720   6.310   -10.535 1.00 18.52  ? 262 ARG B N   1 
ATOM   1191 C  CA  . ARG B 1 62  ? 4.480   6.691   -11.713 1.00 25.54  ? 262 ARG B CA  1 
ATOM   1192 C  C   . ARG B 1 62  ? 4.135   8.111   -12.095 1.00 28.52  ? 262 ARG B C   1 
ATOM   1193 O  O   . ARG B 1 62  ? 3.006   8.566   -11.872 1.00 19.08  ? 262 ARG B O   1 
ATOM   1194 C  CB  . ARG B 1 62  ? 4.204   5.773   -12.898 1.00 26.02  ? 262 ARG B CB  1 
ATOM   1195 C  CG  . ARG B 1 62  ? 4.931   4.472   -12.823 1.00 22.93  ? 262 ARG B CG  1 
ATOM   1196 C  CD  . ARG B 1 62  ? 4.993   3.836   -14.177 1.00 24.82  ? 262 ARG B CD  1 
ATOM   1197 N  NE  . ARG B 1 62  ? 5.590   2.509   -14.094 1.00 29.74  ? 262 ARG B NE  1 
ATOM   1198 C  CZ  . ARG B 1 62  ? 6.886   2.281   -13.914 1.00 31.79  ? 262 ARG B CZ  1 
ATOM   1199 N  NH1 . ARG B 1 62  ? 7.735   3.294   -13.792 1.00 35.17  ? 262 ARG B NH1 1 
ATOM   1200 N  NH2 . ARG B 1 62  ? 7.339   1.034   -13.888 1.00 32.71  ? 262 ARG B NH2 1 
ATOM   1201 N  N   . CYS B 1 63  ? 5.120   8.809   -12.655 1.00 32.59  ? 263 CYS B N   1 
ATOM   1202 C  CA  . CYS B 1 63  ? 4.949   10.195  -13.076 1.00 31.10  ? 263 CYS B CA  1 
ATOM   1203 C  C   . CYS B 1 63  ? 4.413   10.215  -14.491 1.00 32.51  ? 263 CYS B C   1 
ATOM   1204 O  O   . CYS B 1 63  ? 4.929   9.504   -15.351 1.00 33.98  ? 263 CYS B O   1 
ATOM   1205 C  CB  . CYS B 1 63  ? 6.292   10.913  -13.038 1.00 31.51  ? 263 CYS B CB  1 
ATOM   1206 S  SG  . CYS B 1 63  ? 6.266   12.668  -13.534 1.00 25.01  ? 263 CYS B SG  1 
ATOM   1207 N  N   . PHE B 1 64  ? 3.438   11.079  -14.751 1.00 35.75  ? 264 PHE B N   1 
ATOM   1208 C  CA  . PHE B 1 64  ? 2.849   11.165  -16.084 1.00 38.17  ? 264 PHE B CA  1 
ATOM   1209 C  C   . PHE B 1 64  ? 3.808   11.712  -17.138 1.00 38.51  ? 264 PHE B C   1 
ATOM   1210 O  O   . PHE B 1 64  ? 3.659   11.411  -18.320 1.00 34.61  ? 264 PHE B O   1 
ATOM   1211 C  CB  . PHE B 1 64  ? 1.580   12.015  -16.069 1.00 41.19  ? 264 PHE B CB  1 
ATOM   1212 C  CG  . PHE B 1 64  ? 1.840   13.490  -16.082 1.00 44.39  ? 264 PHE B CG  1 
ATOM   1213 C  CD1 . PHE B 1 64  ? 1.626   14.234  -17.235 1.00 47.85  ? 264 PHE B CD1 1 
ATOM   1214 C  CD2 . PHE B 1 64  ? 2.267   14.143  -14.939 1.00 44.47  ? 264 PHE B CD2 1 
ATOM   1215 C  CE1 . PHE B 1 64  ? 1.831   15.607  -17.244 1.00 44.83  ? 264 PHE B CE1 1 
ATOM   1216 C  CE2 . PHE B 1 64  ? 2.473   15.516  -14.945 1.00 46.19  ? 264 PHE B CE2 1 
ATOM   1217 C  CZ  . PHE B 1 64  ? 2.254   16.247  -16.096 1.00 38.59  ? 264 PHE B CZ  1 
ATOM   1218 N  N   . SER B 1 65  ? 4.750   12.559  -16.724 1.00 38.24  ? 265 SER B N   1 
ATOM   1219 C  CA  . SER B 1 65  ? 5.707   13.128  -17.669 1.00 34.82  ? 265 SER B CA  1 
ATOM   1220 C  C   . SER B 1 65  ? 6.926   12.262  -17.913 1.00 30.68  ? 265 SER B C   1 
ATOM   1221 O  O   . SER B 1 65  ? 7.195   11.897  -19.048 1.00 37.92  ? 265 SER B O   1 
ATOM   1222 C  CB  . SER B 1 65  ? 6.126   14.536  -17.258 1.00 34.01  ? 265 SER B CB  1 
ATOM   1223 O  OG  . SER B 1 65  ? 6.474   14.575  -15.889 1.00 46.81  ? 265 SER B OG  1 
ATOM   1224 N  N   . CYS B 1 66  ? 7.642   11.895  -16.855 1.00 30.99  ? 266 CYS B N   1 
ATOM   1225 C  CA  . CYS B 1 66  ? 8.840   11.067  -17.014 1.00 29.51  ? 266 CYS B CA  1 
ATOM   1226 C  C   . CYS B 1 66  ? 8.627   9.550   -16.973 1.00 35.45  ? 266 CYS B C   1 
ATOM   1227 O  O   . CYS B 1 66  ? 9.544   8.798   -17.302 1.00 40.27  ? 266 CYS B O   1 
ATOM   1228 C  CB  . CYS B 1 66  ? 9.942   11.468  -16.011 1.00 32.66  ? 266 CYS B CB  1 
ATOM   1229 S  SG  . CYS B 1 66  ? 9.594   11.272  -14.216 1.00 33.34  ? 266 CYS B SG  1 
ATOM   1230 N  N   . GLY B 1 67  ? 7.450   9.100   -16.537 1.00 33.37  ? 267 GLY B N   1 
ATOM   1231 C  CA  . GLY B 1 67  ? 7.185   7.671   -16.469 1.00 32.26  ? 267 GLY B CA  1 
ATOM   1232 C  C   . GLY B 1 67  ? 7.966   6.962   -15.376 1.00 36.15  ? 267 GLY B C   1 
ATOM   1233 O  O   . GLY B 1 67  ? 7.898   5.733   -15.249 1.00 38.18  ? 267 GLY B O   1 
ATOM   1234 N  N   . GLY B 1 68  ? 8.720   7.736   -14.596 1.00 31.57  ? 268 GLY B N   1 
ATOM   1235 C  CA  . GLY B 1 68  ? 9.496   7.171   -13.511 1.00 21.60  ? 268 GLY B CA  1 
ATOM   1236 C  C   . GLY B 1 68  ? 8.552   6.731   -12.417 1.00 22.97  ? 268 GLY B C   1 
ATOM   1237 O  O   . GLY B 1 68  ? 7.529   7.394   -12.162 1.00 19.27  ? 268 GLY B O   1 
ATOM   1238 N  N   . GLY B 1 69  ? 8.872   5.607   -11.791 1.00 23.75  ? 269 GLY B N   1 
ATOM   1239 C  CA  . GLY B 1 69  ? 8.029   5.083   -10.733 1.00 31.79  ? 269 GLY B CA  1 
ATOM   1240 C  C   . GLY B 1 69  ? 8.757   4.953   -9.413  1.00 36.95  ? 269 GLY B C   1 
ATOM   1241 O  O   . GLY B 1 69  ? 9.875   4.431   -9.363  1.00 40.89  ? 269 GLY B O   1 
ATOM   1242 N  N   . LEU B 1 70  ? 8.131   5.440   -8.347  1.00 40.52  ? 270 LEU B N   1 
ATOM   1243 C  CA  . LEU B 1 70  ? 8.715   5.382   -7.005  1.00 40.42  ? 270 LEU B CA  1 
ATOM   1244 C  C   . LEU B 1 70  ? 7.829   4.548   -6.079  1.00 38.17  ? 270 LEU B C   1 
ATOM   1245 O  O   . LEU B 1 70  ? 6.600   4.632   -6.126  1.00 37.97  ? 270 LEU B O   1 
ATOM   1246 C  CB  . LEU B 1 70  ? 8.859   6.789   -6.412  1.00 37.96  ? 270 LEU B CB  1 
ATOM   1247 C  CG  . LEU B 1 70  ? 9.760   7.831   -7.071  1.00 26.94  ? 270 LEU B CG  1 
ATOM   1248 C  CD1 . LEU B 1 70  ? 9.673   9.115   -6.277  1.00 21.13  ? 270 LEU B CD1 1 
ATOM   1249 C  CD2 . LEU B 1 70  ? 11.181  7.333   -7.116  1.00 21.54  ? 270 LEU B CD2 1 
ATOM   1250 N  N   . MET B 1 71  ? 8.460   3.790   -5.198  1.00 36.74  ? 271 MET B N   1 
ATOM   1251 C  CA  . MET B 1 71  ? 7.731   2.945   -4.264  1.00 39.67  ? 271 MET B CA  1 
ATOM   1252 C  C   . MET B 1 71  ? 8.413   3.057   -2.908  1.00 39.08  ? 271 MET B C   1 
ATOM   1253 O  O   . MET B 1 71  ? 9.165   3.998   -2.677  1.00 44.23  ? 271 MET B O   1 
ATOM   1254 C  CB  . MET B 1 71  ? 7.761   1.496   -4.752  1.00 36.62  ? 271 MET B CB  1 
ATOM   1255 C  CG  . MET B 1 71  ? 9.161   0.933   -4.895  1.00 32.05  ? 271 MET B CG  1 
ATOM   1256 S  SD  . MET B 1 71  ? 9.216   -0.711  -5.633  1.00 41.47  ? 271 MET B SD  1 
ATOM   1257 C  CE  . MET B 1 71  ? 10.935  -1.148  -5.370  1.00 27.55  ? 271 MET B CE  1 
ATOM   1258 N  N   . ASP B 1 72  ? 8.128   2.112   -2.013  1.00 37.67  ? 272 ASP B N   1 
ATOM   1259 C  CA  . ASP B 1 72  ? 8.726   2.080   -0.678  1.00 33.66  ? 272 ASP B CA  1 
ATOM   1260 C  C   . ASP B 1 72  ? 8.749   3.433   0.036   1.00 31.82  ? 272 ASP B C   1 
ATOM   1261 O  O   . ASP B 1 72  ? 9.738   3.797   0.666   1.00 30.87  ? 272 ASP B O   1 
ATOM   1262 C  CB  . ASP B 1 72  ? 10.138  1.488   -0.758  1.00 31.68  ? 272 ASP B CB  1 
ATOM   1263 C  CG  . ASP B 1 72  ? 10.143  0.036   -1.231  1.00 31.75  ? 272 ASP B CG  1 
ATOM   1264 O  OD1 . ASP B 1 72  ? 9.094   -0.630  -1.122  1.00 45.95  ? 272 ASP B OD1 1 
ATOM   1265 O  OD2 . ASP B 1 72  ? 11.200  -0.451  -1.699  1.00 34.85  ? 272 ASP B OD2 1 
ATOM   1266 N  N   . TRP B 1 73  ? 7.646   4.163   -0.061  1.00 31.41  ? 273 TRP B N   1 
ATOM   1267 C  CA  . TRP B 1 73  ? 7.520   5.472   0.561   1.00 41.54  ? 273 TRP B CA  1 
ATOM   1268 C  C   . TRP B 1 73  ? 7.644   5.485   2.081   1.00 48.25  ? 273 TRP B C   1 
ATOM   1269 O  O   . TRP B 1 73  ? 6.719   5.086   2.791   1.00 49.84  ? 273 TRP B O   1 
ATOM   1270 C  CB  . TRP B 1 73  ? 6.195   6.103   0.156   1.00 41.35  ? 273 TRP B CB  1 
ATOM   1271 C  CG  . TRP B 1 73  ? 6.156   6.468   -1.284  1.00 50.68  ? 273 TRP B CG  1 
ATOM   1272 C  CD1 . TRP B 1 73  ? 5.844   5.652   -2.333  1.00 47.47  ? 273 TRP B CD1 1 
ATOM   1273 C  CD2 . TRP B 1 73  ? 6.438   7.755   -1.843  1.00 53.65  ? 273 TRP B CD2 1 
ATOM   1274 N  NE1 . TRP B 1 73  ? 5.907   6.354   -3.510  1.00 52.38  ? 273 TRP B NE1 1 
ATOM   1275 C  CE2 . TRP B 1 73  ? 6.268   7.648   -3.239  1.00 53.92  ? 273 TRP B CE2 1 
ATOM   1276 C  CE3 . TRP B 1 73  ? 6.813   8.991   -1.299  1.00 53.19  ? 273 TRP B CE3 1 
ATOM   1277 C  CZ2 . TRP B 1 73  ? 6.464   8.735   -4.102  1.00 55.31  ? 273 TRP B CZ2 1 
ATOM   1278 C  CZ3 . TRP B 1 73  ? 7.006   10.069  -2.156  1.00 52.30  ? 273 TRP B CZ3 1 
ATOM   1279 C  CH2 . TRP B 1 73  ? 6.830   9.932   -3.541  1.00 54.38  ? 273 TRP B CH2 1 
ATOM   1280 N  N   . ASN B 1 74  ? 8.783   5.969   2.570   1.00 54.64  ? 274 ASN B N   1 
ATOM   1281 C  CA  . ASN B 1 74  ? 9.044   6.071   4.005   1.00 56.30  ? 274 ASN B CA  1 
ATOM   1282 C  C   . ASN B 1 74  ? 8.399   7.328   4.596   1.00 53.77  ? 274 ASN B C   1 
ATOM   1283 O  O   . ASN B 1 74  ? 7.988   8.227   3.861   1.00 52.96  ? 274 ASN B O   1 
ATOM   1284 C  CB  . ASN B 1 74  ? 10.548  6.099   4.269   1.00 63.34  ? 274 ASN B CB  1 
ATOM   1285 C  CG  . ASN B 1 74  ? 10.870  6.081   5.742   1.00 74.93  ? 274 ASN B CG  1 
ATOM   1286 O  OD1 . ASN B 1 74  ? 10.822  7.113   6.416   1.00 80.01  ? 274 ASN B OD1 1 
ATOM   1287 N  ND2 . ASN B 1 74  ? 11.149  4.899   6.268   1.00 81.54  ? 274 ASN B ND2 1 
ATOM   1288 N  N   . ASP B 1 75  ? 8.325   7.390   5.923   1.00 54.36  ? 275 ASP B N   1 
ATOM   1289 C  CA  . ASP B 1 75  ? 7.730   8.521   6.634   1.00 55.84  ? 275 ASP B CA  1 
ATOM   1290 C  C   . ASP B 1 75  ? 8.363   9.867   6.313   1.00 55.50  ? 275 ASP B C   1 
ATOM   1291 O  O   . ASP B 1 75  ? 7.680   10.886  6.254   1.00 49.65  ? 275 ASP B O   1 
ATOM   1292 C  CB  . ASP B 1 75  ? 7.825   8.301   8.144   1.00 61.05  ? 275 ASP B CB  1 
ATOM   1293 C  CG  . ASP B 1 75  ? 7.032   7.099   8.615   1.00 65.94  ? 275 ASP B CG  1 
ATOM   1294 O  OD1 . ASP B 1 75  ? 5.823   7.020   8.302   1.00 67.74  ? 275 ASP B OD1 1 
ATOM   1295 O  OD2 . ASP B 1 75  ? 7.621   6.242   9.311   1.00 67.76  ? 275 ASP B OD2 1 
ATOM   1296 N  N   . ASN B 1 76  ? 9.677   9.862   6.133   1.00 57.23  ? 276 ASN B N   1 
ATOM   1297 C  CA  . ASN B 1 76  ? 10.437  11.076  5.846   1.00 61.38  ? 276 ASN B CA  1 
ATOM   1298 C  C   . ASN B 1 76  ? 10.413  11.519  4.374   1.00 59.24  ? 276 ASN B C   1 
ATOM   1299 O  O   . ASN B 1 76  ? 11.193  12.383  3.970   1.00 60.92  ? 276 ASN B O   1 
ATOM   1300 C  CB  . ASN B 1 76  ? 11.892  10.871  6.297   1.00 65.37  ? 276 ASN B CB  1 
ATOM   1301 C  CG  . ASN B 1 76  ? 12.560  9.675   5.610   1.00 72.38  ? 276 ASN B CG  1 
ATOM   1302 O  OD1 . ASN B 1 76  ? 11.946  8.995   4.780   1.00 73.41  ? 276 ASN B OD1 1 
ATOM   1303 N  ND2 . ASN B 1 76  ? 13.815  9.406   5.967   1.00 68.33  ? 276 ASN B ND2 1 
ATOM   1304 N  N   . ASP B 1 77  ? 9.519   10.951  3.573   1.00 58.38  ? 277 ASP B N   1 
ATOM   1305 C  CA  . ASP B 1 77  ? 9.465   11.294  2.153   1.00 51.39  ? 277 ASP B CA  1 
ATOM   1306 C  C   . ASP B 1 77  ? 8.424   12.323  1.753   1.00 51.14  ? 277 ASP B C   1 
ATOM   1307 O  O   . ASP B 1 77  ? 7.268   12.263  2.182   1.00 52.40  ? 277 ASP B O   1 
ATOM   1308 C  CB  . ASP B 1 77  ? 9.279   10.032  1.293   1.00 44.40  ? 277 ASP B CB  1 
ATOM   1309 C  CG  . ASP B 1 77  ? 10.454  9.059   1.398   1.00 42.90  ? 277 ASP B CG  1 
ATOM   1310 O  OD1 . ASP B 1 77  ? 11.529  9.448   1.896   1.00 50.43  ? 277 ASP B OD1 1 
ATOM   1311 O  OD2 . ASP B 1 77  ? 10.310  7.895   0.978   1.00 40.97  ? 277 ASP B OD2 1 
ATOM   1312 N  N   . GLU B 1 78  ? 8.865   13.281  0.944   1.00 49.35  ? 278 GLU B N   1 
ATOM   1313 C  CA  . GLU B 1 78  ? 8.011   14.330  0.394   1.00 42.58  ? 278 GLU B CA  1 
ATOM   1314 C  C   . GLU B 1 78  ? 8.049   13.969  -1.085  1.00 39.93  ? 278 GLU B C   1 
ATOM   1315 O  O   . GLU B 1 78  ? 9.127   13.722  -1.641  1.00 39.74  ? 278 GLU B O   1 
ATOM   1316 C  CB  . GLU B 1 78  ? 8.620   15.716  0.649   1.00 50.18  ? 278 GLU B CB  1 
ATOM   1317 C  CG  . GLU B 1 78  ? 8.649   16.100  2.143   1.00 68.03  ? 278 GLU B CG  1 
ATOM   1318 C  CD  . GLU B 1 78  ? 9.480   17.357  2.473   1.00 74.90  ? 278 GLU B CD  1 
ATOM   1319 O  OE1 . GLU B 1 78  ? 8.880   18.414  2.788   1.00 73.29  ? 278 GLU B OE1 1 
ATOM   1320 O  OE2 . GLU B 1 78  ? 10.731  17.274  2.460   1.00 73.76  ? 278 GLU B OE2 1 
ATOM   1321 N  N   . PRO B 1 79  ? 6.881   13.860  -1.733  1.00 37.07  ? 279 PRO B N   1 
ATOM   1322 C  CA  . PRO B 1 79  ? 6.811   13.506  -3.159  1.00 37.46  ? 279 PRO B CA  1 
ATOM   1323 C  C   . PRO B 1 79  ? 7.739   14.302  -4.096  1.00 32.51  ? 279 PRO B C   1 
ATOM   1324 O  O   . PRO B 1 79  ? 8.571   13.720  -4.796  1.00 30.02  ? 279 PRO B O   1 
ATOM   1325 C  CB  . PRO B 1 79  ? 5.333   13.718  -3.487  1.00 34.59  ? 279 PRO B CB  1 
ATOM   1326 C  CG  . PRO B 1 79  ? 4.664   13.374  -2.208  1.00 34.21  ? 279 PRO B CG  1 
ATOM   1327 C  CD  . PRO B 1 79  ? 5.532   14.079  -1.188  1.00 33.00  ? 279 PRO B CD  1 
ATOM   1328 N  N   . TRP B 1 80  ? 7.612   15.624  -4.082  1.00 26.79  ? 280 TRP B N   1 
ATOM   1329 C  CA  . TRP B 1 80  ? 8.424   16.489  -4.926  1.00 24.37  ? 280 TRP B CA  1 
ATOM   1330 C  C   . TRP B 1 80  ? 9.910   16.239  -4.765  1.00 28.22  ? 280 TRP B C   1 
ATOM   1331 O  O   . TRP B 1 80  ? 10.651  16.159  -5.742  1.00 29.01  ? 280 TRP B O   1 
ATOM   1332 C  CB  . TRP B 1 80  ? 8.123   17.939  -4.605  1.00 22.28  ? 280 TRP B CB  1 
ATOM   1333 C  CG  . TRP B 1 80  ? 7.004   18.503  -5.398  1.00 21.92  ? 280 TRP B CG  1 
ATOM   1334 C  CD1 . TRP B 1 80  ? 5.932   19.199  -4.924  1.00 24.47  ? 280 TRP B CD1 1 
ATOM   1335 C  CD2 . TRP B 1 80  ? 6.882   18.500  -6.825  1.00 25.27  ? 280 TRP B CD2 1 
ATOM   1336 N  NE1 . TRP B 1 80  ? 5.152   19.644  -5.966  1.00 27.10  ? 280 TRP B NE1 1 
ATOM   1337 C  CE2 . TRP B 1 80  ? 5.713   19.228  -7.146  1.00 28.84  ? 280 TRP B CE2 1 
ATOM   1338 C  CE3 . TRP B 1 80  ? 7.651   17.960  -7.864  1.00 24.27  ? 280 TRP B CE3 1 
ATOM   1339 C  CZ2 . TRP B 1 80  ? 5.294   19.432  -8.464  1.00 30.36  ? 280 TRP B CZ2 1 
ATOM   1340 C  CZ3 . TRP B 1 80  ? 7.235   18.163  -9.172  1.00 31.62  ? 280 TRP B CZ3 1 
ATOM   1341 C  CH2 . TRP B 1 80  ? 6.066   18.893  -9.461  1.00 31.91  ? 280 TRP B CH2 1 
ATOM   1342 N  N   . GLU B 1 81  ? 10.327  16.088  -3.520  1.00 31.38  ? 281 GLU B N   1 
ATOM   1343 C  CA  . GLU B 1 81  ? 11.716  15.844  -3.175  1.00 36.42  ? 281 GLU B CA  1 
ATOM   1344 C  C   . GLU B 1 81  ? 12.196  14.502  -3.726  1.00 37.67  ? 281 GLU B C   1 
ATOM   1345 O  O   . GLU B 1 81  ? 13.283  14.409  -4.313  1.00 34.91  ? 281 GLU B O   1 
ATOM   1346 C  CB  . GLU B 1 81  ? 11.844  15.877  -1.655  1.00 42.61  ? 281 GLU B CB  1 
ATOM   1347 C  CG  . GLU B 1 81  ? 13.249  15.937  -1.120  1.00 51.94  ? 281 GLU B CG  1 
ATOM   1348 C  CD  . GLU B 1 81  ? 13.254  16.309  0.343   1.00 59.46  ? 281 GLU B CD  1 
ATOM   1349 O  OE1 . GLU B 1 81  ? 13.093  15.401  1.184   1.00 66.17  ? 281 GLU B OE1 1 
ATOM   1350 O  OE2 . GLU B 1 81  ? 13.373  17.516  0.652   1.00 63.03  ? 281 GLU B OE2 1 
ATOM   1351 N  N   . GLN B 1 82  ? 11.388  13.461  -3.516  1.00 38.96  ? 282 GLN B N   1 
ATOM   1352 C  CA  . GLN B 1 82  ? 11.701  12.109  -3.993  1.00 32.85  ? 282 GLN B CA  1 
ATOM   1353 C  C   . GLN B 1 82  ? 11.782  12.151  -5.507  1.00 31.97  ? 282 GLN B C   1 
ATOM   1354 O  O   . GLN B 1 82  ? 12.658  11.525  -6.126  1.00 20.22  ? 282 GLN B O   1 
ATOM   1355 C  CB  . GLN B 1 82  ? 10.603  11.128  -3.571  1.00 27.19  ? 282 GLN B CB  1 
ATOM   1356 C  CG  . GLN B 1 82  ? 10.585  10.832  -2.104  1.00 14.07  ? 282 GLN B CG  1 
ATOM   1357 C  CD  . GLN B 1 82  ? 11.956  10.476  -1.593  1.00 21.56  ? 282 GLN B CD  1 
ATOM   1358 O  OE1 . GLN B 1 82  ? 12.559  9.486   -2.010  1.00 12.28  ? 282 GLN B OE1 1 
ATOM   1359 N  NE2 . GLN B 1 82  ? 12.484  11.314  -0.707  1.00 34.95  ? 282 GLN B NE2 1 
ATOM   1360 N  N   . HIS B 1 83  ? 10.842  12.907  -6.076  1.00 25.82  ? 283 HIS B N   1 
ATOM   1361 C  CA  . HIS B 1 83  ? 10.713  13.130  -7.505  1.00 29.04  ? 283 HIS B CA  1 
ATOM   1362 C  C   . HIS B 1 83  ? 12.038  13.705  -7.989  1.00 30.31  ? 283 HIS B C   1 
ATOM   1363 O  O   . HIS B 1 83  ? 12.729  13.098  -8.807  1.00 32.85  ? 283 HIS B O   1 
ATOM   1364 C  CB  . HIS B 1 83  ? 9.601   14.154  -7.746  1.00 28.62  ? 283 HIS B CB  1 
ATOM   1365 C  CG  . HIS B 1 83  ? 8.886   13.988  -9.051  1.00 31.84  ? 283 HIS B CG  1 
ATOM   1366 N  ND1 . HIS B 1 83  ? 7.713   14.653  -9.338  1.00 29.06  ? 283 HIS B ND1 1 
ATOM   1367 C  CD2 . HIS B 1 83  ? 9.144   13.201  -10.126 1.00 22.78  ? 283 HIS B CD2 1 
ATOM   1368 C  CE1 . HIS B 1 83  ? 7.276   14.283  -10.527 1.00 24.17  ? 283 HIS B CE1 1 
ATOM   1369 N  NE2 . HIS B 1 83  ? 8.121   13.394  -11.023 1.00 19.80  ? 283 HIS B NE2 1 
ATOM   1370 N  N   . ALA B 1 84  ? 12.406  14.855  -7.433  1.00 31.20  ? 284 ALA B N   1 
ATOM   1371 C  CA  . ALA B 1 84  ? 13.645  15.529  -7.793  1.00 31.15  ? 284 ALA B CA  1 
ATOM   1372 C  C   . ALA B 1 84  ? 14.875  14.654  -7.577  1.00 32.05  ? 284 ALA B C   1 
ATOM   1373 O  O   . ALA B 1 84  ? 15.766  14.608  -8.425  1.00 39.84  ? 284 ALA B O   1 
ATOM   1374 C  CB  . ALA B 1 84  ? 13.781  16.833  -7.009  1.00 26.64  ? 284 ALA B CB  1 
ATOM   1375 N  N   . LEU B 1 85  ? 14.895  13.913  -6.478  1.00 28.20  ? 285 LEU B N   1 
ATOM   1376 C  CA  . LEU B 1 85  ? 16.039  13.078  -6.156  1.00 27.24  ? 285 LEU B CA  1 
ATOM   1377 C  C   . LEU B 1 85  ? 16.310  11.962  -7.153  1.00 27.27  ? 285 LEU B C   1 
ATOM   1378 O  O   . LEU B 1 85  ? 17.413  11.848  -7.680  1.00 34.40  ? 285 LEU B O   1 
ATOM   1379 C  CB  . LEU B 1 85  ? 15.877  12.480  -4.757  1.00 34.00  ? 285 LEU B CB  1 
ATOM   1380 C  CG  . LEU B 1 85  ? 17.115  12.137  -3.906  1.00 31.84  ? 285 LEU B CG  1 
ATOM   1381 C  CD1 . LEU B 1 85  ? 16.769  10.981  -2.980  1.00 28.77  ? 285 LEU B CD1 1 
ATOM   1382 C  CD2 . LEU B 1 85  ? 18.320  11.761  -4.747  1.00 32.77  ? 285 LEU B CD2 1 
ATOM   1383 N  N   . TRP B 1 86  ? 15.312  11.126  -7.403  1.00 34.18  ? 286 TRP B N   1 
ATOM   1384 C  CA  . TRP B 1 86  ? 15.497  9.991   -8.303  1.00 35.57  ? 286 TRP B CA  1 
ATOM   1385 C  C   . TRP B 1 86  ? 15.204  10.275  -9.767  1.00 34.88  ? 286 TRP B C   1 
ATOM   1386 O  O   . TRP B 1 86  ? 15.876  9.758   -10.651 1.00 38.07  ? 286 TRP B O   1 
ATOM   1387 C  CB  . TRP B 1 86  ? 14.644  8.817   -7.826  1.00 38.32  ? 286 TRP B CB  1 
ATOM   1388 C  CG  . TRP B 1 86  ? 14.829  8.513   -6.366  1.00 42.19  ? 286 TRP B CG  1 
ATOM   1389 C  CD1 . TRP B 1 86  ? 13.977  8.829   -5.344  1.00 36.16  ? 286 TRP B CD1 1 
ATOM   1390 C  CD2 . TRP B 1 86  ? 15.948  7.851   -5.767  1.00 40.62  ? 286 TRP B CD2 1 
ATOM   1391 N  NE1 . TRP B 1 86  ? 14.499  8.403   -4.148  1.00 38.05  ? 286 TRP B NE1 1 
ATOM   1392 C  CE2 . TRP B 1 86  ? 15.709  7.800   -4.379  1.00 40.35  ? 286 TRP B CE2 1 
ATOM   1393 C  CE3 . TRP B 1 86  ? 17.132  7.298   -6.271  1.00 45.63  ? 286 TRP B CE3 1 
ATOM   1394 C  CZ2 . TRP B 1 86  ? 16.610  7.217   -3.487  1.00 48.12  ? 286 TRP B CZ2 1 
ATOM   1395 C  CZ3 . TRP B 1 86  ? 18.030  6.718   -5.383  1.00 46.93  ? 286 TRP B CZ3 1 
ATOM   1396 C  CH2 . TRP B 1 86  ? 17.763  6.683   -4.007  1.00 47.81  ? 286 TRP B CH2 1 
ATOM   1397 N  N   . LEU B 1 87  ? 14.202  11.106  -10.012 1.00 33.53  ? 287 LEU B N   1 
ATOM   1398 C  CA  . LEU B 1 87  ? 13.782  11.439  -11.360 1.00 29.36  ? 287 LEU B CA  1 
ATOM   1399 C  C   . LEU B 1 87  ? 14.195  12.872  -11.675 1.00 31.14  ? 287 LEU B C   1 
ATOM   1400 O  O   . LEU B 1 87  ? 13.377  13.692  -12.105 1.00 29.92  ? 287 LEU B O   1 
ATOM   1401 C  CB  . LEU B 1 87  ? 12.259  11.266  -11.466 1.00 31.11  ? 287 LEU B CB  1 
ATOM   1402 C  CG  . LEU B 1 87  ? 11.705  10.006  -10.770 1.00 31.61  ? 287 LEU B CG  1 
ATOM   1403 C  CD1 . LEU B 1 87  ? 10.184  10.002  -10.752 1.00 30.15  ? 287 LEU B CD1 1 
ATOM   1404 C  CD2 . LEU B 1 87  ? 12.236  8.751   -11.448 1.00 21.45  ? 287 LEU B CD2 1 
ATOM   1405 N  N   . SER B 1 88  ? 15.485  13.141  -11.508 1.00 32.72  ? 288 SER B N   1 
ATOM   1406 C  CA  . SER B 1 88  ? 16.082  14.461  -11.744 1.00 34.81  ? 288 SER B CA  1 
ATOM   1407 C  C   . SER B 1 88  ? 15.943  15.069  -13.155 1.00 36.54  ? 288 SER B C   1 
ATOM   1408 O  O   . SER B 1 88  ? 15.980  16.293  -13.309 1.00 35.53  ? 288 SER B O   1 
ATOM   1409 C  CB  . SER B 1 88  ? 17.560  14.414  -11.357 1.00 28.12  ? 288 SER B CB  1 
ATOM   1410 O  OG  . SER B 1 88  ? 17.973  13.073  -11.098 1.00 36.62  ? 288 SER B OG  1 
ATOM   1411 N  N   . GLN B 1 89  ? 15.819  14.223  -14.180 1.00 35.60  ? 289 GLN B N   1 
ATOM   1412 C  CA  . GLN B 1 89  ? 15.678  14.681  -15.565 1.00 31.01  ? 289 GLN B CA  1 
ATOM   1413 C  C   . GLN B 1 89  ? 14.221  14.973  -15.966 1.00 32.47  ? 289 GLN B C   1 
ATOM   1414 O  O   . GLN B 1 89  ? 13.927  15.246  -17.127 1.00 34.72  ? 289 GLN B O   1 
ATOM   1415 C  CB  . GLN B 1 89  ? 16.290  13.652  -16.524 1.00 31.43  ? 289 GLN B CB  1 
ATOM   1416 C  CG  . GLN B 1 89  ? 17.810  13.510  -16.413 1.00 47.47  ? 289 GLN B CG  1 
ATOM   1417 C  CD  . GLN B 1 89  ? 18.576  14.712  -16.979 1.00 57.09  ? 289 GLN B CD  1 
ATOM   1418 O  OE1 . GLN B 1 89  ? 19.361  14.571  -17.917 1.00 59.79  ? 289 GLN B OE1 1 
ATOM   1419 N  NE2 . GLN B 1 89  ? 18.367  15.890  -16.395 1.00 61.81  ? 289 GLN B NE2 1 
ATOM   1420 N  N   . CYS B 1 90  ? 13.320  14.964  -14.994 1.00 24.22  ? 290 CYS B N   1 
ATOM   1421 C  CA  . CYS B 1 90  ? 11.917  15.209  -15.266 1.00 21.33  ? 290 CYS B CA  1 
ATOM   1422 C  C   . CYS B 1 90  ? 11.578  16.668  -15.557 1.00 22.99  ? 290 CYS B C   1 
ATOM   1423 O  O   . CYS B 1 90  ? 11.659  17.526  -14.675 1.00 32.89  ? 290 CYS B O   1 
ATOM   1424 C  CB  . CYS B 1 90  ? 11.082  14.694  -14.097 1.00 20.82  ? 290 CYS B CB  1 
ATOM   1425 S  SG  . CYS B 1 90  ? 9.264   14.922  -14.228 1.00 30.23  ? 290 CYS B SG  1 
ATOM   1426 N  N   . ARG B 1 91  ? 11.107  16.930  -16.771 1.00 25.62  ? 291 ARG B N   1 
ATOM   1427 C  CA  . ARG B 1 91  ? 10.728  18.281  -17.171 1.00 28.38  ? 291 ARG B CA  1 
ATOM   1428 C  C   . ARG B 1 91  ? 9.545   18.843  -16.407 1.00 27.37  ? 291 ARG B C   1 
ATOM   1429 O  O   . ARG B 1 91  ? 9.362   20.064  -16.369 1.00 35.29  ? 291 ARG B O   1 
ATOM   1430 C  CB  . ARG B 1 91  ? 10.478  18.371  -18.680 1.00 30.13  ? 291 ARG B CB  1 
ATOM   1431 C  CG  . ARG B 1 91  ? 11.748  18.611  -19.511 1.00 41.68  ? 291 ARG B CG  1 
ATOM   1432 C  CD  . ARG B 1 91  ? 12.680  17.401  -19.509 1.00 45.64  ? 291 ARG B CD  1 
ATOM   1433 N  NE  . ARG B 1 91  ? 14.032  17.733  -19.961 1.00 53.95  ? 291 ARG B NE  1 
ATOM   1434 C  CZ  . ARG B 1 91  ? 14.949  16.837  -20.319 1.00 59.26  ? 291 ARG B CZ  1 
ATOM   1435 N  NH1 . ARG B 1 91  ? 14.674  15.534  -20.297 1.00 61.19  ? 291 ARG B NH1 1 
ATOM   1436 N  NH2 . ARG B 1 91  ? 16.166  17.243  -20.663 1.00 55.86  ? 291 ARG B NH2 1 
ATOM   1437 N  N   . PHE B 1 92  ? 8.756   17.978  -15.774 1.00 30.05  ? 292 PHE B N   1 
ATOM   1438 C  CA  . PHE B 1 92  ? 7.600   18.452  -14.996 1.00 29.89  ? 292 PHE B CA  1 
ATOM   1439 C  C   . PHE B 1 92  ? 8.094   19.145  -13.730 1.00 24.58  ? 292 PHE B C   1 
ATOM   1440 O  O   . PHE B 1 92  ? 7.653   20.248  -13.403 1.00 22.58  ? 292 PHE B O   1 
ATOM   1441 C  CB  . PHE B 1 92  ? 6.648   17.303  -14.631 1.00 25.93  ? 292 PHE B CB  1 
ATOM   1442 C  CG  . PHE B 1 92  ? 5.377   17.758  -13.948 1.00 21.99  ? 292 PHE B CG  1 
ATOM   1443 C  CD1 . PHE B 1 92  ? 4.505   18.639  -14.583 1.00 21.88  ? 292 PHE B CD1 1 
ATOM   1444 C  CD2 . PHE B 1 92  ? 5.064   17.326  -12.658 1.00 18.76  ? 292 PHE B CD2 1 
ATOM   1445 C  CE1 . PHE B 1 92  ? 3.333   19.091  -13.940 1.00 19.97  ? 292 PHE B CE1 1 
ATOM   1446 C  CE2 . PHE B 1 92  ? 3.904   17.770  -12.010 1.00 18.16  ? 292 PHE B CE2 1 
ATOM   1447 C  CZ  . PHE B 1 92  ? 3.037   18.653  -12.652 1.00 12.92  ? 292 PHE B CZ  1 
ATOM   1448 N  N   . VAL B 1 93  ? 9.054   18.513  -13.058 1.00 18.81  ? 293 VAL B N   1 
ATOM   1449 C  CA  . VAL B 1 93  ? 9.626   19.076  -11.842 1.00 27.81  ? 293 VAL B CA  1 
ATOM   1450 C  C   . VAL B 1 93  ? 10.252  20.425  -12.191 1.00 32.27  ? 293 VAL B C   1 
ATOM   1451 O  O   . VAL B 1 93  ? 9.934   21.443  -11.569 1.00 29.12  ? 293 VAL B O   1 
ATOM   1452 C  CB  . VAL B 1 93  ? 10.724  18.165  -11.237 1.00 29.97  ? 293 VAL B CB  1 
ATOM   1453 C  CG1 . VAL B 1 93  ? 11.128  18.679  -9.856  1.00 27.79  ? 293 VAL B CG1 1 
ATOM   1454 C  CG2 . VAL B 1 93  ? 10.234  16.727  -11.138 1.00 26.70  ? 293 VAL B CG2 1 
ATOM   1455 N  N   . LYS B 1 94  ? 11.104  20.431  -13.220 1.00 33.87  ? 294 LYS B N   1 
ATOM   1456 C  CA  . LYS B 1 94  ? 11.777  21.649  -13.671 1.00 31.00  ? 294 LYS B CA  1 
ATOM   1457 C  C   . LYS B 1 94  ? 10.812  22.786  -13.943 1.00 29.14  ? 294 LYS B C   1 
ATOM   1458 O  O   . LYS B 1 94  ? 11.079  23.928  -13.567 1.00 31.22  ? 294 LYS B O   1 
ATOM   1459 C  CB  . LYS B 1 94  ? 12.599  21.379  -14.925 1.00 35.77  ? 294 LYS B CB  1 
ATOM   1460 C  CG  . LYS B 1 94  ? 13.612  20.271  -14.740 1.00 43.36  ? 294 LYS B CG  1 
ATOM   1461 C  CD  . LYS B 1 94  ? 14.467  20.078  -15.975 1.00 53.34  ? 294 LYS B CD  1 
ATOM   1462 C  CE  . LYS B 1 94  ? 15.514  18.997  -15.746 1.00 58.42  ? 294 LYS B CE  1 
ATOM   1463 N  NZ  . LYS B 1 94  ? 14.898  17.783  -15.157 1.00 54.83  ? 294 LYS B NZ  1 
ATOM   1464 N  N   . LEU B 1 95  ? 9.684   22.479  -14.574 1.00 24.03  ? 295 LEU B N   1 
ATOM   1465 C  CA  . LEU B 1 95  ? 8.713   23.515  -14.882 1.00 23.97  ? 295 LEU B CA  1 
ATOM   1466 C  C   . LEU B 1 95  ? 7.826   23.920  -13.723 1.00 27.63  ? 295 LEU B C   1 
ATOM   1467 O  O   . LEU B 1 95  ? 7.131   24.937  -13.808 1.00 27.27  ? 295 LEU B O   1 
ATOM   1468 C  CB  . LEU B 1 95  ? 7.850   23.109  -16.062 1.00 32.95  ? 295 LEU B CB  1 
ATOM   1469 C  CG  . LEU B 1 95  ? 8.389   23.501  -17.434 1.00 39.16  ? 295 LEU B CG  1 
ATOM   1470 C  CD1 . LEU B 1 95  ? 9.778   22.925  -17.657 1.00 39.70  ? 295 LEU B CD1 1 
ATOM   1471 C  CD2 . LEU B 1 95  ? 7.413   23.013  -18.497 1.00 38.63  ? 295 LEU B CD2 1 
ATOM   1472 N  N   . MET B 1 96  ? 7.824   23.110  -12.662 1.00 30.31  ? 296 MET B N   1 
ATOM   1473 C  CA  . MET B 1 96  ? 7.019   23.383  -11.464 1.00 31.97  ? 296 MET B CA  1 
ATOM   1474 C  C   . MET B 1 96  ? 7.858   23.979  -10.333 1.00 29.72  ? 296 MET B C   1 
ATOM   1475 O  O   . MET B 1 96  ? 7.487   24.989  -9.731  1.00 26.98  ? 296 MET B O   1 
ATOM   1476 C  CB  . MET B 1 96  ? 6.354   22.098  -10.951 1.00 35.55  ? 296 MET B CB  1 
ATOM   1477 C  CG  . MET B 1 96  ? 5.336   21.464  -11.887 1.00 30.37  ? 296 MET B CG  1 
ATOM   1478 S  SD  . MET B 1 96  ? 3.963   22.561  -12.231 1.00 33.67  ? 296 MET B SD  1 
ATOM   1479 C  CE  . MET B 1 96  ? 3.294   22.750  -10.604 1.00 37.26  ? 296 MET B CE  1 
ATOM   1480 N  N   . LYS B 1 97  ? 8.955   23.302  -10.018 1.00 23.64  ? 297 LYS B N   1 
ATOM   1481 C  CA  . LYS B 1 97  ? 9.862   23.711  -8.956  1.00 28.69  ? 297 LYS B CA  1 
ATOM   1482 C  C   . LYS B 1 97  ? 11.031  24.559  -9.463  1.00 31.06  ? 297 LYS B C   1 
ATOM   1483 O  O   . LYS B 1 97  ? 11.548  25.425  -8.752  1.00 29.85  ? 297 LYS B O   1 
ATOM   1484 C  CB  . LYS B 1 97  ? 10.436  22.471  -8.244  1.00 27.45  ? 297 LYS B CB  1 
ATOM   1485 C  CG  . LYS B 1 97  ? 9.431   21.494  -7.632  1.00 20.85  ? 297 LYS B CG  1 
ATOM   1486 C  CD  . LYS B 1 97  ? 8.629   22.094  -6.502  1.00 14.87  ? 297 LYS B CD  1 
ATOM   1487 C  CE  . LYS B 1 97  ? 7.302   22.621  -6.980  1.00 21.22  ? 297 LYS B CE  1 
ATOM   1488 N  NZ  . LYS B 1 97  ? 6.412   23.015  -5.847  1.00 28.55  ? 297 LYS B NZ  1 
ATOM   1489 N  N   . GLY B 1 98  ? 11.472  24.276  -10.680 1.00 28.83  ? 298 GLY B N   1 
ATOM   1490 C  CA  . GLY B 1 98  ? 12.596  25.003  -11.230 1.00 28.67  ? 298 GLY B CA  1 
ATOM   1491 C  C   . GLY B 1 98  ? 13.850  24.175  -11.017 1.00 30.51  ? 298 GLY B C   1 
ATOM   1492 O  O   . GLY B 1 98  ? 13.937  23.388  -10.069 1.00 33.97  ? 298 GLY B O   1 
ATOM   1493 N  N   . GLN B 1 99  ? 14.839  24.373  -11.882 1.00 29.03  ? 299 GLN B N   1 
ATOM   1494 C  CA  . GLN B 1 99  ? 16.086  23.623  -11.806 1.00 24.15  ? 299 GLN B CA  1 
ATOM   1495 C  C   . GLN B 1 99  ? 16.881  23.813  -10.515 1.00 26.71  ? 299 GLN B C   1 
ATOM   1496 O  O   . GLN B 1 99  ? 17.650  22.933  -10.131 1.00 27.64  ? 299 GLN B O   1 
ATOM   1497 C  CB  . GLN B 1 99  ? 16.957  23.938  -13.017 1.00 22.70  ? 299 GLN B CB  1 
ATOM   1498 C  CG  . GLN B 1 99  ? 18.178  23.058  -13.138 1.00 17.99  ? 299 GLN B CG  1 
ATOM   1499 C  CD  . GLN B 1 99  ? 17.826  21.598  -13.097 1.00 19.78  ? 299 GLN B CD  1 
ATOM   1500 O  OE1 . GLN B 1 99  ? 16.711  21.216  -13.430 1.00 29.37  ? 299 GLN B OE1 1 
ATOM   1501 N  NE2 . GLN B 1 99  ? 18.763  20.773  -12.667 1.00 18.74  ? 299 GLN B NE2 1 
ATOM   1502 N  N   . LEU B 1 100 ? 16.739  24.971  -9.877  1.00 22.63  ? 300 LEU B N   1 
ATOM   1503 C  CA  . LEU B 1 100 ? 17.434  25.232  -8.619  1.00 30.44  ? 300 LEU B CA  1 
ATOM   1504 C  C   . LEU B 1 100 ? 17.005  24.228  -7.563  1.00 33.36  ? 300 LEU B C   1 
ATOM   1505 O  O   . LEU B 1 100 ? 17.848  23.600  -6.920  1.00 30.30  ? 300 LEU B O   1 
ATOM   1506 C  CB  . LEU B 1 100 ? 17.138  26.636  -8.109  1.00 33.02  ? 300 LEU B CB  1 
ATOM   1507 C  CG  . LEU B 1 100 ? 18.093  27.719  -8.601  1.00 33.61  ? 300 LEU B CG  1 
ATOM   1508 C  CD1 . LEU B 1 100 ? 17.695  29.053  -7.978  1.00 26.51  ? 300 LEU B CD1 1 
ATOM   1509 C  CD2 . LEU B 1 100 ? 19.531  27.336  -8.238  1.00 20.58  ? 300 LEU B CD2 1 
ATOM   1510 N  N   . TYR B 1 101 ? 15.690  24.077  -7.405  1.00 35.56  ? 301 TYR B N   1 
ATOM   1511 C  CA  . TYR B 1 101 ? 15.124  23.130  -6.452  1.00 31.36  ? 301 TYR B CA  1 
ATOM   1512 C  C   . TYR B 1 101 ? 15.790  21.783  -6.678  1.00 31.39  ? 301 TYR B C   1 
ATOM   1513 O  O   . TYR B 1 101 ? 16.315  21.167  -5.748  1.00 31.93  ? 301 TYR B O   1 
ATOM   1514 C  CB  . TYR B 1 101 ? 13.620  22.988  -6.674  1.00 33.31  ? 301 TYR B CB  1 
ATOM   1515 C  CG  . TYR B 1 101 ? 12.985  21.934  -5.798  1.00 43.63  ? 301 TYR B CG  1 
ATOM   1516 C  CD1 . TYR B 1 101 ? 12.510  22.253  -4.527  1.00 46.24  ? 301 TYR B CD1 1 
ATOM   1517 C  CD2 . TYR B 1 101 ? 12.875  20.611  -6.229  1.00 46.22  ? 301 TYR B CD2 1 
ATOM   1518 C  CE1 . TYR B 1 101 ? 11.943  21.287  -3.708  1.00 47.89  ? 301 TYR B CE1 1 
ATOM   1519 C  CE2 . TYR B 1 101 ? 12.310  19.635  -5.415  1.00 49.07  ? 301 TYR B CE2 1 
ATOM   1520 C  CZ  . TYR B 1 101 ? 11.843  19.980  -4.155  1.00 47.88  ? 301 TYR B CZ  1 
ATOM   1521 O  OH  . TYR B 1 101 ? 11.260  19.030  -3.345  1.00 46.64  ? 301 TYR B OH  1 
ATOM   1522 N  N   . ILE B 1 102 ? 15.794  21.346  -7.932  1.00 24.27  ? 302 ILE B N   1 
ATOM   1523 C  CA  . ILE B 1 102 ? 16.401  20.077  -8.275  1.00 20.93  ? 302 ILE B CA  1 
ATOM   1524 C  C   . ILE B 1 102 ? 17.855  20.034  -7.824  1.00 22.53  ? 302 ILE B C   1 
ATOM   1525 O  O   . ILE B 1 102 ? 18.281  19.065  -7.205  1.00 27.34  ? 302 ILE B O   1 
ATOM   1526 C  CB  . ILE B 1 102 ? 16.325  19.812  -9.786  1.00 16.43  ? 302 ILE B CB  1 
ATOM   1527 C  CG1 . ILE B 1 102 ? 14.881  19.953  -10.264 1.00 12.04  ? 302 ILE B CG1 1 
ATOM   1528 C  CG2 . ILE B 1 102 ? 16.876  18.444  -10.101 1.00 3.23   ? 302 ILE B CG2 1 
ATOM   1529 C  CD1 . ILE B 1 102 ? 14.628  19.318  -11.578 1.00 16.37  ? 302 ILE B CD1 1 
ATOM   1530 N  N   . ASP B 1 103 ? 18.605  21.089  -8.124  1.00 30.50  ? 303 ASP B N   1 
ATOM   1531 C  CA  . ASP B 1 103 ? 20.018  21.175  -7.747  1.00 34.95  ? 303 ASP B CA  1 
ATOM   1532 C  C   . ASP B 1 103 ? 20.160  21.052  -6.236  1.00 36.89  ? 303 ASP B C   1 
ATOM   1533 O  O   . ASP B 1 103 ? 21.005  20.298  -5.737  1.00 30.51  ? 303 ASP B O   1 
ATOM   1534 C  CB  . ASP B 1 103 ? 20.629  22.516  -8.186  1.00 36.66  ? 303 ASP B CB  1 
ATOM   1535 C  CG  . ASP B 1 103 ? 20.861  22.612  -9.687  1.00 39.12  ? 303 ASP B CG  1 
ATOM   1536 O  OD1 . ASP B 1 103 ? 21.032  21.567  -10.355 1.00 36.49  ? 303 ASP B OD1 1 
ATOM   1537 O  OD2 . ASP B 1 103 ? 20.898  23.757  -10.193 1.00 40.52  ? 303 ASP B OD2 1 
ATOM   1538 N  N   . THR B 1 104 ? 19.318  21.796  -5.521  1.00 35.63  ? 304 THR B N   1 
ATOM   1539 C  CA  . THR B 1 104 ? 19.306  21.822  -4.065  1.00 36.12  ? 304 THR B CA  1 
ATOM   1540 C  C   . THR B 1 104 ? 19.075  20.414  -3.532  1.00 38.61  ? 304 THR B C   1 
ATOM   1541 O  O   . THR B 1 104 ? 19.897  19.880  -2.783  1.00 41.12  ? 304 THR B O   1 
ATOM   1542 C  CB  . THR B 1 104 ? 18.177  22.743  -3.531  1.00 40.73  ? 304 THR B CB  1 
ATOM   1543 O  OG1 . THR B 1 104 ? 18.255  24.034  -4.154  1.00 38.81  ? 304 THR B OG1 1 
ATOM   1544 C  CG2 . THR B 1 104 ? 18.285  22.908  -2.026  1.00 38.02  ? 304 THR B CG2 1 
ATOM   1545 N  N   . VAL B 1 105 ? 17.964  19.808  -3.936  1.00 37.53  ? 305 VAL B N   1 
ATOM   1546 C  CA  . VAL B 1 105 ? 17.637  18.464  -3.498  1.00 38.59  ? 305 VAL B CA  1 
ATOM   1547 C  C   . VAL B 1 105 ? 18.789  17.526  -3.821  1.00 39.91  ? 305 VAL B C   1 
ATOM   1548 O  O   . VAL B 1 105 ? 19.193  16.743  -2.978  1.00 43.00  ? 305 VAL B O   1 
ATOM   1549 C  CB  . VAL B 1 105 ? 16.331  17.945  -4.153  1.00 39.93  ? 305 VAL B CB  1 
ATOM   1550 C  CG1 . VAL B 1 105 ? 16.121  16.466  -3.832  1.00 28.14  ? 305 VAL B CG1 1 
ATOM   1551 C  CG2 . VAL B 1 105 ? 15.139  18.759  -3.657  1.00 36.14  ? 305 VAL B CG2 1 
ATOM   1552 N  N   . ALA B 1 106 ? 19.358  17.652  -5.014  1.00 47.27  ? 306 ALA B N   1 
ATOM   1553 C  CA  . ALA B 1 106 ? 20.468  16.792  -5.424  1.00 54.51  ? 306 ALA B CA  1 
ATOM   1554 C  C   . ALA B 1 106 ? 21.707  16.953  -4.538  1.00 57.92  ? 306 ALA B C   1 
ATOM   1555 O  O   . ALA B 1 106 ? 22.532  16.037  -4.432  1.00 56.92  ? 306 ALA B O   1 
ATOM   1556 C  CB  . ALA B 1 106 ? 20.820  17.058  -6.884  1.00 56.49  ? 306 ALA B CB  1 
ATOM   1557 N  N   . ALA B 1 107 ? 21.821  18.114  -3.897  1.00 61.54  ? 307 ALA B N   1 
ATOM   1558 C  CA  . ALA B 1 107 ? 22.950  18.424  -3.027  1.00 62.49  ? 307 ALA B CA  1 
ATOM   1559 C  C   . ALA B 1 107 ? 22.738  18.066  -1.555  1.00 64.33  ? 307 ALA B C   1 
ATOM   1560 O  O   . ALA B 1 107 ? 23.693  17.705  -0.865  1.00 61.40  ? 307 ALA B O   1 
ATOM   1561 C  CB  . ALA B 1 107 ? 23.302  19.896  -3.152  1.00 59.92  ? 307 ALA B CB  1 
ATOM   1562 N  N   . LYS B 1 108 ? 21.502  18.198  -1.076  1.00 68.53  ? 308 LYS B N   1 
ATOM   1563 C  CA  . LYS B 1 108 ? 21.166  17.908  0.322   1.00 74.24  ? 308 LYS B CA  1 
ATOM   1564 C  C   . LYS B 1 108 ? 21.850  16.652  0.869   1.00 80.71  ? 308 LYS B C   1 
ATOM   1565 O  O   . LYS B 1 108 ? 21.903  15.617  0.204   1.00 78.64  ? 308 LYS B O   1 
ATOM   1566 C  CB  . LYS B 1 108 ? 19.645  17.846  0.519   1.00 69.29  ? 308 LYS B CB  1 
ATOM   1567 C  CG  . LYS B 1 108 ? 18.974  19.209  0.336   1.00 67.58  ? 308 LYS B CG  1 
ATOM   1568 C  CD  . LYS B 1 108 ? 17.455  19.165  0.494   1.00 63.33  ? 308 LYS B CD  1 
ATOM   1569 C  CE  . LYS B 1 108 ? 16.857  20.560  0.298   1.00 56.90  ? 308 LYS B CE  1 
ATOM   1570 N  NZ  . LYS B 1 108 ? 15.376  20.603  0.431   1.00 52.28  ? 308 LYS B NZ  1 
ATOM   1571 N  N   . PRO B 1 109 ? 22.409  16.750  2.089   1.00 87.78  ? 309 PRO B N   1 
ATOM   1572 C  CA  . PRO B 1 109 ? 23.114  15.656  2.766   1.00 89.93  ? 309 PRO B CA  1 
ATOM   1573 C  C   . PRO B 1 109 ? 22.288  14.399  3.024   1.00 92.67  ? 309 PRO B C   1 
ATOM   1574 O  O   . PRO B 1 109 ? 22.595  13.327  2.495   1.00 90.53  ? 309 PRO B O   1 
ATOM   1575 C  CB  . PRO B 1 109 ? 23.575  16.311  4.070   1.00 88.67  ? 309 PRO B CB  1 
ATOM   1576 C  CG  . PRO B 1 109 ? 22.499  17.327  4.339   1.00 87.01  ? 309 PRO B CG  1 
ATOM   1577 C  CD  . PRO B 1 109 ? 22.309  17.928  2.974   1.00 87.79  ? 309 PRO B CD  1 
ATOM   1578 N  N   . VAL B 1 110 ? 21.275  14.538  3.876   1.00 95.23  ? 310 VAL B N   1 
ATOM   1579 C  CA  . VAL B 1 110 ? 20.404  13.430  4.244   1.00 97.90  ? 310 VAL B CA  1 
ATOM   1580 C  C   . VAL B 1 110 ? 19.469  13.080  3.095   1.00 99.39  ? 310 VAL B C   1 
ATOM   1581 O  O   . VAL B 1 110 ? 19.177  11.876  2.921   1.00 99.14  ? 310 VAL B O   1 
ATOM   1582 C  CB  . VAL B 1 110 ? 19.589  13.766  5.531   1.00 97.80  ? 310 VAL B CB  1 
ATOM   1583 C  CG1 . VAL B 1 110 ? 18.779  15.043  5.342   1.00 97.00  ? 310 VAL B CG1 1 
ATOM   1584 C  CG2 . VAL B 1 110 ? 18.686  12.599  5.914   1.00 95.99  ? 310 VAL B CG2 1 
HETATM 1585 ZN ZN  . ZN  C 2 .   ? -10.709 -15.602 7.924   1.00 37.09  ? 501 ZN  A ZN  1 
HETATM 1586 ZN ZN  . ZN  D 2 .   ? 8.728   12.944  -13.227 1.00 40.67  ? 502 ZN  B ZN  1 
# 
loop_
_pdbx_poly_seq_scheme.asym_id 
_pdbx_poly_seq_scheme.entity_id 
_pdbx_poly_seq_scheme.seq_id 
_pdbx_poly_seq_scheme.mon_id 
_pdbx_poly_seq_scheme.ndb_seq_num 
_pdbx_poly_seq_scheme.pdb_seq_num 
_pdbx_poly_seq_scheme.auth_seq_num 
_pdbx_poly_seq_scheme.pdb_mon_id 
_pdbx_poly_seq_scheme.auth_mon_id 
_pdbx_poly_seq_scheme.pdb_strand_id 
_pdbx_poly_seq_scheme.pdb_ins_code 
_pdbx_poly_seq_scheme.hetero 
A 1 1   ASP 1   201 ?   ?   ?   A . n 
A 1 2   VAL 2   202 ?   ?   ?   A . n 
A 1 3   GLN 3   203 ?   ?   ?   A . n 
A 1 4   PRO 4   204 ?   ?   ?   A . n 
A 1 5   GLU 5   205 ?   ?   ?   A . n 
A 1 6   THR 6   206 ?   ?   ?   A . n 
A 1 7   CYS 7   207 ?   ?   ?   A . n 
A 1 8   ARG 8   208 ?   ?   ?   A . n 
A 1 9   PRO 9   209 ?   ?   ?   A . n 
A 1 10  SER 10  210 ?   ?   ?   A . n 
A 1 11  ALA 11  211 ?   ?   ?   A . n 
A 1 12  ALA 12  212 ?   ?   ?   A . n 
A 1 13  SER 13  213 ?   ?   ?   A . n 
A 1 14  GLY 14  214 ?   ?   ?   A . n 
A 1 15  ASN 15  215 215 ASN ASN A . n 
A 1 16  TYR 16  216 216 TYR TYR A . n 
A 1 17  PHE 17  217 217 PHE PHE A . n 
A 1 18  PRO 18  218 218 PRO PRO A . n 
A 1 19  GLN 19  219 219 GLN GLN A . n 
A 1 20  TYR 20  220 220 TYR TYR A . n 
A 1 21  PRO 21  221 221 PRO PRO A . n 
A 1 22  GLU 22  222 222 GLU GLU A . n 
A 1 23  TYR 23  223 223 TYR TYR A . n 
A 1 24  ALA 24  224 224 ALA ALA A . n 
A 1 25  ILE 25  225 225 ILE ILE A . n 
A 1 26  GLU 26  226 226 GLU GLU A . n 
A 1 27  THR 27  227 227 THR THR A . n 
A 1 28  ALA 28  228 228 ALA ALA A . n 
A 1 29  ARG 29  229 229 ARG ARG A . n 
A 1 30  LEU 30  230 230 LEU LEU A . n 
A 1 31  ARG 31  231 231 ARG ARG A . n 
A 1 32  THR 32  232 232 THR THR A . n 
A 1 33  PHE 33  233 233 PHE PHE A . n 
A 1 34  GLU 34  234 234 GLU GLU A . n 
A 1 35  ALA 35  235 235 ALA ALA A . n 
A 1 36  TRP 36  236 236 TRP TRP A . n 
A 1 37  PRO 37  237 237 PRO PRO A . n 
A 1 38  ARG 38  238 238 ARG ARG A . n 
A 1 39  ASN 39  239 239 ASN ASN A . n 
A 1 40  LEU 40  240 240 LEU LEU A . n 
A 1 41  LYS 41  241 241 LYS LYS A . n 
A 1 42  GLN 42  242 242 GLN GLN A . n 
A 1 43  LYS 43  243 243 LYS LYS A . n 
A 1 44  PRO 44  244 244 PRO PRO A . n 
A 1 45  HIS 45  245 245 HIS HIS A . n 
A 1 46  GLN 46  246 246 GLN GLN A . n 
A 1 47  LEU 47  247 247 LEU LEU A . n 
A 1 48  ALA 48  248 248 ALA ALA A . n 
A 1 49  GLU 49  249 249 GLU GLU A . n 
A 1 50  ALA 50  250 250 ALA ALA A . n 
A 1 51  GLY 51  251 251 GLY GLY A . n 
A 1 52  PHE 52  252 252 PHE PHE A . n 
A 1 53  PHE 53  253 253 PHE PHE A . n 
A 1 54  TYR 54  254 254 TYR TYR A . n 
A 1 55  THR 55  255 255 THR THR A . n 
A 1 56  GLY 56  256 256 GLY GLY A . n 
A 1 57  VAL 57  257 257 VAL VAL A . n 
A 1 58  GLY 58  258 258 GLY GLY A . n 
A 1 59  ASP 59  259 259 ASP ASP A . n 
A 1 60  ARG 60  260 260 ARG ARG A . n 
A 1 61  VAL 61  261 261 VAL VAL A . n 
A 1 62  ARG 62  262 262 ARG ARG A . n 
A 1 63  CYS 63  263 263 CYS CYS A . n 
A 1 64  PHE 64  264 264 PHE PHE A . n 
A 1 65  SER 65  265 265 SER SER A . n 
A 1 66  CYS 66  266 266 CYS CYS A . n 
A 1 67  GLY 67  267 267 GLY GLY A . n 
A 1 68  GLY 68  268 268 GLY GLY A . n 
A 1 69  GLY 69  269 269 GLY GLY A . n 
A 1 70  LEU 70  270 270 LEU LEU A . n 
A 1 71  MET 71  271 271 MET MET A . n 
A 1 72  ASP 72  272 272 ASP ASP A . n 
A 1 73  TRP 73  273 273 TRP TRP A . n 
A 1 74  ASN 74  274 274 ASN ASN A . n 
A 1 75  ASP 75  275 275 ASP ASP A . n 
A 1 76  ASN 76  276 276 ASN ASN A . n 
A 1 77  ASP 77  277 277 ASP ASP A . n 
A 1 78  GLU 78  278 278 GLU GLU A . n 
A 1 79  PRO 79  279 279 PRO PRO A . n 
A 1 80  TRP 80  280 280 TRP TRP A . n 
A 1 81  GLU 81  281 281 GLU GLU A . n 
A 1 82  GLN 82  282 282 GLN GLN A . n 
A 1 83  HIS 83  283 283 HIS HIS A . n 
A 1 84  ALA 84  284 284 ALA ALA A . n 
A 1 85  LEU 85  285 285 LEU LEU A . n 
A 1 86  TRP 86  286 286 TRP TRP A . n 
A 1 87  LEU 87  287 287 LEU LEU A . n 
A 1 88  SER 88  288 288 SER SER A . n 
A 1 89  GLN 89  289 289 GLN GLN A . n 
A 1 90  CYS 90  290 290 CYS CYS A . n 
A 1 91  ARG 91  291 291 ARG ARG A . n 
A 1 92  PHE 92  292 292 PHE PHE A . n 
A 1 93  VAL 93  293 293 VAL VAL A . n 
A 1 94  LYS 94  294 294 LYS LYS A . n 
A 1 95  LEU 95  295 295 LEU LEU A . n 
A 1 96  MET 96  296 296 MET MET A . n 
A 1 97  LYS 97  297 297 LYS LYS A . n 
A 1 98  GLY 98  298 298 GLY GLY A . n 
A 1 99  GLN 99  299 299 GLN GLN A . n 
A 1 100 LEU 100 300 300 LEU LEU A . n 
A 1 101 TYR 101 301 301 TYR TYR A . n 
A 1 102 ILE 102 302 302 ILE ILE A . n 
A 1 103 ASP 103 303 303 ASP ASP A . n 
A 1 104 THR 104 304 304 THR THR A . n 
A 1 105 VAL 105 305 305 VAL VAL A . n 
A 1 106 ALA 106 306 306 ALA ALA A . n 
A 1 107 ALA 107 307 307 ALA ALA A . n 
A 1 108 LYS 108 308 308 LYS LYS A . n 
A 1 109 PRO 109 309 309 PRO PRO A . n 
A 1 110 VAL 110 310 310 VAL VAL A . n 
A 1 111 LEU 111 311 ?   ?   ?   A . n 
A 1 112 ALA 112 312 ?   ?   ?   A . n 
A 1 113 GLU 113 313 ?   ?   ?   A . n 
A 1 114 GLU 114 314 ?   ?   ?   A . n 
A 1 115 LYS 115 315 ?   ?   ?   A . n 
A 1 116 GLU 116 316 ?   ?   ?   A . n 
A 1 117 GLU 117 317 ?   ?   ?   A . n 
A 1 118 SER 118 318 ?   ?   ?   A . n 
A 1 119 THR 119 319 ?   ?   ?   A . n 
A 1 120 SER 120 320 ?   ?   ?   A . n 
A 1 121 ILE 121 321 ?   ?   ?   A . n 
A 1 122 GLY 122 322 ?   ?   ?   A . n 
A 1 123 GLY 123 323 ?   ?   ?   A . n 
A 1 124 ASP 124 324 ?   ?   ?   A . n 
B 1 1   ASP 1   201 ?   ?   ?   B . n 
B 1 2   VAL 2   202 ?   ?   ?   B . n 
B 1 3   GLN 3   203 ?   ?   ?   B . n 
B 1 4   PRO 4   204 ?   ?   ?   B . n 
B 1 5   GLU 5   205 ?   ?   ?   B . n 
B 1 6   THR 6   206 ?   ?   ?   B . n 
B 1 7   CYS 7   207 ?   ?   ?   B . n 
B 1 8   ARG 8   208 ?   ?   ?   B . n 
B 1 9   PRO 9   209 ?   ?   ?   B . n 
B 1 10  SER 10  210 ?   ?   ?   B . n 
B 1 11  ALA 11  211 ?   ?   ?   B . n 
B 1 12  ALA 12  212 ?   ?   ?   B . n 
B 1 13  SER 13  213 ?   ?   ?   B . n 
B 1 14  GLY 14  214 ?   ?   ?   B . n 
B 1 15  ASN 15  215 215 ASN ASN B . n 
B 1 16  TYR 16  216 216 TYR TYR B . n 
B 1 17  PHE 17  217 217 PHE PHE B . n 
B 1 18  PRO 18  218 218 PRO PRO B . n 
B 1 19  GLN 19  219 219 GLN GLN B . n 
B 1 20  TYR 20  220 220 TYR TYR B . n 
B 1 21  PRO 21  221 221 PRO PRO B . n 
B 1 22  GLU 22  222 222 GLU GLU B . n 
B 1 23  TYR 23  223 223 TYR TYR B . n 
B 1 24  ALA 24  224 224 ALA ALA B . n 
B 1 25  ILE 25  225 225 ILE ILE B . n 
B 1 26  GLU 26  226 226 GLU GLU B . n 
B 1 27  THR 27  227 227 THR THR B . n 
B 1 28  ALA 28  228 228 ALA ALA B . n 
B 1 29  ARG 29  229 229 ARG ARG B . n 
B 1 30  LEU 30  230 230 LEU LEU B . n 
B 1 31  ARG 31  231 231 ARG ARG B . n 
B 1 32  THR 32  232 232 THR THR B . n 
B 1 33  PHE 33  233 233 PHE PHE B . n 
B 1 34  GLU 34  234 234 GLU GLU B . n 
B 1 35  ALA 35  235 235 ALA ALA B . n 
B 1 36  TRP 36  236 236 TRP TRP B . n 
B 1 37  PRO 37  237 237 PRO PRO B . n 
B 1 38  ARG 38  238 238 ARG ARG B . n 
B 1 39  ASN 39  239 239 ASN ASN B . n 
B 1 40  LEU 40  240 240 LEU LEU B . n 
B 1 41  LYS 41  241 241 LYS LYS B . n 
B 1 42  GLN 42  242 242 GLN GLN B . n 
B 1 43  LYS 43  243 243 LYS LYS B . n 
B 1 44  PRO 44  244 244 PRO PRO B . n 
B 1 45  HIS 45  245 245 HIS HIS B . n 
B 1 46  GLN 46  246 246 GLN GLN B . n 
B 1 47  LEU 47  247 247 LEU LEU B . n 
B 1 48  ALA 48  248 248 ALA ALA B . n 
B 1 49  GLU 49  249 249 GLU GLU B . n 
B 1 50  ALA 50  250 250 ALA ALA B . n 
B 1 51  GLY 51  251 251 GLY GLY B . n 
B 1 52  PHE 52  252 252 PHE PHE B . n 
B 1 53  PHE 53  253 253 PHE PHE B . n 
B 1 54  TYR 54  254 254 TYR TYR B . n 
B 1 55  THR 55  255 255 THR THR B . n 
B 1 56  GLY 56  256 256 GLY GLY B . n 
B 1 57  VAL 57  257 257 VAL VAL B . n 
B 1 58  GLY 58  258 258 GLY GLY B . n 
B 1 59  ASP 59  259 259 ASP ASP B . n 
B 1 60  ARG 60  260 260 ARG ARG B . n 
B 1 61  VAL 61  261 261 VAL VAL B . n 
B 1 62  ARG 62  262 262 ARG ARG B . n 
B 1 63  CYS 63  263 263 CYS CYS B . n 
B 1 64  PHE 64  264 264 PHE PHE B . n 
B 1 65  SER 65  265 265 SER SER B . n 
B 1 66  CYS 66  266 266 CYS CYS B . n 
B 1 67  GLY 67  267 267 GLY GLY B . n 
B 1 68  GLY 68  268 268 GLY GLY B . n 
B 1 69  GLY 69  269 269 GLY GLY B . n 
B 1 70  LEU 70  270 270 LEU LEU B . n 
B 1 71  MET 71  271 271 MET MET B . n 
B 1 72  ASP 72  272 272 ASP ASP B . n 
B 1 73  TRP 73  273 273 TRP TRP B . n 
B 1 74  ASN 74  274 274 ASN ASN B . n 
B 1 75  ASP 75  275 275 ASP ASP B . n 
B 1 76  ASN 76  276 276 ASN ASN B . n 
B 1 77  ASP 77  277 277 ASP ASP B . n 
B 1 78  GLU 78  278 278 GLU GLU B . n 
B 1 79  PRO 79  279 279 PRO PRO B . n 
B 1 80  TRP 80  280 280 TRP TRP B . n 
B 1 81  GLU 81  281 281 GLU GLU B . n 
B 1 82  GLN 82  282 282 GLN GLN B . n 
B 1 83  HIS 83  283 283 HIS HIS B . n 
B 1 84  ALA 84  284 284 ALA ALA B . n 
B 1 85  LEU 85  285 285 LEU LEU B . n 
B 1 86  TRP 86  286 286 TRP TRP B . n 
B 1 87  LEU 87  287 287 LEU LEU B . n 
B 1 88  SER 88  288 288 SER SER B . n 
B 1 89  GLN 89  289 289 GLN GLN B . n 
B 1 90  CYS 90  290 290 CYS CYS B . n 
B 1 91  ARG 91  291 291 ARG ARG B . n 
B 1 92  PHE 92  292 292 PHE PHE B . n 
B 1 93  VAL 93  293 293 VAL VAL B . n 
B 1 94  LYS 94  294 294 LYS LYS B . n 
B 1 95  LEU 95  295 295 LEU LEU B . n 
B 1 96  MET 96  296 296 MET MET B . n 
B 1 97  LYS 97  297 297 LYS LYS B . n 
B 1 98  GLY 98  298 298 GLY GLY B . n 
B 1 99  GLN 99  299 299 GLN GLN B . n 
B 1 100 LEU 100 300 300 LEU LEU B . n 
B 1 101 TYR 101 301 301 TYR TYR B . n 
B 1 102 ILE 102 302 302 ILE ILE B . n 
B 1 103 ASP 103 303 303 ASP ASP B . n 
B 1 104 THR 104 304 304 THR THR B . n 
B 1 105 VAL 105 305 305 VAL VAL B . n 
B 1 106 ALA 106 306 306 ALA ALA B . n 
B 1 107 ALA 107 307 307 ALA ALA B . n 
B 1 108 LYS 108 308 308 LYS LYS B . n 
B 1 109 PRO 109 309 309 PRO PRO B . n 
B 1 110 VAL 110 310 310 VAL VAL B . n 
B 1 111 LEU 111 311 ?   ?   ?   B . n 
B 1 112 ALA 112 312 ?   ?   ?   B . n 
B 1 113 GLU 113 313 ?   ?   ?   B . n 
B 1 114 GLU 114 314 ?   ?   ?   B . n 
B 1 115 LYS 115 315 ?   ?   ?   B . n 
B 1 116 GLU 116 316 ?   ?   ?   B . n 
B 1 117 GLU 117 317 ?   ?   ?   B . n 
B 1 118 SER 118 318 ?   ?   ?   B . n 
B 1 119 THR 119 319 ?   ?   ?   B . n 
B 1 120 SER 120 320 ?   ?   ?   B . n 
B 1 121 ILE 121 321 ?   ?   ?   B . n 
B 1 122 GLY 122 322 ?   ?   ?   B . n 
B 1 123 GLY 123 323 ?   ?   ?   B . n 
B 1 124 ASP 124 324 ?   ?   ?   B . n 
# 
loop_
_pdbx_nonpoly_scheme.asym_id 
_pdbx_nonpoly_scheme.entity_id 
_pdbx_nonpoly_scheme.mon_id 
_pdbx_nonpoly_scheme.ndb_seq_num 
_pdbx_nonpoly_scheme.pdb_seq_num 
_pdbx_nonpoly_scheme.auth_seq_num 
_pdbx_nonpoly_scheme.pdb_mon_id 
_pdbx_nonpoly_scheme.auth_mon_id 
_pdbx_nonpoly_scheme.pdb_strand_id 
_pdbx_nonpoly_scheme.pdb_ins_code 
C 2 ZN 1 501 501 ZN ZN A . 
D 2 ZN 1 502 502 ZN ZN B . 
# 
loop_
_pdbx_struct_assembly.id 
_pdbx_struct_assembly.details 
_pdbx_struct_assembly.method_details 
_pdbx_struct_assembly.oligomeric_details 
_pdbx_struct_assembly.oligomeric_count 
1 author_defined_assembly ? monomeric 1 
2 author_defined_assembly ? monomeric 1 
# 
loop_
_pdbx_struct_assembly_gen.assembly_id 
_pdbx_struct_assembly_gen.oper_expression 
_pdbx_struct_assembly_gen.asym_id_list 
1 1 A,C 
2 1 B,D 
# 
_pdbx_struct_oper_list.id                   1 
_pdbx_struct_oper_list.type                 'identity operation' 
_pdbx_struct_oper_list.name                 1_555 
_pdbx_struct_oper_list.symmetry_operation   x,y,z 
_pdbx_struct_oper_list.matrix[1][1]         1.0000000000 
_pdbx_struct_oper_list.matrix[1][2]         0.0000000000 
_pdbx_struct_oper_list.matrix[1][3]         0.0000000000 
_pdbx_struct_oper_list.vector[1]            0.0000000000 
_pdbx_struct_oper_list.matrix[2][1]         0.0000000000 
_pdbx_struct_oper_list.matrix[2][2]         1.0000000000 
_pdbx_struct_oper_list.matrix[2][3]         0.0000000000 
_pdbx_struct_oper_list.vector[2]            0.0000000000 
_pdbx_struct_oper_list.matrix[3][1]         0.0000000000 
_pdbx_struct_oper_list.matrix[3][2]         0.0000000000 
_pdbx_struct_oper_list.matrix[3][3]         1.0000000000 
_pdbx_struct_oper_list.vector[3]            0.0000000000 
# 
loop_
_pdbx_struct_conn_angle.id 
_pdbx_struct_conn_angle.ptnr1_label_atom_id 
_pdbx_struct_conn_angle.ptnr1_label_alt_id 
_pdbx_struct_conn_angle.ptnr1_label_asym_id 
_pdbx_struct_conn_angle.ptnr1_label_comp_id 
_pdbx_struct_conn_angle.ptnr1_label_seq_id 
_pdbx_struct_conn_angle.ptnr1_auth_atom_id 
_pdbx_struct_conn_angle.ptnr1_auth_asym_id 
_pdbx_struct_conn_angle.ptnr1_auth_comp_id 
_pdbx_struct_conn_angle.ptnr1_auth_seq_id 
_pdbx_struct_conn_angle.ptnr1_PDB_ins_code 
_pdbx_struct_conn_angle.ptnr1_symmetry 
_pdbx_struct_conn_angle.ptnr2_label_atom_id 
_pdbx_struct_conn_angle.ptnr2_label_alt_id 
_pdbx_struct_conn_angle.ptnr2_label_asym_id 
_pdbx_struct_conn_angle.ptnr2_label_comp_id 
_pdbx_struct_conn_angle.ptnr2_label_seq_id 
_pdbx_struct_conn_angle.ptnr2_auth_atom_id 
_pdbx_struct_conn_angle.ptnr2_auth_asym_id 
_pdbx_struct_conn_angle.ptnr2_auth_comp_id 
_pdbx_struct_conn_angle.ptnr2_auth_seq_id 
_pdbx_struct_conn_angle.ptnr2_PDB_ins_code 
_pdbx_struct_conn_angle.ptnr2_symmetry 
_pdbx_struct_conn_angle.ptnr3_label_atom_id 
_pdbx_struct_conn_angle.ptnr3_label_alt_id 
_pdbx_struct_conn_angle.ptnr3_label_asym_id 
_pdbx_struct_conn_angle.ptnr3_label_comp_id 
_pdbx_struct_conn_angle.ptnr3_label_seq_id 
_pdbx_struct_conn_angle.ptnr3_auth_atom_id 
_pdbx_struct_conn_angle.ptnr3_auth_asym_id 
_pdbx_struct_conn_angle.ptnr3_auth_comp_id 
_pdbx_struct_conn_angle.ptnr3_auth_seq_id 
_pdbx_struct_conn_angle.ptnr3_PDB_ins_code 
_pdbx_struct_conn_angle.ptnr3_symmetry 
_pdbx_struct_conn_angle.value 
_pdbx_struct_conn_angle.value_esd 
1  SG  ? A CYS 63 ? A CYS 263 ? 1_555 ZN ? C ZN . ? A ZN 501 ? 1_555 SG  ? A CYS 66 ? A CYS 266 ? 1_555 115.4 ? 
2  SG  ? A CYS 63 ? A CYS 263 ? 1_555 ZN ? C ZN . ? A ZN 501 ? 1_555 NE2 ? A HIS 83 ? A HIS 283 ? 1_555 79.8  ? 
3  SG  ? A CYS 66 ? A CYS 266 ? 1_555 ZN ? C ZN . ? A ZN 501 ? 1_555 NE2 ? A HIS 83 ? A HIS 283 ? 1_555 129.5 ? 
4  SG  ? A CYS 63 ? A CYS 263 ? 1_555 ZN ? C ZN . ? A ZN 501 ? 1_555 SG  ? A CYS 90 ? A CYS 290 ? 1_555 105.9 ? 
5  SG  ? A CYS 66 ? A CYS 266 ? 1_555 ZN ? C ZN . ? A ZN 501 ? 1_555 SG  ? A CYS 90 ? A CYS 290 ? 1_555 119.3 ? 
6  NE2 ? A HIS 83 ? A HIS 283 ? 1_555 ZN ? C ZN . ? A ZN 501 ? 1_555 SG  ? A CYS 90 ? A CYS 290 ? 1_555 99.0  ? 
7  SG  ? B CYS 63 ? B CYS 263 ? 1_555 ZN ? D ZN . ? B ZN 502 ? 1_555 SG  ? B CYS 66 ? B CYS 266 ? 1_555 104.9 ? 
8  SG  ? B CYS 63 ? B CYS 263 ? 1_555 ZN ? D ZN . ? B ZN 502 ? 1_555 NE2 ? B HIS 83 ? B HIS 283 ? 1_555 83.1  ? 
9  SG  ? B CYS 66 ? B CYS 266 ? 1_555 ZN ? D ZN . ? B ZN 502 ? 1_555 NE2 ? B HIS 83 ? B HIS 283 ? 1_555 134.3 ? 
10 SG  ? B CYS 63 ? B CYS 263 ? 1_555 ZN ? D ZN . ? B ZN 502 ? 1_555 SG  ? B CYS 90 ? B CYS 290 ? 1_555 105.9 ? 
11 SG  ? B CYS 66 ? B CYS 266 ? 1_555 ZN ? D ZN . ? B ZN 502 ? 1_555 SG  ? B CYS 90 ? B CYS 290 ? 1_555 112.4 ? 
12 NE2 ? B HIS 83 ? B HIS 283 ? 1_555 ZN ? D ZN . ? B ZN 502 ? 1_555 SG  ? B CYS 90 ? B CYS 290 ? 1_555 108.0 ? 
# 
loop_
_pdbx_audit_revision_history.ordinal 
_pdbx_audit_revision_history.data_content_type 
_pdbx_audit_revision_history.major_revision 
_pdbx_audit_revision_history.minor_revision 
_pdbx_audit_revision_history.revision_date 
1 'Structure model' 1 0 2001-12-05 
2 'Structure model' 1 1 2008-04-27 
3 'Structure model' 1 2 2011-07-13 
4 'Structure model' 1 3 2023-08-16 
# 
_pdbx_audit_revision_details.ordinal             1 
_pdbx_audit_revision_details.revision_ordinal    1 
_pdbx_audit_revision_details.data_content_type   'Structure model' 
_pdbx_audit_revision_details.provider            repository 
_pdbx_audit_revision_details.type                'Initial release' 
_pdbx_audit_revision_details.description         ? 
_pdbx_audit_revision_details.details             ? 
# 
loop_
_pdbx_audit_revision_group.ordinal 
_pdbx_audit_revision_group.revision_ordinal 
_pdbx_audit_revision_group.data_content_type 
_pdbx_audit_revision_group.group 
1 2 'Structure model' 'Version format compliance' 
2 3 'Structure model' 'Version format compliance' 
3 4 'Structure model' 'Data collection'           
4 4 'Structure model' 'Database references'       
5 4 'Structure model' 'Derived calculations'      
6 4 'Structure model' 'Refinement description'    
# 
loop_
_pdbx_audit_revision_category.ordinal 
_pdbx_audit_revision_category.revision_ordinal 
_pdbx_audit_revision_category.data_content_type 
_pdbx_audit_revision_category.category 
1 4 'Structure model' chem_comp_atom                
2 4 'Structure model' chem_comp_bond                
3 4 'Structure model' database_2                    
4 4 'Structure model' pdbx_initial_refinement_model 
5 4 'Structure model' pdbx_struct_conn_angle        
6 4 'Structure model' struct_conn                   
7 4 'Structure model' struct_site                   
# 
loop_
_pdbx_audit_revision_item.ordinal 
_pdbx_audit_revision_item.revision_ordinal 
_pdbx_audit_revision_item.data_content_type 
_pdbx_audit_revision_item.item 
1  4 'Structure model' '_database_2.pdbx_DOI'                        
2  4 'Structure model' '_database_2.pdbx_database_accession'         
3  4 'Structure model' '_pdbx_struct_conn_angle.ptnr1_auth_comp_id'  
4  4 'Structure model' '_pdbx_struct_conn_angle.ptnr1_auth_seq_id'   
5  4 'Structure model' '_pdbx_struct_conn_angle.ptnr1_label_atom_id' 
6  4 'Structure model' '_pdbx_struct_conn_angle.ptnr1_label_comp_id' 
7  4 'Structure model' '_pdbx_struct_conn_angle.ptnr1_label_seq_id'  
8  4 'Structure model' '_pdbx_struct_conn_angle.ptnr3_auth_comp_id'  
9  4 'Structure model' '_pdbx_struct_conn_angle.ptnr3_auth_seq_id'   
10 4 'Structure model' '_pdbx_struct_conn_angle.ptnr3_label_atom_id' 
11 4 'Structure model' '_pdbx_struct_conn_angle.ptnr3_label_comp_id' 
12 4 'Structure model' '_pdbx_struct_conn_angle.ptnr3_label_seq_id'  
13 4 'Structure model' '_pdbx_struct_conn_angle.value'               
14 4 'Structure model' '_struct_conn.pdbx_dist_value'                
15 4 'Structure model' '_struct_conn.ptnr1_auth_comp_id'             
16 4 'Structure model' '_struct_conn.ptnr1_auth_seq_id'              
17 4 'Structure model' '_struct_conn.ptnr1_label_asym_id'            
18 4 'Structure model' '_struct_conn.ptnr1_label_atom_id'            
19 4 'Structure model' '_struct_conn.ptnr1_label_comp_id'            
20 4 'Structure model' '_struct_conn.ptnr1_label_seq_id'             
21 4 'Structure model' '_struct_conn.ptnr2_auth_comp_id'             
22 4 'Structure model' '_struct_conn.ptnr2_auth_seq_id'              
23 4 'Structure model' '_struct_conn.ptnr2_label_asym_id'            
24 4 'Structure model' '_struct_conn.ptnr2_label_atom_id'            
25 4 'Structure model' '_struct_conn.ptnr2_label_comp_id'            
26 4 'Structure model' '_struct_conn.ptnr2_label_seq_id'             
27 4 'Structure model' '_struct_site.pdbx_auth_asym_id'              
28 4 'Structure model' '_struct_site.pdbx_auth_comp_id'              
29 4 'Structure model' '_struct_site.pdbx_auth_seq_id'               
# 
loop_
_software.name 
_software.classification 
_software.version 
_software.citation_id 
_software.pdbx_ordinal 
AMoRE     phasing          .   ? 1 
X-PLOR    refinement       3.1 ? 2 
DENZO     'data reduction' .   ? 3 
SCALEPACK 'data scaling'   .   ? 4 
# 
loop_
_pdbx_validate_symm_contact.id 
_pdbx_validate_symm_contact.PDB_model_num 
_pdbx_validate_symm_contact.auth_atom_id_1 
_pdbx_validate_symm_contact.auth_asym_id_1 
_pdbx_validate_symm_contact.auth_comp_id_1 
_pdbx_validate_symm_contact.auth_seq_id_1 
_pdbx_validate_symm_contact.PDB_ins_code_1 
_pdbx_validate_symm_contact.label_alt_id_1 
_pdbx_validate_symm_contact.site_symmetry_1 
_pdbx_validate_symm_contact.auth_atom_id_2 
_pdbx_validate_symm_contact.auth_asym_id_2 
_pdbx_validate_symm_contact.auth_comp_id_2 
_pdbx_validate_symm_contact.auth_seq_id_2 
_pdbx_validate_symm_contact.PDB_ins_code_2 
_pdbx_validate_symm_contact.label_alt_id_2 
_pdbx_validate_symm_contact.site_symmetry_2 
_pdbx_validate_symm_contact.dist 
1 1 OE2 A GLU 226 ? ? 1_555 NZ  B LYS 297 ? ? 7_654 2.11 
2 1 NZ  A LYS 297 ? ? 1_555 OE2 B GLU 226 ? ? 7_654 2.15 
# 
loop_
_pdbx_validate_torsion.id 
_pdbx_validate_torsion.PDB_model_num 
_pdbx_validate_torsion.auth_comp_id 
_pdbx_validate_torsion.auth_asym_id 
_pdbx_validate_torsion.auth_seq_id 
_pdbx_validate_torsion.PDB_ins_code 
_pdbx_validate_torsion.label_alt_id 
_pdbx_validate_torsion.phi 
_pdbx_validate_torsion.psi 
1 1 PHE A 217 ? ? 179.87  147.62 
2 1 PRO A 237 ? ? -50.94  95.63  
3 1 TRP A 273 ? ? -57.27  107.82 
4 1 LEU A 287 ? ? -109.42 56.45  
5 1 PHE B 217 ? ? 178.71  145.49 
6 1 PRO B 237 ? ? -51.04  96.29  
7 1 LEU B 287 ? ? -108.00 54.81  
# 
loop_
_pdbx_unobs_or_zero_occ_residues.id 
_pdbx_unobs_or_zero_occ_residues.PDB_model_num 
_pdbx_unobs_or_zero_occ_residues.polymer_flag 
_pdbx_unobs_or_zero_occ_residues.occupancy_flag 
_pdbx_unobs_or_zero_occ_residues.auth_asym_id 
_pdbx_unobs_or_zero_occ_residues.auth_comp_id 
_pdbx_unobs_or_zero_occ_residues.auth_seq_id 
_pdbx_unobs_or_zero_occ_residues.PDB_ins_code 
_pdbx_unobs_or_zero_occ_residues.label_asym_id 
_pdbx_unobs_or_zero_occ_residues.label_comp_id 
_pdbx_unobs_or_zero_occ_residues.label_seq_id 
1  1 Y 1 A ASP 201 ? A ASP 1   
2  1 Y 1 A VAL 202 ? A VAL 2   
3  1 Y 1 A GLN 203 ? A GLN 3   
4  1 Y 1 A PRO 204 ? A PRO 4   
5  1 Y 1 A GLU 205 ? A GLU 5   
6  1 Y 1 A THR 206 ? A THR 6   
7  1 Y 1 A CYS 207 ? A CYS 7   
8  1 Y 1 A ARG 208 ? A ARG 8   
9  1 Y 1 A PRO 209 ? A PRO 9   
10 1 Y 1 A SER 210 ? A SER 10  
11 1 Y 1 A ALA 211 ? A ALA 11  
12 1 Y 1 A ALA 212 ? A ALA 12  
13 1 Y 1 A SER 213 ? A SER 13  
14 1 Y 1 A GLY 214 ? A GLY 14  
15 1 Y 1 A LEU 311 ? A LEU 111 
16 1 Y 1 A ALA 312 ? A ALA 112 
17 1 Y 1 A GLU 313 ? A GLU 113 
18 1 Y 1 A GLU 314 ? A GLU 114 
19 1 Y 1 A LYS 315 ? A LYS 115 
20 1 Y 1 A GLU 316 ? A GLU 116 
21 1 Y 1 A GLU 317 ? A GLU 117 
22 1 Y 1 A SER 318 ? A SER 118 
23 1 Y 1 A THR 319 ? A THR 119 
24 1 Y 1 A SER 320 ? A SER 120 
25 1 Y 1 A ILE 321 ? A ILE 121 
26 1 Y 1 A GLY 322 ? A GLY 122 
27 1 Y 1 A GLY 323 ? A GLY 123 
28 1 Y 1 A ASP 324 ? A ASP 124 
29 1 Y 1 B ASP 201 ? B ASP 1   
30 1 Y 1 B VAL 202 ? B VAL 2   
31 1 Y 1 B GLN 203 ? B GLN 3   
32 1 Y 1 B PRO 204 ? B PRO 4   
33 1 Y 1 B GLU 205 ? B GLU 5   
34 1 Y 1 B THR 206 ? B THR 6   
35 1 Y 1 B CYS 207 ? B CYS 7   
36 1 Y 1 B ARG 208 ? B ARG 8   
37 1 Y 1 B PRO 209 ? B PRO 9   
38 1 Y 1 B SER 210 ? B SER 10  
39 1 Y 1 B ALA 211 ? B ALA 11  
40 1 Y 1 B ALA 212 ? B ALA 12  
41 1 Y 1 B SER 213 ? B SER 13  
42 1 Y 1 B GLY 214 ? B GLY 14  
43 1 Y 1 B LEU 311 ? B LEU 111 
44 1 Y 1 B ALA 312 ? B ALA 112 
45 1 Y 1 B GLU 313 ? B GLU 113 
46 1 Y 1 B GLU 314 ? B GLU 114 
47 1 Y 1 B LYS 315 ? B LYS 115 
48 1 Y 1 B GLU 316 ? B GLU 116 
49 1 Y 1 B GLU 317 ? B GLU 117 
50 1 Y 1 B SER 318 ? B SER 118 
51 1 Y 1 B THR 319 ? B THR 119 
52 1 Y 1 B SER 320 ? B SER 120 
53 1 Y 1 B ILE 321 ? B ILE 121 
54 1 Y 1 B GLY 322 ? B GLY 122 
55 1 Y 1 B GLY 323 ? B GLY 123 
56 1 Y 1 B ASP 324 ? B ASP 124 
# 
loop_
_chem_comp_atom.comp_id 
_chem_comp_atom.atom_id 
_chem_comp_atom.type_symbol 
_chem_comp_atom.pdbx_aromatic_flag 
_chem_comp_atom.pdbx_stereo_config 
_chem_comp_atom.pdbx_ordinal 
ALA N    N  N N 1   
ALA CA   C  N S 2   
ALA C    C  N N 3   
ALA O    O  N N 4   
ALA CB   C  N N 5   
ALA OXT  O  N N 6   
ALA H    H  N N 7   
ALA H2   H  N N 8   
ALA HA   H  N N 9   
ALA HB1  H  N N 10  
ALA HB2  H  N N 11  
ALA HB3  H  N N 12  
ALA HXT  H  N N 13  
ARG N    N  N N 14  
ARG CA   C  N S 15  
ARG C    C  N N 16  
ARG O    O  N N 17  
ARG CB   C  N N 18  
ARG CG   C  N N 19  
ARG CD   C  N N 20  
ARG NE   N  N N 21  
ARG CZ   C  N N 22  
ARG NH1  N  N N 23  
ARG NH2  N  N N 24  
ARG OXT  O  N N 25  
ARG H    H  N N 26  
ARG H2   H  N N 27  
ARG HA   H  N N 28  
ARG HB2  H  N N 29  
ARG HB3  H  N N 30  
ARG HG2  H  N N 31  
ARG HG3  H  N N 32  
ARG HD2  H  N N 33  
ARG HD3  H  N N 34  
ARG HE   H  N N 35  
ARG HH11 H  N N 36  
ARG HH12 H  N N 37  
ARG HH21 H  N N 38  
ARG HH22 H  N N 39  
ARG HXT  H  N N 40  
ASN N    N  N N 41  
ASN CA   C  N S 42  
ASN C    C  N N 43  
ASN O    O  N N 44  
ASN CB   C  N N 45  
ASN CG   C  N N 46  
ASN OD1  O  N N 47  
ASN ND2  N  N N 48  
ASN OXT  O  N N 49  
ASN H    H  N N 50  
ASN H2   H  N N 51  
ASN HA   H  N N 52  
ASN HB2  H  N N 53  
ASN HB3  H  N N 54  
ASN HD21 H  N N 55  
ASN HD22 H  N N 56  
ASN HXT  H  N N 57  
ASP N    N  N N 58  
ASP CA   C  N S 59  
ASP C    C  N N 60  
ASP O    O  N N 61  
ASP CB   C  N N 62  
ASP CG   C  N N 63  
ASP OD1  O  N N 64  
ASP OD2  O  N N 65  
ASP OXT  O  N N 66  
ASP H    H  N N 67  
ASP H2   H  N N 68  
ASP HA   H  N N 69  
ASP HB2  H  N N 70  
ASP HB3  H  N N 71  
ASP HD2  H  N N 72  
ASP HXT  H  N N 73  
CYS N    N  N N 74  
CYS CA   C  N R 75  
CYS C    C  N N 76  
CYS O    O  N N 77  
CYS CB   C  N N 78  
CYS SG   S  N N 79  
CYS OXT  O  N N 80  
CYS H    H  N N 81  
CYS H2   H  N N 82  
CYS HA   H  N N 83  
CYS HB2  H  N N 84  
CYS HB3  H  N N 85  
CYS HG   H  N N 86  
CYS HXT  H  N N 87  
GLN N    N  N N 88  
GLN CA   C  N S 89  
GLN C    C  N N 90  
GLN O    O  N N 91  
GLN CB   C  N N 92  
GLN CG   C  N N 93  
GLN CD   C  N N 94  
GLN OE1  O  N N 95  
GLN NE2  N  N N 96  
GLN OXT  O  N N 97  
GLN H    H  N N 98  
GLN H2   H  N N 99  
GLN HA   H  N N 100 
GLN HB2  H  N N 101 
GLN HB3  H  N N 102 
GLN HG2  H  N N 103 
GLN HG3  H  N N 104 
GLN HE21 H  N N 105 
GLN HE22 H  N N 106 
GLN HXT  H  N N 107 
GLU N    N  N N 108 
GLU CA   C  N S 109 
GLU C    C  N N 110 
GLU O    O  N N 111 
GLU CB   C  N N 112 
GLU CG   C  N N 113 
GLU CD   C  N N 114 
GLU OE1  O  N N 115 
GLU OE2  O  N N 116 
GLU OXT  O  N N 117 
GLU H    H  N N 118 
GLU H2   H  N N 119 
GLU HA   H  N N 120 
GLU HB2  H  N N 121 
GLU HB3  H  N N 122 
GLU HG2  H  N N 123 
GLU HG3  H  N N 124 
GLU HE2  H  N N 125 
GLU HXT  H  N N 126 
GLY N    N  N N 127 
GLY CA   C  N N 128 
GLY C    C  N N 129 
GLY O    O  N N 130 
GLY OXT  O  N N 131 
GLY H    H  N N 132 
GLY H2   H  N N 133 
GLY HA2  H  N N 134 
GLY HA3  H  N N 135 
GLY HXT  H  N N 136 
HIS N    N  N N 137 
HIS CA   C  N S 138 
HIS C    C  N N 139 
HIS O    O  N N 140 
HIS CB   C  N N 141 
HIS CG   C  Y N 142 
HIS ND1  N  Y N 143 
HIS CD2  C  Y N 144 
HIS CE1  C  Y N 145 
HIS NE2  N  Y N 146 
HIS OXT  O  N N 147 
HIS H    H  N N 148 
HIS H2   H  N N 149 
HIS HA   H  N N 150 
HIS HB2  H  N N 151 
HIS HB3  H  N N 152 
HIS HD1  H  N N 153 
HIS HD2  H  N N 154 
HIS HE1  H  N N 155 
HIS HE2  H  N N 156 
HIS HXT  H  N N 157 
ILE N    N  N N 158 
ILE CA   C  N S 159 
ILE C    C  N N 160 
ILE O    O  N N 161 
ILE CB   C  N S 162 
ILE CG1  C  N N 163 
ILE CG2  C  N N 164 
ILE CD1  C  N N 165 
ILE OXT  O  N N 166 
ILE H    H  N N 167 
ILE H2   H  N N 168 
ILE HA   H  N N 169 
ILE HB   H  N N 170 
ILE HG12 H  N N 171 
ILE HG13 H  N N 172 
ILE HG21 H  N N 173 
ILE HG22 H  N N 174 
ILE HG23 H  N N 175 
ILE HD11 H  N N 176 
ILE HD12 H  N N 177 
ILE HD13 H  N N 178 
ILE HXT  H  N N 179 
LEU N    N  N N 180 
LEU CA   C  N S 181 
LEU C    C  N N 182 
LEU O    O  N N 183 
LEU CB   C  N N 184 
LEU CG   C  N N 185 
LEU CD1  C  N N 186 
LEU CD2  C  N N 187 
LEU OXT  O  N N 188 
LEU H    H  N N 189 
LEU H2   H  N N 190 
LEU HA   H  N N 191 
LEU HB2  H  N N 192 
LEU HB3  H  N N 193 
LEU HG   H  N N 194 
LEU HD11 H  N N 195 
LEU HD12 H  N N 196 
LEU HD13 H  N N 197 
LEU HD21 H  N N 198 
LEU HD22 H  N N 199 
LEU HD23 H  N N 200 
LEU HXT  H  N N 201 
LYS N    N  N N 202 
LYS CA   C  N S 203 
LYS C    C  N N 204 
LYS O    O  N N 205 
LYS CB   C  N N 206 
LYS CG   C  N N 207 
LYS CD   C  N N 208 
LYS CE   C  N N 209 
LYS NZ   N  N N 210 
LYS OXT  O  N N 211 
LYS H    H  N N 212 
LYS H2   H  N N 213 
LYS HA   H  N N 214 
LYS HB2  H  N N 215 
LYS HB3  H  N N 216 
LYS HG2  H  N N 217 
LYS HG3  H  N N 218 
LYS HD2  H  N N 219 
LYS HD3  H  N N 220 
LYS HE2  H  N N 221 
LYS HE3  H  N N 222 
LYS HZ1  H  N N 223 
LYS HZ2  H  N N 224 
LYS HZ3  H  N N 225 
LYS HXT  H  N N 226 
MET N    N  N N 227 
MET CA   C  N S 228 
MET C    C  N N 229 
MET O    O  N N 230 
MET CB   C  N N 231 
MET CG   C  N N 232 
MET SD   S  N N 233 
MET CE   C  N N 234 
MET OXT  O  N N 235 
MET H    H  N N 236 
MET H2   H  N N 237 
MET HA   H  N N 238 
MET HB2  H  N N 239 
MET HB3  H  N N 240 
MET HG2  H  N N 241 
MET HG3  H  N N 242 
MET HE1  H  N N 243 
MET HE2  H  N N 244 
MET HE3  H  N N 245 
MET HXT  H  N N 246 
PHE N    N  N N 247 
PHE CA   C  N S 248 
PHE C    C  N N 249 
PHE O    O  N N 250 
PHE CB   C  N N 251 
PHE CG   C  Y N 252 
PHE CD1  C  Y N 253 
PHE CD2  C  Y N 254 
PHE CE1  C  Y N 255 
PHE CE2  C  Y N 256 
PHE CZ   C  Y N 257 
PHE OXT  O  N N 258 
PHE H    H  N N 259 
PHE H2   H  N N 260 
PHE HA   H  N N 261 
PHE HB2  H  N N 262 
PHE HB3  H  N N 263 
PHE HD1  H  N N 264 
PHE HD2  H  N N 265 
PHE HE1  H  N N 266 
PHE HE2  H  N N 267 
PHE HZ   H  N N 268 
PHE HXT  H  N N 269 
PRO N    N  N N 270 
PRO CA   C  N S 271 
PRO C    C  N N 272 
PRO O    O  N N 273 
PRO CB   C  N N 274 
PRO CG   C  N N 275 
PRO CD   C  N N 276 
PRO OXT  O  N N 277 
PRO H    H  N N 278 
PRO HA   H  N N 279 
PRO HB2  H  N N 280 
PRO HB3  H  N N 281 
PRO HG2  H  N N 282 
PRO HG3  H  N N 283 
PRO HD2  H  N N 284 
PRO HD3  H  N N 285 
PRO HXT  H  N N 286 
SER N    N  N N 287 
SER CA   C  N S 288 
SER C    C  N N 289 
SER O    O  N N 290 
SER CB   C  N N 291 
SER OG   O  N N 292 
SER OXT  O  N N 293 
SER H    H  N N 294 
SER H2   H  N N 295 
SER HA   H  N N 296 
SER HB2  H  N N 297 
SER HB3  H  N N 298 
SER HG   H  N N 299 
SER HXT  H  N N 300 
THR N    N  N N 301 
THR CA   C  N S 302 
THR C    C  N N 303 
THR O    O  N N 304 
THR CB   C  N R 305 
THR OG1  O  N N 306 
THR CG2  C  N N 307 
THR OXT  O  N N 308 
THR H    H  N N 309 
THR H2   H  N N 310 
THR HA   H  N N 311 
THR HB   H  N N 312 
THR HG1  H  N N 313 
THR HG21 H  N N 314 
THR HG22 H  N N 315 
THR HG23 H  N N 316 
THR HXT  H  N N 317 
TRP N    N  N N 318 
TRP CA   C  N S 319 
TRP C    C  N N 320 
TRP O    O  N N 321 
TRP CB   C  N N 322 
TRP CG   C  Y N 323 
TRP CD1  C  Y N 324 
TRP CD2  C  Y N 325 
TRP NE1  N  Y N 326 
TRP CE2  C  Y N 327 
TRP CE3  C  Y N 328 
TRP CZ2  C  Y N 329 
TRP CZ3  C  Y N 330 
TRP CH2  C  Y N 331 
TRP OXT  O  N N 332 
TRP H    H  N N 333 
TRP H2   H  N N 334 
TRP HA   H  N N 335 
TRP HB2  H  N N 336 
TRP HB3  H  N N 337 
TRP HD1  H  N N 338 
TRP HE1  H  N N 339 
TRP HE3  H  N N 340 
TRP HZ2  H  N N 341 
TRP HZ3  H  N N 342 
TRP HH2  H  N N 343 
TRP HXT  H  N N 344 
TYR N    N  N N 345 
TYR CA   C  N S 346 
TYR C    C  N N 347 
TYR O    O  N N 348 
TYR CB   C  N N 349 
TYR CG   C  Y N 350 
TYR CD1  C  Y N 351 
TYR CD2  C  Y N 352 
TYR CE1  C  Y N 353 
TYR CE2  C  Y N 354 
TYR CZ   C  Y N 355 
TYR OH   O  N N 356 
TYR OXT  O  N N 357 
TYR H    H  N N 358 
TYR H2   H  N N 359 
TYR HA   H  N N 360 
TYR HB2  H  N N 361 
TYR HB3  H  N N 362 
TYR HD1  H  N N 363 
TYR HD2  H  N N 364 
TYR HE1  H  N N 365 
TYR HE2  H  N N 366 
TYR HH   H  N N 367 
TYR HXT  H  N N 368 
VAL N    N  N N 369 
VAL CA   C  N S 370 
VAL C    C  N N 371 
VAL O    O  N N 372 
VAL CB   C  N N 373 
VAL CG1  C  N N 374 
VAL CG2  C  N N 375 
VAL OXT  O  N N 376 
VAL H    H  N N 377 
VAL H2   H  N N 378 
VAL HA   H  N N 379 
VAL HB   H  N N 380 
VAL HG11 H  N N 381 
VAL HG12 H  N N 382 
VAL HG13 H  N N 383 
VAL HG21 H  N N 384 
VAL HG22 H  N N 385 
VAL HG23 H  N N 386 
VAL HXT  H  N N 387 
ZN  ZN   ZN N N 388 
# 
loop_
_chem_comp_bond.comp_id 
_chem_comp_bond.atom_id_1 
_chem_comp_bond.atom_id_2 
_chem_comp_bond.value_order 
_chem_comp_bond.pdbx_aromatic_flag 
_chem_comp_bond.pdbx_stereo_config 
_chem_comp_bond.pdbx_ordinal 
ALA N   CA   sing N N 1   
ALA N   H    sing N N 2   
ALA N   H2   sing N N 3   
ALA CA  C    sing N N 4   
ALA CA  CB   sing N N 5   
ALA CA  HA   sing N N 6   
ALA C   O    doub N N 7   
ALA C   OXT  sing N N 8   
ALA CB  HB1  sing N N 9   
ALA CB  HB2  sing N N 10  
ALA CB  HB3  sing N N 11  
ALA OXT HXT  sing N N 12  
ARG N   CA   sing N N 13  
ARG N   H    sing N N 14  
ARG N   H2   sing N N 15  
ARG CA  C    sing N N 16  
ARG CA  CB   sing N N 17  
ARG CA  HA   sing N N 18  
ARG C   O    doub N N 19  
ARG C   OXT  sing N N 20  
ARG CB  CG   sing N N 21  
ARG CB  HB2  sing N N 22  
ARG CB  HB3  sing N N 23  
ARG CG  CD   sing N N 24  
ARG CG  HG2  sing N N 25  
ARG CG  HG3  sing N N 26  
ARG CD  NE   sing N N 27  
ARG CD  HD2  sing N N 28  
ARG CD  HD3  sing N N 29  
ARG NE  CZ   sing N N 30  
ARG NE  HE   sing N N 31  
ARG CZ  NH1  sing N N 32  
ARG CZ  NH2  doub N N 33  
ARG NH1 HH11 sing N N 34  
ARG NH1 HH12 sing N N 35  
ARG NH2 HH21 sing N N 36  
ARG NH2 HH22 sing N N 37  
ARG OXT HXT  sing N N 38  
ASN N   CA   sing N N 39  
ASN N   H    sing N N 40  
ASN N   H2   sing N N 41  
ASN CA  C    sing N N 42  
ASN CA  CB   sing N N 43  
ASN CA  HA   sing N N 44  
ASN C   O    doub N N 45  
ASN C   OXT  sing N N 46  
ASN CB  CG   sing N N 47  
ASN CB  HB2  sing N N 48  
ASN CB  HB3  sing N N 49  
ASN CG  OD1  doub N N 50  
ASN CG  ND2  sing N N 51  
ASN ND2 HD21 sing N N 52  
ASN ND2 HD22 sing N N 53  
ASN OXT HXT  sing N N 54  
ASP N   CA   sing N N 55  
ASP N   H    sing N N 56  
ASP N   H2   sing N N 57  
ASP CA  C    sing N N 58  
ASP CA  CB   sing N N 59  
ASP CA  HA   sing N N 60  
ASP C   O    doub N N 61  
ASP C   OXT  sing N N 62  
ASP CB  CG   sing N N 63  
ASP CB  HB2  sing N N 64  
ASP CB  HB3  sing N N 65  
ASP CG  OD1  doub N N 66  
ASP CG  OD2  sing N N 67  
ASP OD2 HD2  sing N N 68  
ASP OXT HXT  sing N N 69  
CYS N   CA   sing N N 70  
CYS N   H    sing N N 71  
CYS N   H2   sing N N 72  
CYS CA  C    sing N N 73  
CYS CA  CB   sing N N 74  
CYS CA  HA   sing N N 75  
CYS C   O    doub N N 76  
CYS C   OXT  sing N N 77  
CYS CB  SG   sing N N 78  
CYS CB  HB2  sing N N 79  
CYS CB  HB3  sing N N 80  
CYS SG  HG   sing N N 81  
CYS OXT HXT  sing N N 82  
GLN N   CA   sing N N 83  
GLN N   H    sing N N 84  
GLN N   H2   sing N N 85  
GLN CA  C    sing N N 86  
GLN CA  CB   sing N N 87  
GLN CA  HA   sing N N 88  
GLN C   O    doub N N 89  
GLN C   OXT  sing N N 90  
GLN CB  CG   sing N N 91  
GLN CB  HB2  sing N N 92  
GLN CB  HB3  sing N N 93  
GLN CG  CD   sing N N 94  
GLN CG  HG2  sing N N 95  
GLN CG  HG3  sing N N 96  
GLN CD  OE1  doub N N 97  
GLN CD  NE2  sing N N 98  
GLN NE2 HE21 sing N N 99  
GLN NE2 HE22 sing N N 100 
GLN OXT HXT  sing N N 101 
GLU N   CA   sing N N 102 
GLU N   H    sing N N 103 
GLU N   H2   sing N N 104 
GLU CA  C    sing N N 105 
GLU CA  CB   sing N N 106 
GLU CA  HA   sing N N 107 
GLU C   O    doub N N 108 
GLU C   OXT  sing N N 109 
GLU CB  CG   sing N N 110 
GLU CB  HB2  sing N N 111 
GLU CB  HB3  sing N N 112 
GLU CG  CD   sing N N 113 
GLU CG  HG2  sing N N 114 
GLU CG  HG3  sing N N 115 
GLU CD  OE1  doub N N 116 
GLU CD  OE2  sing N N 117 
GLU OE2 HE2  sing N N 118 
GLU OXT HXT  sing N N 119 
GLY N   CA   sing N N 120 
GLY N   H    sing N N 121 
GLY N   H2   sing N N 122 
GLY CA  C    sing N N 123 
GLY CA  HA2  sing N N 124 
GLY CA  HA3  sing N N 125 
GLY C   O    doub N N 126 
GLY C   OXT  sing N N 127 
GLY OXT HXT  sing N N 128 
HIS N   CA   sing N N 129 
HIS N   H    sing N N 130 
HIS N   H2   sing N N 131 
HIS CA  C    sing N N 132 
HIS CA  CB   sing N N 133 
HIS CA  HA   sing N N 134 
HIS C   O    doub N N 135 
HIS C   OXT  sing N N 136 
HIS CB  CG   sing N N 137 
HIS CB  HB2  sing N N 138 
HIS CB  HB3  sing N N 139 
HIS CG  ND1  sing Y N 140 
HIS CG  CD2  doub Y N 141 
HIS ND1 CE1  doub Y N 142 
HIS ND1 HD1  sing N N 143 
HIS CD2 NE2  sing Y N 144 
HIS CD2 HD2  sing N N 145 
HIS CE1 NE2  sing Y N 146 
HIS CE1 HE1  sing N N 147 
HIS NE2 HE2  sing N N 148 
HIS OXT HXT  sing N N 149 
ILE N   CA   sing N N 150 
ILE N   H    sing N N 151 
ILE N   H2   sing N N 152 
ILE CA  C    sing N N 153 
ILE CA  CB   sing N N 154 
ILE CA  HA   sing N N 155 
ILE C   O    doub N N 156 
ILE C   OXT  sing N N 157 
ILE CB  CG1  sing N N 158 
ILE CB  CG2  sing N N 159 
ILE CB  HB   sing N N 160 
ILE CG1 CD1  sing N N 161 
ILE CG1 HG12 sing N N 162 
ILE CG1 HG13 sing N N 163 
ILE CG2 HG21 sing N N 164 
ILE CG2 HG22 sing N N 165 
ILE CG2 HG23 sing N N 166 
ILE CD1 HD11 sing N N 167 
ILE CD1 HD12 sing N N 168 
ILE CD1 HD13 sing N N 169 
ILE OXT HXT  sing N N 170 
LEU N   CA   sing N N 171 
LEU N   H    sing N N 172 
LEU N   H2   sing N N 173 
LEU CA  C    sing N N 174 
LEU CA  CB   sing N N 175 
LEU CA  HA   sing N N 176 
LEU C   O    doub N N 177 
LEU C   OXT  sing N N 178 
LEU CB  CG   sing N N 179 
LEU CB  HB2  sing N N 180 
LEU CB  HB3  sing N N 181 
LEU CG  CD1  sing N N 182 
LEU CG  CD2  sing N N 183 
LEU CG  HG   sing N N 184 
LEU CD1 HD11 sing N N 185 
LEU CD1 HD12 sing N N 186 
LEU CD1 HD13 sing N N 187 
LEU CD2 HD21 sing N N 188 
LEU CD2 HD22 sing N N 189 
LEU CD2 HD23 sing N N 190 
LEU OXT HXT  sing N N 191 
LYS N   CA   sing N N 192 
LYS N   H    sing N N 193 
LYS N   H2   sing N N 194 
LYS CA  C    sing N N 195 
LYS CA  CB   sing N N 196 
LYS CA  HA   sing N N 197 
LYS C   O    doub N N 198 
LYS C   OXT  sing N N 199 
LYS CB  CG   sing N N 200 
LYS CB  HB2  sing N N 201 
LYS CB  HB3  sing N N 202 
LYS CG  CD   sing N N 203 
LYS CG  HG2  sing N N 204 
LYS CG  HG3  sing N N 205 
LYS CD  CE   sing N N 206 
LYS CD  HD2  sing N N 207 
LYS CD  HD3  sing N N 208 
LYS CE  NZ   sing N N 209 
LYS CE  HE2  sing N N 210 
LYS CE  HE3  sing N N 211 
LYS NZ  HZ1  sing N N 212 
LYS NZ  HZ2  sing N N 213 
LYS NZ  HZ3  sing N N 214 
LYS OXT HXT  sing N N 215 
MET N   CA   sing N N 216 
MET N   H    sing N N 217 
MET N   H2   sing N N 218 
MET CA  C    sing N N 219 
MET CA  CB   sing N N 220 
MET CA  HA   sing N N 221 
MET C   O    doub N N 222 
MET C   OXT  sing N N 223 
MET CB  CG   sing N N 224 
MET CB  HB2  sing N N 225 
MET CB  HB3  sing N N 226 
MET CG  SD   sing N N 227 
MET CG  HG2  sing N N 228 
MET CG  HG3  sing N N 229 
MET SD  CE   sing N N 230 
MET CE  HE1  sing N N 231 
MET CE  HE2  sing N N 232 
MET CE  HE3  sing N N 233 
MET OXT HXT  sing N N 234 
PHE N   CA   sing N N 235 
PHE N   H    sing N N 236 
PHE N   H2   sing N N 237 
PHE CA  C    sing N N 238 
PHE CA  CB   sing N N 239 
PHE CA  HA   sing N N 240 
PHE C   O    doub N N 241 
PHE C   OXT  sing N N 242 
PHE CB  CG   sing N N 243 
PHE CB  HB2  sing N N 244 
PHE CB  HB3  sing N N 245 
PHE CG  CD1  doub Y N 246 
PHE CG  CD2  sing Y N 247 
PHE CD1 CE1  sing Y N 248 
PHE CD1 HD1  sing N N 249 
PHE CD2 CE2  doub Y N 250 
PHE CD2 HD2  sing N N 251 
PHE CE1 CZ   doub Y N 252 
PHE CE1 HE1  sing N N 253 
PHE CE2 CZ   sing Y N 254 
PHE CE2 HE2  sing N N 255 
PHE CZ  HZ   sing N N 256 
PHE OXT HXT  sing N N 257 
PRO N   CA   sing N N 258 
PRO N   CD   sing N N 259 
PRO N   H    sing N N 260 
PRO CA  C    sing N N 261 
PRO CA  CB   sing N N 262 
PRO CA  HA   sing N N 263 
PRO C   O    doub N N 264 
PRO C   OXT  sing N N 265 
PRO CB  CG   sing N N 266 
PRO CB  HB2  sing N N 267 
PRO CB  HB3  sing N N 268 
PRO CG  CD   sing N N 269 
PRO CG  HG2  sing N N 270 
PRO CG  HG3  sing N N 271 
PRO CD  HD2  sing N N 272 
PRO CD  HD3  sing N N 273 
PRO OXT HXT  sing N N 274 
SER N   CA   sing N N 275 
SER N   H    sing N N 276 
SER N   H2   sing N N 277 
SER CA  C    sing N N 278 
SER CA  CB   sing N N 279 
SER CA  HA   sing N N 280 
SER C   O    doub N N 281 
SER C   OXT  sing N N 282 
SER CB  OG   sing N N 283 
SER CB  HB2  sing N N 284 
SER CB  HB3  sing N N 285 
SER OG  HG   sing N N 286 
SER OXT HXT  sing N N 287 
THR N   CA   sing N N 288 
THR N   H    sing N N 289 
THR N   H2   sing N N 290 
THR CA  C    sing N N 291 
THR CA  CB   sing N N 292 
THR CA  HA   sing N N 293 
THR C   O    doub N N 294 
THR C   OXT  sing N N 295 
THR CB  OG1  sing N N 296 
THR CB  CG2  sing N N 297 
THR CB  HB   sing N N 298 
THR OG1 HG1  sing N N 299 
THR CG2 HG21 sing N N 300 
THR CG2 HG22 sing N N 301 
THR CG2 HG23 sing N N 302 
THR OXT HXT  sing N N 303 
TRP N   CA   sing N N 304 
TRP N   H    sing N N 305 
TRP N   H2   sing N N 306 
TRP CA  C    sing N N 307 
TRP CA  CB   sing N N 308 
TRP CA  HA   sing N N 309 
TRP C   O    doub N N 310 
TRP C   OXT  sing N N 311 
TRP CB  CG   sing N N 312 
TRP CB  HB2  sing N N 313 
TRP CB  HB3  sing N N 314 
TRP CG  CD1  doub Y N 315 
TRP CG  CD2  sing Y N 316 
TRP CD1 NE1  sing Y N 317 
TRP CD1 HD1  sing N N 318 
TRP CD2 CE2  doub Y N 319 
TRP CD2 CE3  sing Y N 320 
TRP NE1 CE2  sing Y N 321 
TRP NE1 HE1  sing N N 322 
TRP CE2 CZ2  sing Y N 323 
TRP CE3 CZ3  doub Y N 324 
TRP CE3 HE3  sing N N 325 
TRP CZ2 CH2  doub Y N 326 
TRP CZ2 HZ2  sing N N 327 
TRP CZ3 CH2  sing Y N 328 
TRP CZ3 HZ3  sing N N 329 
TRP CH2 HH2  sing N N 330 
TRP OXT HXT  sing N N 331 
TYR N   CA   sing N N 332 
TYR N   H    sing N N 333 
TYR N   H2   sing N N 334 
TYR CA  C    sing N N 335 
TYR CA  CB   sing N N 336 
TYR CA  HA   sing N N 337 
TYR C   O    doub N N 338 
TYR C   OXT  sing N N 339 
TYR CB  CG   sing N N 340 
TYR CB  HB2  sing N N 341 
TYR CB  HB3  sing N N 342 
TYR CG  CD1  doub Y N 343 
TYR CG  CD2  sing Y N 344 
TYR CD1 CE1  sing Y N 345 
TYR CD1 HD1  sing N N 346 
TYR CD2 CE2  doub Y N 347 
TYR CD2 HD2  sing N N 348 
TYR CE1 CZ   doub Y N 349 
TYR CE1 HE1  sing N N 350 
TYR CE2 CZ   sing Y N 351 
TYR CE2 HE2  sing N N 352 
TYR CZ  OH   sing N N 353 
TYR OH  HH   sing N N 354 
TYR OXT HXT  sing N N 355 
VAL N   CA   sing N N 356 
VAL N   H    sing N N 357 
VAL N   H2   sing N N 358 
VAL CA  C    sing N N 359 
VAL CA  CB   sing N N 360 
VAL CA  HA   sing N N 361 
VAL C   O    doub N N 362 
VAL C   OXT  sing N N 363 
VAL CB  CG1  sing N N 364 
VAL CB  CG2  sing N N 365 
VAL CB  HB   sing N N 366 
VAL CG1 HG11 sing N N 367 
VAL CG1 HG12 sing N N 368 
VAL CG1 HG13 sing N N 369 
VAL CG2 HG21 sing N N 370 
VAL CG2 HG22 sing N N 371 
VAL CG2 HG23 sing N N 372 
VAL OXT HXT  sing N N 373 
# 
_pdbx_entity_nonpoly.entity_id   2 
_pdbx_entity_nonpoly.name        'ZINC ION' 
_pdbx_entity_nonpoly.comp_id     ZN 
# 
_pdbx_initial_refinement_model.id               1 
_pdbx_initial_refinement_model.entity_id_list   ? 
_pdbx_initial_refinement_model.type             'experimental model' 
_pdbx_initial_refinement_model.source_name      PDB 
_pdbx_initial_refinement_model.accession_code   1G73 
_pdbx_initial_refinement_model.details          'PDB ENTRY 1G73' 
# 
